data_4K8W
# 
_entry.id   4K8W 
# 
_audit_conform.dict_name       mmcif_pdbx.dic 
_audit_conform.dict_version    5.387 
_audit_conform.dict_location   http://mmcif.pdb.org/dictionaries/ascii/mmcif_pdbx.dic 
# 
loop_
_database_2.database_id 
_database_2.database_code 
_database_2.pdbx_database_accession 
_database_2.pdbx_DOI 
PDB   4K8W         pdb_00004k8w 10.2210/pdb4k8w/pdb 
RCSB  RCSB079038   ?            ?                   
WWPDB D_1000079038 ?            ?                   
# 
loop_
_pdbx_audit_revision_history.ordinal 
_pdbx_audit_revision_history.data_content_type 
_pdbx_audit_revision_history.major_revision 
_pdbx_audit_revision_history.minor_revision 
_pdbx_audit_revision_history.revision_date 
1 'Structure model' 1 0 2013-06-26 
2 'Structure model' 1 1 2013-07-24 
3 'Structure model' 1 2 2024-02-28 
# 
_pdbx_audit_revision_details.ordinal             1 
_pdbx_audit_revision_details.revision_ordinal    1 
_pdbx_audit_revision_details.data_content_type   'Structure model' 
_pdbx_audit_revision_details.provider            repository 
_pdbx_audit_revision_details.type                'Initial release' 
_pdbx_audit_revision_details.description         ? 
_pdbx_audit_revision_details.details             ? 
# 
loop_
_pdbx_audit_revision_group.ordinal 
_pdbx_audit_revision_group.revision_ordinal 
_pdbx_audit_revision_group.data_content_type 
_pdbx_audit_revision_group.group 
1 2 'Structure model' 'Database references'  
2 3 'Structure model' 'Data collection'      
3 3 'Structure model' 'Database references'  
4 3 'Structure model' 'Derived calculations' 
# 
loop_
_pdbx_audit_revision_category.ordinal 
_pdbx_audit_revision_category.revision_ordinal 
_pdbx_audit_revision_category.data_content_type 
_pdbx_audit_revision_category.category 
1 3 'Structure model' chem_comp_atom     
2 3 'Structure model' chem_comp_bond     
3 3 'Structure model' database_2         
4 3 'Structure model' struct_ref_seq_dif 
5 3 'Structure model' struct_site        
# 
loop_
_pdbx_audit_revision_item.ordinal 
_pdbx_audit_revision_item.revision_ordinal 
_pdbx_audit_revision_item.data_content_type 
_pdbx_audit_revision_item.item 
1 3 'Structure model' '_database_2.pdbx_DOI'                
2 3 'Structure model' '_database_2.pdbx_database_accession' 
3 3 'Structure model' '_struct_ref_seq_dif.details'         
4 3 'Structure model' '_struct_site.pdbx_auth_asym_id'      
5 3 'Structure model' '_struct_site.pdbx_auth_comp_id'      
6 3 'Structure model' '_struct_site.pdbx_auth_seq_id'       
# 
_pdbx_database_status.status_code                     REL 
_pdbx_database_status.entry_id                        4K8W 
_pdbx_database_status.recvd_initial_deposition_date   2013-04-19 
_pdbx_database_status.deposit_site                    RCSB 
_pdbx_database_status.process_site                    RCSB 
_pdbx_database_status.status_code_sf                  REL 
_pdbx_database_status.status_code_mr                  ? 
_pdbx_database_status.SG_entry                        ? 
_pdbx_database_status.status_code_cs                  ? 
_pdbx_database_status.methods_development_category    ? 
_pdbx_database_status.pdb_format_compatible           Y 
_pdbx_database_status.status_code_nmr_data            ? 
# 
loop_
_audit_author.name 
_audit_author.pdbx_ordinal 
'Young, P.G.' 1 
'Kang, H.J.'  2 
'Baker, E.N.' 3 
# 
_citation.id                        primary 
_citation.title                     'An arm-swapped dimer of the Streptococcus pyogenes pilin specific assembly factor SipA.' 
_citation.journal_abbrev            J.Struct.Biol. 
_citation.journal_volume            183 
_citation.page_first                99 
_citation.page_last                 104 
_citation.year                      2013 
_citation.journal_id_ASTM           JSBIEM 
_citation.country                   US 
_citation.journal_id_ISSN           1047-8477 
_citation.journal_id_CSD            0803 
_citation.book_publisher            ? 
_citation.pdbx_database_id_PubMed   23747392 
_citation.pdbx_database_id_DOI      10.1016/j.jsb.2013.05.021 
# 
loop_
_citation_author.citation_id 
_citation_author.name 
_citation_author.ordinal 
_citation_author.identifier_ORCID 
primary 'Young, P.G.' 1 ? 
primary 'Kang, H.J.'  2 ? 
primary 'Baker, E.N.' 3 ? 
# 
loop_
_entity.id 
_entity.type 
_entity.src_method 
_entity.pdbx_description 
_entity.formula_weight 
_entity.pdbx_number_of_molecules 
_entity.pdbx_ec 
_entity.pdbx_mutation 
_entity.pdbx_fragment 
_entity.details 
1 polymer     man LepA           14483.205 1   ? ? 'UNP residues 45-173' ? 
2 non-polymer syn 1,2-ETHANEDIOL 62.068    2   ? ? ?                     ? 
3 non-polymer syn ETHANOL        46.068    3   ? ? ?                     ? 
4 water       nat water          18.015    102 ? ? ?                     ? 
# 
_entity_poly.entity_id                      1 
_entity_poly.type                           'polypeptide(L)' 
_entity_poly.nstd_linkage                   no 
_entity_poly.nstd_monomer                   no 
_entity_poly.pdbx_seq_one_letter_code       
;NTNDMSPALSAGDGVLYYRLTDRYHINDVVVYEVDNTLKVGRIAAQAGDEVSFTQEGGLLINGHPPEKEVPYLTYPHSSG
PNFPYKVPTGTYFILNDYREERLDSRYYGALPINQIKGKISTLLRVRGI
;
_entity_poly.pdbx_seq_one_letter_code_can   
;NTNDMSPALSAGDGVLYYRLTDRYHINDVVVYEVDNTLKVGRIAAQAGDEVSFTQEGGLLINGHPPEKEVPYLTYPHSSG
PNFPYKVPTGTYFILNDYREERLDSRYYGALPINQIKGKISTLLRVRGI
;
_entity_poly.pdbx_strand_id                 A 
_entity_poly.pdbx_target_identifier         ? 
# 
loop_
_pdbx_entity_nonpoly.entity_id 
_pdbx_entity_nonpoly.name 
_pdbx_entity_nonpoly.comp_id 
2 1,2-ETHANEDIOL EDO 
3 ETHANOL        EOH 
4 water          HOH 
# 
loop_
_entity_poly_seq.entity_id 
_entity_poly_seq.num 
_entity_poly_seq.mon_id 
_entity_poly_seq.hetero 
1 1   ASN n 
1 2   THR n 
1 3   ASN n 
1 4   ASP n 
1 5   MET n 
1 6   SER n 
1 7   PRO n 
1 8   ALA n 
1 9   LEU n 
1 10  SER n 
1 11  ALA n 
1 12  GLY n 
1 13  ASP n 
1 14  GLY n 
1 15  VAL n 
1 16  LEU n 
1 17  TYR n 
1 18  TYR n 
1 19  ARG n 
1 20  LEU n 
1 21  THR n 
1 22  ASP n 
1 23  ARG n 
1 24  TYR n 
1 25  HIS n 
1 26  ILE n 
1 27  ASN n 
1 28  ASP n 
1 29  VAL n 
1 30  VAL n 
1 31  VAL n 
1 32  TYR n 
1 33  GLU n 
1 34  VAL n 
1 35  ASP n 
1 36  ASN n 
1 37  THR n 
1 38  LEU n 
1 39  LYS n 
1 40  VAL n 
1 41  GLY n 
1 42  ARG n 
1 43  ILE n 
1 44  ALA n 
1 45  ALA n 
1 46  GLN n 
1 47  ALA n 
1 48  GLY n 
1 49  ASP n 
1 50  GLU n 
1 51  VAL n 
1 52  SER n 
1 53  PHE n 
1 54  THR n 
1 55  GLN n 
1 56  GLU n 
1 57  GLY n 
1 58  GLY n 
1 59  LEU n 
1 60  LEU n 
1 61  ILE n 
1 62  ASN n 
1 63  GLY n 
1 64  HIS n 
1 65  PRO n 
1 66  PRO n 
1 67  GLU n 
1 68  LYS n 
1 69  GLU n 
1 70  VAL n 
1 71  PRO n 
1 72  TYR n 
1 73  LEU n 
1 74  THR n 
1 75  TYR n 
1 76  PRO n 
1 77  HIS n 
1 78  SER n 
1 79  SER n 
1 80  GLY n 
1 81  PRO n 
1 82  ASN n 
1 83  PHE n 
1 84  PRO n 
1 85  TYR n 
1 86  LYS n 
1 87  VAL n 
1 88  PRO n 
1 89  THR n 
1 90  GLY n 
1 91  THR n 
1 92  TYR n 
1 93  PHE n 
1 94  ILE n 
1 95  LEU n 
1 96  ASN n 
1 97  ASP n 
1 98  TYR n 
1 99  ARG n 
1 100 GLU n 
1 101 GLU n 
1 102 ARG n 
1 103 LEU n 
1 104 ASP n 
1 105 SER n 
1 106 ARG n 
1 107 TYR n 
1 108 TYR n 
1 109 GLY n 
1 110 ALA n 
1 111 LEU n 
1 112 PRO n 
1 113 ILE n 
1 114 ASN n 
1 115 GLN n 
1 116 ILE n 
1 117 LYS n 
1 118 GLY n 
1 119 LYS n 
1 120 ILE n 
1 121 SER n 
1 122 THR n 
1 123 LEU n 
1 124 LEU n 
1 125 ARG n 
1 126 VAL n 
1 127 ARG n 
1 128 GLY n 
1 129 ILE n 
# 
_entity_src_gen.entity_id                          1 
_entity_src_gen.pdbx_src_id                        1 
_entity_src_gen.pdbx_alt_source_flag               sample 
_entity_src_gen.pdbx_seq_type                      ? 
_entity_src_gen.pdbx_beg_seq_num                   ? 
_entity_src_gen.pdbx_end_seq_num                   ? 
_entity_src_gen.gene_src_common_name               ? 
_entity_src_gen.gene_src_genus                     ? 
_entity_src_gen.pdbx_gene_src_gene                 'lepA, sipA' 
_entity_src_gen.gene_src_species                   ? 
_entity_src_gen.gene_src_strain                    90/306S 
_entity_src_gen.gene_src_tissue                    ? 
_entity_src_gen.gene_src_tissue_fraction           ? 
_entity_src_gen.gene_src_details                   ? 
_entity_src_gen.pdbx_gene_src_fragment             ? 
_entity_src_gen.pdbx_gene_src_scientific_name      'Streptococcus pyogenes' 
_entity_src_gen.pdbx_gene_src_ncbi_taxonomy_id     1314 
_entity_src_gen.pdbx_gene_src_variant              ? 
_entity_src_gen.pdbx_gene_src_cell_line            ? 
_entity_src_gen.pdbx_gene_src_atcc                 ? 
_entity_src_gen.pdbx_gene_src_organ                ? 
_entity_src_gen.pdbx_gene_src_organelle            ? 
_entity_src_gen.pdbx_gene_src_cell                 ? 
_entity_src_gen.pdbx_gene_src_cellular_location    ? 
_entity_src_gen.host_org_common_name               ? 
_entity_src_gen.pdbx_host_org_scientific_name      'Escherichia coli' 
_entity_src_gen.pdbx_host_org_ncbi_taxonomy_id     469008 
_entity_src_gen.host_org_genus                     ? 
_entity_src_gen.pdbx_host_org_gene                 ? 
_entity_src_gen.pdbx_host_org_organ                ? 
_entity_src_gen.host_org_species                   ? 
_entity_src_gen.pdbx_host_org_tissue               ? 
_entity_src_gen.pdbx_host_org_tissue_fraction      ? 
_entity_src_gen.pdbx_host_org_strain               'BL21(DE3)' 
_entity_src_gen.pdbx_host_org_variant              ? 
_entity_src_gen.pdbx_host_org_cell_line            ? 
_entity_src_gen.pdbx_host_org_atcc                 ? 
_entity_src_gen.pdbx_host_org_culture_collection   ? 
_entity_src_gen.pdbx_host_org_cell                 ? 
_entity_src_gen.pdbx_host_org_organelle            ? 
_entity_src_gen.pdbx_host_org_cellular_location    ? 
_entity_src_gen.pdbx_host_org_vector_type          plasmid 
_entity_src_gen.pdbx_host_org_vector               ? 
_entity_src_gen.host_org_details                   ? 
_entity_src_gen.expression_system_id               ? 
_entity_src_gen.plasmid_name                       pProEXHta 
_entity_src_gen.plasmid_details                    ? 
_entity_src_gen.pdbx_description                   ? 
# 
loop_
_chem_comp.id 
_chem_comp.type 
_chem_comp.mon_nstd_flag 
_chem_comp.name 
_chem_comp.pdbx_synonyms 
_chem_comp.formula 
_chem_comp.formula_weight 
ALA 'L-peptide linking' y ALANINE         ?                 'C3 H7 N O2'     89.093  
ARG 'L-peptide linking' y ARGININE        ?                 'C6 H15 N4 O2 1' 175.209 
ASN 'L-peptide linking' y ASPARAGINE      ?                 'C4 H8 N2 O3'    132.118 
ASP 'L-peptide linking' y 'ASPARTIC ACID' ?                 'C4 H7 N O4'     133.103 
EDO non-polymer         . 1,2-ETHANEDIOL  'ETHYLENE GLYCOL' 'C2 H6 O2'       62.068  
EOH non-polymer         . ETHANOL         ?                 'C2 H6 O'        46.068  
GLN 'L-peptide linking' y GLUTAMINE       ?                 'C5 H10 N2 O3'   146.144 
GLU 'L-peptide linking' y 'GLUTAMIC ACID' ?                 'C5 H9 N O4'     147.129 
GLY 'peptide linking'   y GLYCINE         ?                 'C2 H5 N O2'     75.067  
HIS 'L-peptide linking' y HISTIDINE       ?                 'C6 H10 N3 O2 1' 156.162 
HOH non-polymer         . WATER           ?                 'H2 O'           18.015  
ILE 'L-peptide linking' y ISOLEUCINE      ?                 'C6 H13 N O2'    131.173 
LEU 'L-peptide linking' y LEUCINE         ?                 'C6 H13 N O2'    131.173 
LYS 'L-peptide linking' y LYSINE          ?                 'C6 H15 N2 O2 1' 147.195 
MET 'L-peptide linking' y METHIONINE      ?                 'C5 H11 N O2 S'  149.211 
PHE 'L-peptide linking' y PHENYLALANINE   ?                 'C9 H11 N O2'    165.189 
PRO 'L-peptide linking' y PROLINE         ?                 'C5 H9 N O2'     115.130 
SER 'L-peptide linking' y SERINE          ?                 'C3 H7 N O3'     105.093 
THR 'L-peptide linking' y THREONINE       ?                 'C4 H9 N O3'     119.119 
TYR 'L-peptide linking' y TYROSINE        ?                 'C9 H11 N O3'    181.189 
VAL 'L-peptide linking' y VALINE          ?                 'C5 H11 N O2'    117.146 
# 
loop_
_pdbx_poly_seq_scheme.asym_id 
_pdbx_poly_seq_scheme.entity_id 
_pdbx_poly_seq_scheme.seq_id 
_pdbx_poly_seq_scheme.mon_id 
_pdbx_poly_seq_scheme.ndb_seq_num 
_pdbx_poly_seq_scheme.pdb_seq_num 
_pdbx_poly_seq_scheme.auth_seq_num 
_pdbx_poly_seq_scheme.pdb_mon_id 
_pdbx_poly_seq_scheme.auth_mon_id 
_pdbx_poly_seq_scheme.pdb_strand_id 
_pdbx_poly_seq_scheme.pdb_ins_code 
_pdbx_poly_seq_scheme.hetero 
A 1 1   ASN 1   45  ?   ?   ?   A . n 
A 1 2   THR 2   46  ?   ?   ?   A . n 
A 1 3   ASN 3   47  ?   ?   ?   A . n 
A 1 4   ASP 4   48  ?   ?   ?   A . n 
A 1 5   MET 5   49  ?   ?   ?   A . n 
A 1 6   SER 6   50  ?   ?   ?   A . n 
A 1 7   PRO 7   51  ?   ?   ?   A . n 
A 1 8   ALA 8   52  ?   ?   ?   A . n 
A 1 9   LEU 9   53  ?   ?   ?   A . n 
A 1 10  SER 10  54  54  SER SER A . n 
A 1 11  ALA 11  55  55  ALA ALA A . n 
A 1 12  GLY 12  56  56  GLY GLY A . n 
A 1 13  ASP 13  57  57  ASP ASP A . n 
A 1 14  GLY 14  58  58  GLY GLY A . n 
A 1 15  VAL 15  59  59  VAL VAL A . n 
A 1 16  LEU 16  60  60  LEU LEU A . n 
A 1 17  TYR 17  61  61  TYR TYR A . n 
A 1 18  TYR 18  62  62  TYR TYR A . n 
A 1 19  ARG 19  63  63  ARG ARG A . n 
A 1 20  LEU 20  64  64  LEU LEU A . n 
A 1 21  THR 21  65  65  THR THR A . n 
A 1 22  ASP 22  66  66  ASP ASP A . n 
A 1 23  ARG 23  67  67  ARG ARG A . n 
A 1 24  TYR 24  68  68  TYR TYR A . n 
A 1 25  HIS 25  69  69  HIS HIS A . n 
A 1 26  ILE 26  70  70  ILE ILE A . n 
A 1 27  ASN 27  71  71  ASN ASN A . n 
A 1 28  ASP 28  72  72  ASP ASP A . n 
A 1 29  VAL 29  73  73  VAL VAL A . n 
A 1 30  VAL 30  74  74  VAL VAL A . n 
A 1 31  VAL 31  75  75  VAL VAL A . n 
A 1 32  TYR 32  76  76  TYR TYR A . n 
A 1 33  GLU 33  77  77  GLU GLU A . n 
A 1 34  VAL 34  78  78  VAL VAL A . n 
A 1 35  ASP 35  79  79  ASP ASP A . n 
A 1 36  ASN 36  80  80  ASN ASN A . n 
A 1 37  THR 37  81  81  THR THR A . n 
A 1 38  LEU 38  82  82  LEU LEU A . n 
A 1 39  LYS 39  83  83  LYS LYS A . n 
A 1 40  VAL 40  84  84  VAL VAL A . n 
A 1 41  GLY 41  85  85  GLY GLY A . n 
A 1 42  ARG 42  86  86  ARG ARG A . n 
A 1 43  ILE 43  87  87  ILE ILE A . n 
A 1 44  ALA 44  88  88  ALA ALA A . n 
A 1 45  ALA 45  89  89  ALA ALA A . n 
A 1 46  GLN 46  90  90  GLN GLN A . n 
A 1 47  ALA 47  91  91  ALA ALA A . n 
A 1 48  GLY 48  92  92  GLY GLY A . n 
A 1 49  ASP 49  93  93  ASP ASP A . n 
A 1 50  GLU 50  94  94  GLU GLU A . n 
A 1 51  VAL 51  95  95  VAL VAL A . n 
A 1 52  SER 52  96  96  SER SER A . n 
A 1 53  PHE 53  97  97  PHE PHE A . n 
A 1 54  THR 54  98  98  THR THR A . n 
A 1 55  GLN 55  99  99  GLN GLN A . n 
A 1 56  GLU 56  100 100 GLU GLU A . n 
A 1 57  GLY 57  101 101 GLY GLY A . n 
A 1 58  GLY 58  102 102 GLY GLY A . n 
A 1 59  LEU 59  103 103 LEU LEU A . n 
A 1 60  LEU 60  104 104 LEU LEU A . n 
A 1 61  ILE 61  105 105 ILE ILE A . n 
A 1 62  ASN 62  106 106 ASN ASN A . n 
A 1 63  GLY 63  107 107 GLY GLY A . n 
A 1 64  HIS 64  108 108 HIS HIS A . n 
A 1 65  PRO 65  109 109 PRO PRO A . n 
A 1 66  PRO 66  110 110 PRO PRO A . n 
A 1 67  GLU 67  111 111 GLU GLU A . n 
A 1 68  LYS 68  112 112 LYS LYS A . n 
A 1 69  GLU 69  113 113 GLU GLU A . n 
A 1 70  VAL 70  114 114 VAL VAL A . n 
A 1 71  PRO 71  115 115 PRO PRO A . n 
A 1 72  TYR 72  116 116 TYR TYR A . n 
A 1 73  LEU 73  117 117 LEU LEU A . n 
A 1 74  THR 74  118 118 THR THR A . n 
A 1 75  TYR 75  119 119 TYR TYR A . n 
A 1 76  PRO 76  120 120 PRO PRO A . n 
A 1 77  HIS 77  121 121 HIS HIS A . n 
A 1 78  SER 78  122 122 SER SER A . n 
A 1 79  SER 79  123 123 SER SER A . n 
A 1 80  GLY 80  124 124 GLY GLY A . n 
A 1 81  PRO 81  125 125 PRO PRO A . n 
A 1 82  ASN 82  126 126 ASN ASN A . n 
A 1 83  PHE 83  127 127 PHE PHE A . n 
A 1 84  PRO 84  128 128 PRO PRO A . n 
A 1 85  TYR 85  129 129 TYR TYR A . n 
A 1 86  LYS 86  130 130 LYS LYS A . n 
A 1 87  VAL 87  131 131 VAL VAL A . n 
A 1 88  PRO 88  132 132 PRO PRO A . n 
A 1 89  THR 89  133 133 THR THR A . n 
A 1 90  GLY 90  134 134 GLY GLY A . n 
A 1 91  THR 91  135 135 THR THR A . n 
A 1 92  TYR 92  136 136 TYR TYR A . n 
A 1 93  PHE 93  137 137 PHE PHE A . n 
A 1 94  ILE 94  138 138 ILE ILE A . n 
A 1 95  LEU 95  139 139 LEU LEU A . n 
A 1 96  ASN 96  140 140 ASN ASN A . n 
A 1 97  ASP 97  141 141 ASP ASP A . n 
A 1 98  TYR 98  142 142 TYR TYR A . n 
A 1 99  ARG 99  143 143 ARG ARG A . n 
A 1 100 GLU 100 144 144 GLU GLU A . n 
A 1 101 GLU 101 145 145 GLU GLU A . n 
A 1 102 ARG 102 146 146 ARG ARG A . n 
A 1 103 LEU 103 147 147 LEU LEU A . n 
A 1 104 ASP 104 148 148 ASP ASP A . n 
A 1 105 SER 105 149 149 SER SER A . n 
A 1 106 ARG 106 150 150 ARG ARG A . n 
A 1 107 TYR 107 151 151 TYR TYR A . n 
A 1 108 TYR 108 152 152 TYR TYR A . n 
A 1 109 GLY 109 153 153 GLY GLY A . n 
A 1 110 ALA 110 154 154 ALA ALA A . n 
A 1 111 LEU 111 155 155 LEU LEU A . n 
A 1 112 PRO 112 156 156 PRO PRO A . n 
A 1 113 ILE 113 157 157 ILE ILE A . n 
A 1 114 ASN 114 158 158 ASN ASN A . n 
A 1 115 GLN 115 159 159 GLN GLN A . n 
A 1 116 ILE 116 160 160 ILE ILE A . n 
A 1 117 LYS 117 161 161 LYS LYS A . n 
A 1 118 GLY 118 162 162 GLY GLY A . n 
A 1 119 LYS 119 163 163 LYS LYS A . n 
A 1 120 ILE 120 164 164 ILE ILE A . n 
A 1 121 SER 121 165 165 SER SER A . n 
A 1 122 THR 122 166 166 THR THR A . n 
A 1 123 LEU 123 167 167 LEU LEU A . n 
A 1 124 LEU 124 168 168 LEU LEU A . n 
A 1 125 ARG 125 169 169 ARG ARG A . n 
A 1 126 VAL 126 170 170 VAL VAL A . n 
A 1 127 ARG 127 171 171 ARG ARG A . n 
A 1 128 GLY 128 172 ?   ?   ?   A . n 
A 1 129 ILE 129 173 ?   ?   ?   A . n 
# 
loop_
_pdbx_nonpoly_scheme.asym_id 
_pdbx_nonpoly_scheme.entity_id 
_pdbx_nonpoly_scheme.mon_id 
_pdbx_nonpoly_scheme.ndb_seq_num 
_pdbx_nonpoly_scheme.pdb_seq_num 
_pdbx_nonpoly_scheme.auth_seq_num 
_pdbx_nonpoly_scheme.pdb_mon_id 
_pdbx_nonpoly_scheme.auth_mon_id 
_pdbx_nonpoly_scheme.pdb_strand_id 
_pdbx_nonpoly_scheme.pdb_ins_code 
B 2 EDO 1   201 1   EDO EDO A . 
C 2 EDO 1   202 2   EDO EDO A . 
D 3 EOH 1   203 1   EOH EOH A . 
E 3 EOH 1   204 2   EOH EOH A . 
F 3 EOH 1   205 3   EOH EOH A . 
G 4 HOH 1   301 1   HOH HOH A . 
G 4 HOH 2   302 2   HOH HOH A . 
G 4 HOH 3   303 3   HOH HOH A . 
G 4 HOH 4   304 4   HOH HOH A . 
G 4 HOH 5   305 5   HOH HOH A . 
G 4 HOH 6   306 6   HOH HOH A . 
G 4 HOH 7   307 7   HOH HOH A . 
G 4 HOH 8   308 8   HOH HOH A . 
G 4 HOH 9   309 9   HOH HOH A . 
G 4 HOH 10  310 10  HOH HOH A . 
G 4 HOH 11  311 11  HOH HOH A . 
G 4 HOH 12  312 12  HOH HOH A . 
G 4 HOH 13  313 13  HOH HOH A . 
G 4 HOH 14  314 14  HOH HOH A . 
G 4 HOH 15  315 15  HOH HOH A . 
G 4 HOH 16  316 16  HOH HOH A . 
G 4 HOH 17  317 17  HOH HOH A . 
G 4 HOH 18  318 18  HOH HOH A . 
G 4 HOH 19  319 19  HOH HOH A . 
G 4 HOH 20  320 20  HOH HOH A . 
G 4 HOH 21  321 21  HOH HOH A . 
G 4 HOH 22  322 22  HOH HOH A . 
G 4 HOH 23  323 23  HOH HOH A . 
G 4 HOH 24  324 24  HOH HOH A . 
G 4 HOH 25  325 25  HOH HOH A . 
G 4 HOH 26  326 26  HOH HOH A . 
G 4 HOH 27  327 27  HOH HOH A . 
G 4 HOH 28  328 28  HOH HOH A . 
G 4 HOH 29  329 29  HOH HOH A . 
G 4 HOH 30  330 30  HOH HOH A . 
G 4 HOH 31  331 31  HOH HOH A . 
G 4 HOH 32  332 32  HOH HOH A . 
G 4 HOH 33  333 33  HOH HOH A . 
G 4 HOH 34  334 34  HOH HOH A . 
G 4 HOH 35  335 35  HOH HOH A . 
G 4 HOH 36  336 36  HOH HOH A . 
G 4 HOH 37  337 37  HOH HOH A . 
G 4 HOH 38  338 38  HOH HOH A . 
G 4 HOH 39  339 39  HOH HOH A . 
G 4 HOH 40  340 40  HOH HOH A . 
G 4 HOH 41  341 41  HOH HOH A . 
G 4 HOH 42  342 42  HOH HOH A . 
G 4 HOH 43  343 43  HOH HOH A . 
G 4 HOH 44  344 44  HOH HOH A . 
G 4 HOH 45  345 45  HOH HOH A . 
G 4 HOH 46  346 46  HOH HOH A . 
G 4 HOH 47  347 47  HOH HOH A . 
G 4 HOH 48  348 48  HOH HOH A . 
G 4 HOH 49  349 49  HOH HOH A . 
G 4 HOH 50  350 50  HOH HOH A . 
G 4 HOH 51  351 51  HOH HOH A . 
G 4 HOH 52  352 52  HOH HOH A . 
G 4 HOH 53  353 53  HOH HOH A . 
G 4 HOH 54  354 54  HOH HOH A . 
G 4 HOH 55  355 55  HOH HOH A . 
G 4 HOH 56  356 56  HOH HOH A . 
G 4 HOH 57  357 57  HOH HOH A . 
G 4 HOH 58  358 58  HOH HOH A . 
G 4 HOH 59  359 59  HOH HOH A . 
G 4 HOH 60  360 60  HOH HOH A . 
G 4 HOH 61  361 61  HOH HOH A . 
G 4 HOH 62  362 62  HOH HOH A . 
G 4 HOH 63  363 63  HOH HOH A . 
G 4 HOH 64  364 64  HOH HOH A . 
G 4 HOH 65  365 65  HOH HOH A . 
G 4 HOH 66  366 66  HOH HOH A . 
G 4 HOH 67  367 67  HOH HOH A . 
G 4 HOH 68  368 68  HOH HOH A . 
G 4 HOH 69  369 69  HOH HOH A . 
G 4 HOH 70  370 70  HOH HOH A . 
G 4 HOH 71  371 71  HOH HOH A . 
G 4 HOH 72  372 72  HOH HOH A . 
G 4 HOH 73  373 73  HOH HOH A . 
G 4 HOH 74  374 74  HOH HOH A . 
G 4 HOH 75  375 75  HOH HOH A . 
G 4 HOH 76  376 76  HOH HOH A . 
G 4 HOH 77  377 77  HOH HOH A . 
G 4 HOH 78  378 78  HOH HOH A . 
G 4 HOH 79  379 79  HOH HOH A . 
G 4 HOH 80  380 80  HOH HOH A . 
G 4 HOH 81  381 81  HOH HOH A . 
G 4 HOH 82  382 82  HOH HOH A . 
G 4 HOH 83  383 83  HOH HOH A . 
G 4 HOH 84  384 84  HOH HOH A . 
G 4 HOH 85  385 85  HOH HOH A . 
G 4 HOH 86  386 86  HOH HOH A . 
G 4 HOH 87  387 87  HOH HOH A . 
G 4 HOH 88  388 88  HOH HOH A . 
G 4 HOH 89  389 89  HOH HOH A . 
G 4 HOH 90  390 90  HOH HOH A . 
G 4 HOH 91  391 91  HOH HOH A . 
G 4 HOH 92  392 92  HOH HOH A . 
G 4 HOH 93  393 93  HOH HOH A . 
G 4 HOH 94  394 94  HOH HOH A . 
G 4 HOH 95  395 95  HOH HOH A . 
G 4 HOH 96  396 96  HOH HOH A . 
G 4 HOH 97  397 97  HOH HOH A . 
G 4 HOH 98  398 98  HOH HOH A . 
G 4 HOH 99  399 99  HOH HOH A . 
G 4 HOH 100 400 100 HOH HOH A . 
G 4 HOH 101 401 101 HOH HOH A . 
G 4 HOH 102 402 102 HOH HOH A . 
# 
loop_
_pdbx_unobs_or_zero_occ_atoms.id 
_pdbx_unobs_or_zero_occ_atoms.PDB_model_num 
_pdbx_unobs_or_zero_occ_atoms.polymer_flag 
_pdbx_unobs_or_zero_occ_atoms.occupancy_flag 
_pdbx_unobs_or_zero_occ_atoms.auth_asym_id 
_pdbx_unobs_or_zero_occ_atoms.auth_comp_id 
_pdbx_unobs_or_zero_occ_atoms.auth_seq_id 
_pdbx_unobs_or_zero_occ_atoms.PDB_ins_code 
_pdbx_unobs_or_zero_occ_atoms.auth_atom_id 
_pdbx_unobs_or_zero_occ_atoms.label_alt_id 
_pdbx_unobs_or_zero_occ_atoms.label_asym_id 
_pdbx_unobs_or_zero_occ_atoms.label_comp_id 
_pdbx_unobs_or_zero_occ_atoms.label_seq_id 
_pdbx_unobs_or_zero_occ_atoms.label_atom_id 
1  1 Y 0 A ARG 67  ? NE  ? A ARG 23  NE  
2  1 Y 0 A ARG 67  ? CZ  ? A ARG 23  CZ  
3  1 Y 0 A ARG 67  ? NH1 ? A ARG 23  NH1 
4  1 Y 0 A ARG 67  ? NH2 ? A ARG 23  NH2 
5  1 Y 0 A GLU 111 ? CD  ? A GLU 67  CD  
6  1 Y 0 A GLU 111 ? OE1 ? A GLU 67  OE1 
7  1 Y 0 A GLU 111 ? OE2 ? A GLU 67  OE2 
8  1 Y 1 A ARG 171 ? CG  ? A ARG 127 CG  
9  1 Y 1 A ARG 171 ? CD  ? A ARG 127 CD  
10 1 Y 1 A ARG 171 ? NE  ? A ARG 127 NE  
11 1 Y 1 A ARG 171 ? CZ  ? A ARG 127 CZ  
12 1 Y 1 A ARG 171 ? NH1 ? A ARG 127 NH1 
13 1 Y 1 A ARG 171 ? NH2 ? A ARG 127 NH2 
# 
loop_
_software.name 
_software.classification 
_software.version 
_software.citation_id 
_software.pdbx_ordinal 
MAR345dtb 'data collection' .        ? 1 
SHELXS    phasing           .        ? 2 
REFMAC    refinement        5.6.0117 ? 3 
XDS       'data reduction'  .        ? 4 
SCALA     'data scaling'    .        ? 5 
# 
_cell.entry_id           4K8W 
_cell.length_a           53.285 
_cell.length_b           53.285 
_cell.length_c           131.749 
_cell.angle_alpha        90.00 
_cell.angle_beta         90.00 
_cell.angle_gamma        90.00 
_cell.Z_PDB              8 
_cell.pdbx_unique_axis   ? 
_cell.length_a_esd       ? 
_cell.length_b_esd       ? 
_cell.length_c_esd       ? 
_cell.angle_alpha_esd    ? 
_cell.angle_beta_esd     ? 
_cell.angle_gamma_esd    ? 
# 
_symmetry.entry_id                         4K8W 
_symmetry.space_group_name_H-M             'P 41 21 2' 
_symmetry.pdbx_full_space_group_name_H-M   ? 
_symmetry.cell_setting                     ? 
_symmetry.Int_Tables_number                92 
_symmetry.space_group_name_Hall            ? 
# 
_exptl.entry_id          4K8W 
_exptl.method            'X-RAY DIFFRACTION' 
_exptl.crystals_number   1 
# 
_exptl_crystal.id                    1 
_exptl_crystal.density_meas          ? 
_exptl_crystal.density_Matthews      3.23 
_exptl_crystal.density_percent_sol   61.90 
_exptl_crystal.description           ? 
_exptl_crystal.F_000                 ? 
_exptl_crystal.preparation           ? 
# 
_exptl_crystal_grow.crystal_id      1 
_exptl_crystal_grow.method          'VAPOR DIFFUSION, HANGING DROP' 
_exptl_crystal_grow.temp            291 
_exptl_crystal_grow.temp_details    ? 
_exptl_crystal_grow.pH              8 
_exptl_crystal_grow.pdbx_details    '15 % ethanol, 0.10 M Tris.Cl pH 8.0, VAPOR DIFFUSION, HANGING DROP, temperature 291K' 
_exptl_crystal_grow.pdbx_pH_range   ? 
# 
_diffrn.id                     1 
_diffrn.ambient_temp           110 
_diffrn.ambient_temp_details   ? 
_diffrn.crystal_id             1 
# 
_diffrn_detector.diffrn_id              1 
_diffrn_detector.detector               'IMAGE PLATE' 
_diffrn_detector.type                   'MAR scanner 345 mm plate' 
_diffrn_detector.pdbx_collection_date   2009-08-16 
_diffrn_detector.details                'osmic mirrors' 
# 
_diffrn_radiation.diffrn_id                        1 
_diffrn_radiation.wavelength_id                    1 
_diffrn_radiation.pdbx_monochromatic_or_laue_m_l   M 
_diffrn_radiation.monochromator                    'osmic mirrors' 
_diffrn_radiation.pdbx_diffrn_protocol             'SINGLE WAVELENGTH' 
_diffrn_radiation.pdbx_scattering_type             x-ray 
# 
_diffrn_radiation_wavelength.id           1 
_diffrn_radiation_wavelength.wavelength   1.54179 
_diffrn_radiation_wavelength.wt           1.0 
# 
_diffrn_source.diffrn_id                   1 
_diffrn_source.source                      'ROTATING ANODE' 
_diffrn_source.type                        'RIGAKU MICROMAX-007 HF' 
_diffrn_source.pdbx_synchrotron_site       ? 
_diffrn_source.pdbx_synchrotron_beamline   ? 
_diffrn_source.pdbx_wavelength             ? 
_diffrn_source.pdbx_wavelength_list        1.54179 
# 
_reflns.entry_id                     4K8W 
_reflns.observed_criterion_sigma_I   0 
_reflns.observed_criterion_sigma_F   0 
_reflns.d_resolution_low             19.31 
_reflns.d_resolution_high            1.67 
_reflns.number_obs                   22923 
_reflns.number_all                   22923 
_reflns.percent_possible_obs         100 
_reflns.pdbx_Rmerge_I_obs            0.043 
_reflns.pdbx_Rsym_value              ? 
_reflns.pdbx_netI_over_sigmaI        12.3 
_reflns.B_iso_Wilson_estimate        19.9 
_reflns.pdbx_redundancy              35.3 
_reflns.R_free_details               ? 
_reflns.limit_h_max                  ? 
_reflns.limit_h_min                  ? 
_reflns.limit_k_max                  ? 
_reflns.limit_k_min                  ? 
_reflns.limit_l_max                  ? 
_reflns.limit_l_min                  ? 
_reflns.observed_criterion_F_max     ? 
_reflns.observed_criterion_F_min     ? 
_reflns.pdbx_chi_squared             ? 
_reflns.pdbx_scaling_rejects         ? 
_reflns.pdbx_ordinal                 1 
_reflns.pdbx_diffrn_id               1 
# 
_reflns_shell.d_res_high             1.67 
_reflns_shell.d_res_low              1.76 
_reflns_shell.percent_possible_all   96.9 
_reflns_shell.Rmerge_I_obs           0.262 
_reflns_shell.pdbx_Rsym_value        ? 
_reflns_shell.meanI_over_sigI_obs    13.3 
_reflns_shell.pdbx_redundancy        30.2 
_reflns_shell.percent_possible_obs   ? 
_reflns_shell.number_unique_all      3178 
_reflns_shell.number_measured_all    ? 
_reflns_shell.number_measured_obs    ? 
_reflns_shell.number_unique_obs      ? 
_reflns_shell.pdbx_chi_squared       ? 
_reflns_shell.pdbx_ordinal           1 
_reflns_shell.pdbx_diffrn_id         1 
# 
_refine.entry_id                                 4K8W 
_refine.ls_number_reflns_obs                     21670 
_refine.ls_number_reflns_all                     21670 
_refine.pdbx_ls_sigma_I                          ? 
_refine.pdbx_ls_sigma_F                          0 
_refine.pdbx_data_cutoff_high_absF               ? 
_refine.pdbx_data_cutoff_low_absF                ? 
_refine.pdbx_data_cutoff_high_rms_absF           ? 
_refine.ls_d_res_low                             19.31 
_refine.ls_d_res_high                            1.67 
_refine.ls_percent_reflns_obs                    99.38 
_refine.ls_R_factor_obs                          0.18662 
_refine.ls_R_factor_all                          0.18662 
_refine.ls_R_factor_R_work                       0.18516 
_refine.ls_R_factor_R_free                       0.21460 
_refine.ls_R_factor_R_free_error                 ? 
_refine.ls_R_factor_R_free_error_details         ? 
_refine.ls_percent_reflns_R_free                 5.2 
_refine.ls_number_reflns_R_free                  1183 
_refine.ls_number_parameters                     ? 
_refine.ls_number_restraints                     ? 
_refine.occupancy_min                            ? 
_refine.occupancy_max                            ? 
_refine.correlation_coeff_Fo_to_Fc               0.956 
_refine.correlation_coeff_Fo_to_Fc_free          0.939 
_refine.B_iso_mean                               20.118 
_refine.aniso_B[1][1]                            0.78 
_refine.aniso_B[2][2]                            0.78 
_refine.aniso_B[3][3]                            -1.57 
_refine.aniso_B[1][2]                            0.00 
_refine.aniso_B[1][3]                            0.00 
_refine.aniso_B[2][3]                            0.00 
_refine.solvent_model_details                    MASK 
_refine.solvent_model_param_ksol                 ? 
_refine.solvent_model_param_bsol                 ? 
_refine.pdbx_solvent_vdw_probe_radii             1.20 
_refine.pdbx_solvent_ion_probe_radii             0.80 
_refine.pdbx_solvent_shrinkage_radii             0.80 
_refine.pdbx_ls_cross_valid_method               THROUGHOUT 
_refine.details                                  'HYDROGENS HAVE BEEN USED IF PRESENT IN THE INPUT' 
_refine.pdbx_starting_model                      ? 
_refine.pdbx_method_to_determine_struct          SAD 
_refine.pdbx_isotropic_thermal_model             ? 
_refine.pdbx_stereochemistry_target_values       'MAXIMUM LIKELIHOOD' 
_refine.pdbx_stereochem_target_val_spec_case     ? 
_refine.pdbx_R_Free_selection_details            RANDOM 
_refine.pdbx_overall_ESU_R                       0.078 
_refine.pdbx_overall_ESU_R_Free                  0.081 
_refine.overall_SU_ML                            0.044 
_refine.pdbx_overall_phase_error                 ? 
_refine.overall_SU_B                             1.252 
_refine.overall_SU_R_Cruickshank_DPI             ? 
_refine.ls_redundancy_reflns_obs                 ? 
_refine.B_iso_min                                ? 
_refine.B_iso_max                                ? 
_refine.overall_SU_R_free                        ? 
_refine.ls_wR_factor_R_free                      ? 
_refine.ls_wR_factor_R_work                      ? 
_refine.overall_FOM_free_R_set                   ? 
_refine.overall_FOM_work_R_set                   ? 
_refine.pdbx_diffrn_id                           1 
_refine.pdbx_refine_id                           'X-RAY DIFFRACTION' 
_refine.pdbx_TLS_residual_ADP_flag               ? 
_refine.pdbx_overall_SU_R_free_Cruickshank_DPI   ? 
_refine.pdbx_overall_SU_R_Blow_DPI               ? 
_refine.pdbx_overall_SU_R_free_Blow_DPI          ? 
# 
_refine_hist.pdbx_refine_id                   'X-RAY DIFFRACTION' 
_refine_hist.cycle_id                         LAST 
_refine_hist.pdbx_number_atoms_protein        940 
_refine_hist.pdbx_number_atoms_nucleic_acid   0 
_refine_hist.pdbx_number_atoms_ligand         17 
_refine_hist.number_atoms_solvent             102 
_refine_hist.number_atoms_total               1059 
_refine_hist.d_res_high                       1.67 
_refine_hist.d_res_low                        19.31 
# 
loop_
_refine_ls_restr.type 
_refine_ls_restr.dev_ideal 
_refine_ls_restr.dev_ideal_target 
_refine_ls_restr.weight 
_refine_ls_restr.number 
_refine_ls_restr.pdbx_restraint_function 
_refine_ls_restr.pdbx_refine_id 
r_bond_refined_d             0.010  0.020  ? 980  ? 'X-RAY DIFFRACTION' 
r_bond_other_d               ?      ?      ? ?    ? 'X-RAY DIFFRACTION' 
r_angle_refined_deg          1.351  1.980  ? 1329 ? 'X-RAY DIFFRACTION' 
r_angle_other_deg            ?      ?      ? ?    ? 'X-RAY DIFFRACTION' 
r_dihedral_angle_1_deg       8.052  5.000  ? 121  ? 'X-RAY DIFFRACTION' 
r_dihedral_angle_2_deg       35.752 23.696 ? 46   ? 'X-RAY DIFFRACTION' 
r_dihedral_angle_3_deg       11.242 15.000 ? 151  ? 'X-RAY DIFFRACTION' 
r_dihedral_angle_4_deg       15.669 15.000 ? 6    ? 'X-RAY DIFFRACTION' 
r_chiral_restr               0.121  0.200  ? 144  ? 'X-RAY DIFFRACTION' 
r_gen_planes_refined         0.019  0.021  ? 757  ? 'X-RAY DIFFRACTION' 
r_gen_planes_other           ?      ?      ? ?    ? 'X-RAY DIFFRACTION' 
r_nbd_refined                ?      ?      ? ?    ? 'X-RAY DIFFRACTION' 
r_nbd_other                  ?      ?      ? ?    ? 'X-RAY DIFFRACTION' 
r_nbtor_refined              ?      ?      ? ?    ? 'X-RAY DIFFRACTION' 
r_nbtor_other                ?      ?      ? ?    ? 'X-RAY DIFFRACTION' 
r_xyhbond_nbd_refined        ?      ?      ? ?    ? 'X-RAY DIFFRACTION' 
r_xyhbond_nbd_other          ?      ?      ? ?    ? 'X-RAY DIFFRACTION' 
r_metal_ion_refined          ?      ?      ? ?    ? 'X-RAY DIFFRACTION' 
r_metal_ion_other            ?      ?      ? ?    ? 'X-RAY DIFFRACTION' 
r_symmetry_vdw_refined       ?      ?      ? ?    ? 'X-RAY DIFFRACTION' 
r_symmetry_vdw_other         ?      ?      ? ?    ? 'X-RAY DIFFRACTION' 
r_symmetry_hbond_refined     ?      ?      ? ?    ? 'X-RAY DIFFRACTION' 
r_symmetry_hbond_other       ?      ?      ? ?    ? 'X-RAY DIFFRACTION' 
r_symmetry_metal_ion_refined ?      ?      ? ?    ? 'X-RAY DIFFRACTION' 
r_symmetry_metal_ion_other   ?      ?      ? ?    ? 'X-RAY DIFFRACTION' 
r_mcbond_it                  ?      ?      ? ?    ? 'X-RAY DIFFRACTION' 
r_mcbond_other               ?      ?      ? ?    ? 'X-RAY DIFFRACTION' 
r_mcangle_it                 ?      ?      ? ?    ? 'X-RAY DIFFRACTION' 
r_scbond_it                  ?      ?      ? ?    ? 'X-RAY DIFFRACTION' 
r_scangle_it                 ?      ?      ? ?    ? 'X-RAY DIFFRACTION' 
r_rigid_bond_restr           ?      ?      ? ?    ? 'X-RAY DIFFRACTION' 
r_sphericity_free            ?      ?      ? ?    ? 'X-RAY DIFFRACTION' 
r_sphericity_bonded          ?      ?      ? ?    ? 'X-RAY DIFFRACTION' 
# 
_refine_ls_shell.pdbx_total_number_of_bins_used   20 
_refine_ls_shell.d_res_high                       1.667 
_refine_ls_shell.d_res_low                        1.71 
_refine_ls_shell.number_reflns_R_work             1315 
_refine_ls_shell.R_factor_R_work                  0.236 
_refine_ls_shell.percent_reflns_obs               93.45 
_refine_ls_shell.R_factor_R_free                  0.279 
_refine_ls_shell.R_factor_R_free_error            0.081 
_refine_ls_shell.percent_reflns_R_free            ? 
_refine_ls_shell.number_reflns_R_free             68 
_refine_ls_shell.number_reflns_all                ? 
_refine_ls_shell.R_factor_all                     ? 
_refine_ls_shell.number_reflns_obs                1315 
_refine_ls_shell.redundancy_reflns_obs            ? 
_refine_ls_shell.pdbx_refine_id                   'X-RAY DIFFRACTION' 
# 
_struct.entry_id                  4K8W 
_struct.title                     'An arm-swapped dimer of the S. pyogenes pilin specific assembly factor SipA' 
_struct.pdbx_model_details        ? 
_struct.pdbx_CASP_flag            ? 
_struct.pdbx_model_type_details   ? 
# 
_struct_keywords.entry_id        4K8W 
_struct_keywords.pdbx_keywords   'CELL ADHESION' 
_struct_keywords.text            
'Predominately beta-strand, S26A signal peptidase family, pilin assembly, Extracellular membrane bound, CELL ADHESION' 
# 
loop_
_struct_asym.id 
_struct_asym.pdbx_blank_PDB_chainid_flag 
_struct_asym.pdbx_modified 
_struct_asym.entity_id 
_struct_asym.details 
A N N 1 ? 
B N N 2 ? 
C N N 2 ? 
D N N 3 ? 
E N N 3 ? 
F N N 3 ? 
G N N 4 ? 
# 
_struct_ref.id                         1 
_struct_ref.db_name                    UNP 
_struct_ref.db_code                    Q8RP52_STRPY 
_struct_ref.pdbx_db_accession          Q8RP52 
_struct_ref.entity_id                  1 
_struct_ref.pdbx_seq_one_letter_code   
;NTNQMSPAVSAGDGVLYYRLTDRYHINDVVVYEVDNTLKVGRIAAQAGDEVSFTQEGGLLINGHPPEKEVPYLTYPHSSG
PNFPYKVPTGTYFILNDYREERLDSRYYGALPINQIKGKISTLLRVRGI
;
_struct_ref.pdbx_align_begin           45 
_struct_ref.pdbx_db_isoform            ? 
# 
_struct_ref_seq.align_id                      1 
_struct_ref_seq.ref_id                        1 
_struct_ref_seq.pdbx_PDB_id_code              4K8W 
_struct_ref_seq.pdbx_strand_id                A 
_struct_ref_seq.seq_align_beg                 1 
_struct_ref_seq.pdbx_seq_align_beg_ins_code   ? 
_struct_ref_seq.seq_align_end                 129 
_struct_ref_seq.pdbx_seq_align_end_ins_code   ? 
_struct_ref_seq.pdbx_db_accession             Q8RP52 
_struct_ref_seq.db_align_beg                  45 
_struct_ref_seq.pdbx_db_align_beg_ins_code    ? 
_struct_ref_seq.db_align_end                  173 
_struct_ref_seq.pdbx_db_align_end_ins_code    ? 
_struct_ref_seq.pdbx_auth_seq_align_beg       45 
_struct_ref_seq.pdbx_auth_seq_align_end       173 
# 
loop_
_struct_ref_seq_dif.align_id 
_struct_ref_seq_dif.pdbx_pdb_id_code 
_struct_ref_seq_dif.mon_id 
_struct_ref_seq_dif.pdbx_pdb_strand_id 
_struct_ref_seq_dif.seq_num 
_struct_ref_seq_dif.pdbx_pdb_ins_code 
_struct_ref_seq_dif.pdbx_seq_db_name 
_struct_ref_seq_dif.pdbx_seq_db_accession_code 
_struct_ref_seq_dif.db_mon_id 
_struct_ref_seq_dif.pdbx_seq_db_seq_num 
_struct_ref_seq_dif.details 
_struct_ref_seq_dif.pdbx_auth_seq_num 
_struct_ref_seq_dif.pdbx_ordinal 
1 4K8W ASP A 4 ? UNP Q8RP52 GLN 48 conflict 48 1 
1 4K8W LEU A 9 ? UNP Q8RP52 VAL 53 conflict 53 2 
# 
_pdbx_struct_assembly.id                   1 
_pdbx_struct_assembly.details              author_and_software_defined_assembly 
_pdbx_struct_assembly.method_details       PISA 
_pdbx_struct_assembly.oligomeric_details   dimeric 
_pdbx_struct_assembly.oligomeric_count     2 
# 
loop_
_pdbx_struct_assembly_prop.biol_id 
_pdbx_struct_assembly_prop.type 
_pdbx_struct_assembly_prop.value 
_pdbx_struct_assembly_prop.details 
1 'ABSA (A^2)' 5890  ? 
1 MORE         7     ? 
1 'SSA (A^2)'  12210 ? 
# 
_pdbx_struct_assembly_gen.assembly_id       1 
_pdbx_struct_assembly_gen.oper_expression   1,2 
_pdbx_struct_assembly_gen.asym_id_list      A,B,C,D,E,F,G 
# 
loop_
_pdbx_struct_oper_list.id 
_pdbx_struct_oper_list.type 
_pdbx_struct_oper_list.name 
_pdbx_struct_oper_list.symmetry_operation 
_pdbx_struct_oper_list.matrix[1][1] 
_pdbx_struct_oper_list.matrix[1][2] 
_pdbx_struct_oper_list.matrix[1][3] 
_pdbx_struct_oper_list.vector[1] 
_pdbx_struct_oper_list.matrix[2][1] 
_pdbx_struct_oper_list.matrix[2][2] 
_pdbx_struct_oper_list.matrix[2][3] 
_pdbx_struct_oper_list.vector[2] 
_pdbx_struct_oper_list.matrix[3][1] 
_pdbx_struct_oper_list.matrix[3][2] 
_pdbx_struct_oper_list.matrix[3][3] 
_pdbx_struct_oper_list.vector[3] 
1 'identity operation'         1_555 x,y,z  1.0000000000  0.0000000000  0.0000000000 0.0000000000  0.0000000000  1.0000000000  0.0000000000  0.0000000000   0.0000000000 0.0000000000  1.0000000000 0.0000000000   
2 'crystal symmetry operation' 7_555 y,x,-z -0.8514516479 -0.2614858476 0.4545934919 15.1358679571 -0.2614858476 -0.5397131809 -0.8002092438 -11.6574287721 0.4545934919 -0.8002092438 0.3911648287 -11.6514226028 
# 
_struct_biol.id        1 
_struct_biol.details   ? 
# 
loop_
_struct_conf.conf_type_id 
_struct_conf.id 
_struct_conf.pdbx_PDB_helix_id 
_struct_conf.beg_label_comp_id 
_struct_conf.beg_label_asym_id 
_struct_conf.beg_label_seq_id 
_struct_conf.pdbx_beg_PDB_ins_code 
_struct_conf.end_label_comp_id 
_struct_conf.end_label_asym_id 
_struct_conf.end_label_seq_id 
_struct_conf.pdbx_end_PDB_ins_code 
_struct_conf.beg_auth_comp_id 
_struct_conf.beg_auth_asym_id 
_struct_conf.beg_auth_seq_id 
_struct_conf.end_auth_comp_id 
_struct_conf.end_auth_asym_id 
_struct_conf.end_auth_seq_id 
_struct_conf.pdbx_PDB_helix_class 
_struct_conf.details 
_struct_conf.pdbx_PDB_helix_length 
HELX_P HELX_P1 1 PRO A 66  ? VAL A 70  ? PRO A 110 VAL A 114 5 ? 5 
HELX_P HELX_P2 2 ASP A 104 ? GLY A 109 ? ASP A 148 GLY A 153 1 ? 6 
# 
_struct_conf_type.id          HELX_P 
_struct_conf_type.criteria    ? 
_struct_conf_type.reference   ? 
# 
_struct_mon_prot_cis.pdbx_id                1 
_struct_mon_prot_cis.label_comp_id          PHE 
_struct_mon_prot_cis.label_seq_id           83 
_struct_mon_prot_cis.label_asym_id          A 
_struct_mon_prot_cis.label_alt_id           . 
_struct_mon_prot_cis.pdbx_PDB_ins_code      ? 
_struct_mon_prot_cis.auth_comp_id           PHE 
_struct_mon_prot_cis.auth_seq_id            127 
_struct_mon_prot_cis.auth_asym_id           A 
_struct_mon_prot_cis.pdbx_label_comp_id_2   PRO 
_struct_mon_prot_cis.pdbx_label_seq_id_2    84 
_struct_mon_prot_cis.pdbx_label_asym_id_2   A 
_struct_mon_prot_cis.pdbx_PDB_ins_code_2    ? 
_struct_mon_prot_cis.pdbx_auth_comp_id_2    PRO 
_struct_mon_prot_cis.pdbx_auth_seq_id_2     128 
_struct_mon_prot_cis.pdbx_auth_asym_id_2    A 
_struct_mon_prot_cis.pdbx_PDB_model_num     1 
_struct_mon_prot_cis.pdbx_omega_angle       12.19 
# 
loop_
_struct_sheet.id 
_struct_sheet.type 
_struct_sheet.number_strands 
_struct_sheet.details 
A ? 5 ? 
B ? 3 ? 
# 
loop_
_struct_sheet_order.sheet_id 
_struct_sheet_order.range_id_1 
_struct_sheet_order.range_id_2 
_struct_sheet_order.offset 
_struct_sheet_order.sense 
A 1 2 ? anti-parallel 
A 2 3 ? anti-parallel 
A 3 4 ? anti-parallel 
A 4 5 ? anti-parallel 
B 1 2 ? anti-parallel 
B 2 3 ? anti-parallel 
# 
loop_
_struct_sheet_range.sheet_id 
_struct_sheet_range.id 
_struct_sheet_range.beg_label_comp_id 
_struct_sheet_range.beg_label_asym_id 
_struct_sheet_range.beg_label_seq_id 
_struct_sheet_range.pdbx_beg_PDB_ins_code 
_struct_sheet_range.end_label_comp_id 
_struct_sheet_range.end_label_asym_id 
_struct_sheet_range.end_label_seq_id 
_struct_sheet_range.pdbx_end_PDB_ins_code 
_struct_sheet_range.beg_auth_comp_id 
_struct_sheet_range.beg_auth_asym_id 
_struct_sheet_range.beg_auth_seq_id 
_struct_sheet_range.end_auth_comp_id 
_struct_sheet_range.end_auth_asym_id 
_struct_sheet_range.end_auth_seq_id 
A 1 LEU A 111 ? PRO A 112 ? LEU A 155 PRO A 156 
A 2 THR A 91  ? LEU A 95  ? THR A 135 LEU A 139 
A 3 THR A 37  ? GLN A 46  ? THR A 81  GLN A 90  
A 4 VAL A 29  ? VAL A 34  ? VAL A 73  VAL A 78  
A 5 ILE A 116 ? LYS A 119 ? ILE A 160 LYS A 163 
B 1 LEU A 59  ? ILE A 61  ? LEU A 103 ILE A 105 
B 2 GLU A 50  ? PHE A 53  ? GLU A 94  PHE A 97  
B 3 TYR A 85  ? LYS A 86  ? TYR A 129 LYS A 130 
# 
loop_
_pdbx_struct_sheet_hbond.sheet_id 
_pdbx_struct_sheet_hbond.range_id_1 
_pdbx_struct_sheet_hbond.range_id_2 
_pdbx_struct_sheet_hbond.range_1_label_atom_id 
_pdbx_struct_sheet_hbond.range_1_label_comp_id 
_pdbx_struct_sheet_hbond.range_1_label_asym_id 
_pdbx_struct_sheet_hbond.range_1_label_seq_id 
_pdbx_struct_sheet_hbond.range_1_PDB_ins_code 
_pdbx_struct_sheet_hbond.range_1_auth_atom_id 
_pdbx_struct_sheet_hbond.range_1_auth_comp_id 
_pdbx_struct_sheet_hbond.range_1_auth_asym_id 
_pdbx_struct_sheet_hbond.range_1_auth_seq_id 
_pdbx_struct_sheet_hbond.range_2_label_atom_id 
_pdbx_struct_sheet_hbond.range_2_label_comp_id 
_pdbx_struct_sheet_hbond.range_2_label_asym_id 
_pdbx_struct_sheet_hbond.range_2_label_seq_id 
_pdbx_struct_sheet_hbond.range_2_PDB_ins_code 
_pdbx_struct_sheet_hbond.range_2_auth_atom_id 
_pdbx_struct_sheet_hbond.range_2_auth_comp_id 
_pdbx_struct_sheet_hbond.range_2_auth_asym_id 
_pdbx_struct_sheet_hbond.range_2_auth_seq_id 
A 1 2 O LEU A 111 ? O LEU A 155 N TYR A 92  ? N TYR A 136 
A 2 3 O PHE A 93  ? O PHE A 137 N ALA A 44  ? N ALA A 88  
A 3 4 O LYS A 39  ? O LYS A 83  N TYR A 32  ? N TYR A 76  
A 4 5 N VAL A 31  ? N VAL A 75  O LYS A 117 ? O LYS A 161 
B 1 2 O LEU A 60  ? O LEU A 104 N SER A 52  ? N SER A 96  
B 2 3 N VAL A 51  ? N VAL A 95  O TYR A 85  ? O TYR A 129 
# 
loop_
_struct_site.id 
_struct_site.pdbx_evidence_code 
_struct_site.pdbx_auth_asym_id 
_struct_site.pdbx_auth_comp_id 
_struct_site.pdbx_auth_seq_id 
_struct_site.pdbx_auth_ins_code 
_struct_site.pdbx_num_residues 
_struct_site.details 
AC1 Software A EDO 201 ? 4 'BINDING SITE FOR RESIDUE EDO A 201' 
AC2 Software A EDO 202 ? 6 'BINDING SITE FOR RESIDUE EDO A 202' 
AC3 Software A EOH 203 ? 2 'BINDING SITE FOR RESIDUE EOH A 203' 
AC4 Software A EOH 204 ? 7 'BINDING SITE FOR RESIDUE EOH A 204' 
AC5 Software A EOH 205 ? 2 'BINDING SITE FOR RESIDUE EOH A 205' 
# 
loop_
_struct_site_gen.id 
_struct_site_gen.site_id 
_struct_site_gen.pdbx_num_res 
_struct_site_gen.label_comp_id 
_struct_site_gen.label_asym_id 
_struct_site_gen.label_seq_id 
_struct_site_gen.pdbx_auth_ins_code 
_struct_site_gen.auth_comp_id 
_struct_site_gen.auth_asym_id 
_struct_site_gen.auth_seq_id 
_struct_site_gen.label_atom_id 
_struct_site_gen.label_alt_id 
_struct_site_gen.symmetry 
_struct_site_gen.details 
1  AC1 4 ASN A 27  ? ASN A 71  . ? 1_555 ? 
2  AC1 4 GLU A 69  ? GLU A 113 . ? 1_555 ? 
3  AC1 4 ASN A 82  ? ASN A 126 . ? 5_545 ? 
4  AC1 4 HOH G .   ? HOH A 335 . ? 1_555 ? 
5  AC2 6 GLY A 14  ? GLY A 58  . ? 7_555 ? 
6  AC2 6 VAL A 15  ? VAL A 59  . ? 7_555 ? 
7  AC2 6 ASP A 28  ? ASP A 72  . ? 1_555 ? 
8  AC2 6 VAL A 29  ? VAL A 73  . ? 1_555 ? 
9  AC2 6 LYS A 119 ? LYS A 163 . ? 1_555 ? 
10 AC2 6 ILE A 120 ? ILE A 164 . ? 1_555 ? 
11 AC3 2 GLU A 33  ? GLU A 77  . ? 1_555 ? 
12 AC3 2 ASN A 36  ? ASN A 80  . ? 1_555 ? 
13 AC4 7 GLY A 57  ? GLY A 101 . ? 1_555 ? 
14 AC4 7 GLY A 58  ? GLY A 102 . ? 1_555 ? 
15 AC4 7 GLU A 69  ? GLU A 113 . ? 1_555 ? 
16 AC4 7 TYR A 72  ? TYR A 116 . ? 1_555 ? 
17 AC4 7 HOH G .   ? HOH A 311 . ? 1_555 ? 
18 AC4 7 HOH G .   ? HOH A 375 . ? 1_555 ? 
19 AC4 7 HOH G .   ? HOH A 385 . ? 1_555 ? 
20 AC5 2 LYS A 39  ? LYS A 83  . ? 1_555 ? 
21 AC5 2 TYR A 108 ? TYR A 152 . ? 1_555 ? 
# 
loop_
_pdbx_validate_torsion.id 
_pdbx_validate_torsion.PDB_model_num 
_pdbx_validate_torsion.auth_comp_id 
_pdbx_validate_torsion.auth_asym_id 
_pdbx_validate_torsion.auth_seq_id 
_pdbx_validate_torsion.PDB_ins_code 
_pdbx_validate_torsion.label_alt_id 
_pdbx_validate_torsion.phi 
_pdbx_validate_torsion.psi 
1 1 ASN A 71  ? ? 81.20   -2.00   
2 1 ASP A 148 ? ? -114.52 -147.94 
# 
loop_
_pdbx_unobs_or_zero_occ_residues.id 
_pdbx_unobs_or_zero_occ_residues.PDB_model_num 
_pdbx_unobs_or_zero_occ_residues.polymer_flag 
_pdbx_unobs_or_zero_occ_residues.occupancy_flag 
_pdbx_unobs_or_zero_occ_residues.auth_asym_id 
_pdbx_unobs_or_zero_occ_residues.auth_comp_id 
_pdbx_unobs_or_zero_occ_residues.auth_seq_id 
_pdbx_unobs_or_zero_occ_residues.PDB_ins_code 
_pdbx_unobs_or_zero_occ_residues.label_asym_id 
_pdbx_unobs_or_zero_occ_residues.label_comp_id 
_pdbx_unobs_or_zero_occ_residues.label_seq_id 
1  1 Y 1 A ASN 45  ? A ASN 1   
2  1 Y 1 A THR 46  ? A THR 2   
3  1 Y 1 A ASN 47  ? A ASN 3   
4  1 Y 1 A ASP 48  ? A ASP 4   
5  1 Y 1 A MET 49  ? A MET 5   
6  1 Y 1 A SER 50  ? A SER 6   
7  1 Y 1 A PRO 51  ? A PRO 7   
8  1 Y 1 A ALA 52  ? A ALA 8   
9  1 Y 1 A LEU 53  ? A LEU 9   
10 1 Y 1 A GLY 172 ? A GLY 128 
11 1 Y 1 A ILE 173 ? A ILE 129 
# 
loop_
_chem_comp_atom.comp_id 
_chem_comp_atom.atom_id 
_chem_comp_atom.type_symbol 
_chem_comp_atom.pdbx_aromatic_flag 
_chem_comp_atom.pdbx_stereo_config 
_chem_comp_atom.pdbx_ordinal 
ALA N    N N N 1   
ALA CA   C N S 2   
ALA C    C N N 3   
ALA O    O N N 4   
ALA CB   C N N 5   
ALA OXT  O N N 6   
ALA H    H N N 7   
ALA H2   H N N 8   
ALA HA   H N N 9   
ALA HB1  H N N 10  
ALA HB2  H N N 11  
ALA HB3  H N N 12  
ALA HXT  H N N 13  
ARG N    N N N 14  
ARG CA   C N S 15  
ARG C    C N N 16  
ARG O    O N N 17  
ARG CB   C N N 18  
ARG CG   C N N 19  
ARG CD   C N N 20  
ARG NE   N N N 21  
ARG CZ   C N N 22  
ARG NH1  N N N 23  
ARG NH2  N N N 24  
ARG OXT  O N N 25  
ARG H    H N N 26  
ARG H2   H N N 27  
ARG HA   H N N 28  
ARG HB2  H N N 29  
ARG HB3  H N N 30  
ARG HG2  H N N 31  
ARG HG3  H N N 32  
ARG HD2  H N N 33  
ARG HD3  H N N 34  
ARG HE   H N N 35  
ARG HH11 H N N 36  
ARG HH12 H N N 37  
ARG HH21 H N N 38  
ARG HH22 H N N 39  
ARG HXT  H N N 40  
ASN N    N N N 41  
ASN CA   C N S 42  
ASN C    C N N 43  
ASN O    O N N 44  
ASN CB   C N N 45  
ASN CG   C N N 46  
ASN OD1  O N N 47  
ASN ND2  N N N 48  
ASN OXT  O N N 49  
ASN H    H N N 50  
ASN H2   H N N 51  
ASN HA   H N N 52  
ASN HB2  H N N 53  
ASN HB3  H N N 54  
ASN HD21 H N N 55  
ASN HD22 H N N 56  
ASN HXT  H N N 57  
ASP N    N N N 58  
ASP CA   C N S 59  
ASP C    C N N 60  
ASP O    O N N 61  
ASP CB   C N N 62  
ASP CG   C N N 63  
ASP OD1  O N N 64  
ASP OD2  O N N 65  
ASP OXT  O N N 66  
ASP H    H N N 67  
ASP H2   H N N 68  
ASP HA   H N N 69  
ASP HB2  H N N 70  
ASP HB3  H N N 71  
ASP HD2  H N N 72  
ASP HXT  H N N 73  
EDO C1   C N N 74  
EDO O1   O N N 75  
EDO C2   C N N 76  
EDO O2   O N N 77  
EDO H11  H N N 78  
EDO H12  H N N 79  
EDO HO1  H N N 80  
EDO H21  H N N 81  
EDO H22  H N N 82  
EDO HO2  H N N 83  
EOH C1   C N N 84  
EOH C2   C N N 85  
EOH O    O N N 86  
EOH H11  H N N 87  
EOH H12  H N N 88  
EOH H21  H N N 89  
EOH H22  H N N 90  
EOH H23  H N N 91  
EOH HO   H N N 92  
GLN N    N N N 93  
GLN CA   C N S 94  
GLN C    C N N 95  
GLN O    O N N 96  
GLN CB   C N N 97  
GLN CG   C N N 98  
GLN CD   C N N 99  
GLN OE1  O N N 100 
GLN NE2  N N N 101 
GLN OXT  O N N 102 
GLN H    H N N 103 
GLN H2   H N N 104 
GLN HA   H N N 105 
GLN HB2  H N N 106 
GLN HB3  H N N 107 
GLN HG2  H N N 108 
GLN HG3  H N N 109 
GLN HE21 H N N 110 
GLN HE22 H N N 111 
GLN HXT  H N N 112 
GLU N    N N N 113 
GLU CA   C N S 114 
GLU C    C N N 115 
GLU O    O N N 116 
GLU CB   C N N 117 
GLU CG   C N N 118 
GLU CD   C N N 119 
GLU OE1  O N N 120 
GLU OE2  O N N 121 
GLU OXT  O N N 122 
GLU H    H N N 123 
GLU H2   H N N 124 
GLU HA   H N N 125 
GLU HB2  H N N 126 
GLU HB3  H N N 127 
GLU HG2  H N N 128 
GLU HG3  H N N 129 
GLU HE2  H N N 130 
GLU HXT  H N N 131 
GLY N    N N N 132 
GLY CA   C N N 133 
GLY C    C N N 134 
GLY O    O N N 135 
GLY OXT  O N N 136 
GLY H    H N N 137 
GLY H2   H N N 138 
GLY HA2  H N N 139 
GLY HA3  H N N 140 
GLY HXT  H N N 141 
HIS N    N N N 142 
HIS CA   C N S 143 
HIS C    C N N 144 
HIS O    O N N 145 
HIS CB   C N N 146 
HIS CG   C Y N 147 
HIS ND1  N Y N 148 
HIS CD2  C Y N 149 
HIS CE1  C Y N 150 
HIS NE2  N Y N 151 
HIS OXT  O N N 152 
HIS H    H N N 153 
HIS H2   H N N 154 
HIS HA   H N N 155 
HIS HB2  H N N 156 
HIS HB3  H N N 157 
HIS HD1  H N N 158 
HIS HD2  H N N 159 
HIS HE1  H N N 160 
HIS HE2  H N N 161 
HIS HXT  H N N 162 
HOH O    O N N 163 
HOH H1   H N N 164 
HOH H2   H N N 165 
ILE N    N N N 166 
ILE CA   C N S 167 
ILE C    C N N 168 
ILE O    O N N 169 
ILE CB   C N S 170 
ILE CG1  C N N 171 
ILE CG2  C N N 172 
ILE CD1  C N N 173 
ILE OXT  O N N 174 
ILE H    H N N 175 
ILE H2   H N N 176 
ILE HA   H N N 177 
ILE HB   H N N 178 
ILE HG12 H N N 179 
ILE HG13 H N N 180 
ILE HG21 H N N 181 
ILE HG22 H N N 182 
ILE HG23 H N N 183 
ILE HD11 H N N 184 
ILE HD12 H N N 185 
ILE HD13 H N N 186 
ILE HXT  H N N 187 
LEU N    N N N 188 
LEU CA   C N S 189 
LEU C    C N N 190 
LEU O    O N N 191 
LEU CB   C N N 192 
LEU CG   C N N 193 
LEU CD1  C N N 194 
LEU CD2  C N N 195 
LEU OXT  O N N 196 
LEU H    H N N 197 
LEU H2   H N N 198 
LEU HA   H N N 199 
LEU HB2  H N N 200 
LEU HB3  H N N 201 
LEU HG   H N N 202 
LEU HD11 H N N 203 
LEU HD12 H N N 204 
LEU HD13 H N N 205 
LEU HD21 H N N 206 
LEU HD22 H N N 207 
LEU HD23 H N N 208 
LEU HXT  H N N 209 
LYS N    N N N 210 
LYS CA   C N S 211 
LYS C    C N N 212 
LYS O    O N N 213 
LYS CB   C N N 214 
LYS CG   C N N 215 
LYS CD   C N N 216 
LYS CE   C N N 217 
LYS NZ   N N N 218 
LYS OXT  O N N 219 
LYS H    H N N 220 
LYS H2   H N N 221 
LYS HA   H N N 222 
LYS HB2  H N N 223 
LYS HB3  H N N 224 
LYS HG2  H N N 225 
LYS HG3  H N N 226 
LYS HD2  H N N 227 
LYS HD3  H N N 228 
LYS HE2  H N N 229 
LYS HE3  H N N 230 
LYS HZ1  H N N 231 
LYS HZ2  H N N 232 
LYS HZ3  H N N 233 
LYS HXT  H N N 234 
MET N    N N N 235 
MET CA   C N S 236 
MET C    C N N 237 
MET O    O N N 238 
MET CB   C N N 239 
MET CG   C N N 240 
MET SD   S N N 241 
MET CE   C N N 242 
MET OXT  O N N 243 
MET H    H N N 244 
MET H2   H N N 245 
MET HA   H N N 246 
MET HB2  H N N 247 
MET HB3  H N N 248 
MET HG2  H N N 249 
MET HG3  H N N 250 
MET HE1  H N N 251 
MET HE2  H N N 252 
MET HE3  H N N 253 
MET HXT  H N N 254 
PHE N    N N N 255 
PHE CA   C N S 256 
PHE C    C N N 257 
PHE O    O N N 258 
PHE CB   C N N 259 
PHE CG   C Y N 260 
PHE CD1  C Y N 261 
PHE CD2  C Y N 262 
PHE CE1  C Y N 263 
PHE CE2  C Y N 264 
PHE CZ   C Y N 265 
PHE OXT  O N N 266 
PHE H    H N N 267 
PHE H2   H N N 268 
PHE HA   H N N 269 
PHE HB2  H N N 270 
PHE HB3  H N N 271 
PHE HD1  H N N 272 
PHE HD2  H N N 273 
PHE HE1  H N N 274 
PHE HE2  H N N 275 
PHE HZ   H N N 276 
PHE HXT  H N N 277 
PRO N    N N N 278 
PRO CA   C N S 279 
PRO C    C N N 280 
PRO O    O N N 281 
PRO CB   C N N 282 
PRO CG   C N N 283 
PRO CD   C N N 284 
PRO OXT  O N N 285 
PRO H    H N N 286 
PRO HA   H N N 287 
PRO HB2  H N N 288 
PRO HB3  H N N 289 
PRO HG2  H N N 290 
PRO HG3  H N N 291 
PRO HD2  H N N 292 
PRO HD3  H N N 293 
PRO HXT  H N N 294 
SER N    N N N 295 
SER CA   C N S 296 
SER C    C N N 297 
SER O    O N N 298 
SER CB   C N N 299 
SER OG   O N N 300 
SER OXT  O N N 301 
SER H    H N N 302 
SER H2   H N N 303 
SER HA   H N N 304 
SER HB2  H N N 305 
SER HB3  H N N 306 
SER HG   H N N 307 
SER HXT  H N N 308 
THR N    N N N 309 
THR CA   C N S 310 
THR C    C N N 311 
THR O    O N N 312 
THR CB   C N R 313 
THR OG1  O N N 314 
THR CG2  C N N 315 
THR OXT  O N N 316 
THR H    H N N 317 
THR H2   H N N 318 
THR HA   H N N 319 
THR HB   H N N 320 
THR HG1  H N N 321 
THR HG21 H N N 322 
THR HG22 H N N 323 
THR HG23 H N N 324 
THR HXT  H N N 325 
TYR N    N N N 326 
TYR CA   C N S 327 
TYR C    C N N 328 
TYR O    O N N 329 
TYR CB   C N N 330 
TYR CG   C Y N 331 
TYR CD1  C Y N 332 
TYR CD2  C Y N 333 
TYR CE1  C Y N 334 
TYR CE2  C Y N 335 
TYR CZ   C Y N 336 
TYR OH   O N N 337 
TYR OXT  O N N 338 
TYR H    H N N 339 
TYR H2   H N N 340 
TYR HA   H N N 341 
TYR HB2  H N N 342 
TYR HB3  H N N 343 
TYR HD1  H N N 344 
TYR HD2  H N N 345 
TYR HE1  H N N 346 
TYR HE2  H N N 347 
TYR HH   H N N 348 
TYR HXT  H N N 349 
VAL N    N N N 350 
VAL CA   C N S 351 
VAL C    C N N 352 
VAL O    O N N 353 
VAL CB   C N N 354 
VAL CG1  C N N 355 
VAL CG2  C N N 356 
VAL OXT  O N N 357 
VAL H    H N N 358 
VAL H2   H N N 359 
VAL HA   H N N 360 
VAL HB   H N N 361 
VAL HG11 H N N 362 
VAL HG12 H N N 363 
VAL HG13 H N N 364 
VAL HG21 H N N 365 
VAL HG22 H N N 366 
VAL HG23 H N N 367 
VAL HXT  H N N 368 
# 
loop_
_chem_comp_bond.comp_id 
_chem_comp_bond.atom_id_1 
_chem_comp_bond.atom_id_2 
_chem_comp_bond.value_order 
_chem_comp_bond.pdbx_aromatic_flag 
_chem_comp_bond.pdbx_stereo_config 
_chem_comp_bond.pdbx_ordinal 
ALA N   CA   sing N N 1   
ALA N   H    sing N N 2   
ALA N   H2   sing N N 3   
ALA CA  C    sing N N 4   
ALA CA  CB   sing N N 5   
ALA CA  HA   sing N N 6   
ALA C   O    doub N N 7   
ALA C   OXT  sing N N 8   
ALA CB  HB1  sing N N 9   
ALA CB  HB2  sing N N 10  
ALA CB  HB3  sing N N 11  
ALA OXT HXT  sing N N 12  
ARG N   CA   sing N N 13  
ARG N   H    sing N N 14  
ARG N   H2   sing N N 15  
ARG CA  C    sing N N 16  
ARG CA  CB   sing N N 17  
ARG CA  HA   sing N N 18  
ARG C   O    doub N N 19  
ARG C   OXT  sing N N 20  
ARG CB  CG   sing N N 21  
ARG CB  HB2  sing N N 22  
ARG CB  HB3  sing N N 23  
ARG CG  CD   sing N N 24  
ARG CG  HG2  sing N N 25  
ARG CG  HG3  sing N N 26  
ARG CD  NE   sing N N 27  
ARG CD  HD2  sing N N 28  
ARG CD  HD3  sing N N 29  
ARG NE  CZ   sing N N 30  
ARG NE  HE   sing N N 31  
ARG CZ  NH1  sing N N 32  
ARG CZ  NH2  doub N N 33  
ARG NH1 HH11 sing N N 34  
ARG NH1 HH12 sing N N 35  
ARG NH2 HH21 sing N N 36  
ARG NH2 HH22 sing N N 37  
ARG OXT HXT  sing N N 38  
ASN N   CA   sing N N 39  
ASN N   H    sing N N 40  
ASN N   H2   sing N N 41  
ASN CA  C    sing N N 42  
ASN CA  CB   sing N N 43  
ASN CA  HA   sing N N 44  
ASN C   O    doub N N 45  
ASN C   OXT  sing N N 46  
ASN CB  CG   sing N N 47  
ASN CB  HB2  sing N N 48  
ASN CB  HB3  sing N N 49  
ASN CG  OD1  doub N N 50  
ASN CG  ND2  sing N N 51  
ASN ND2 HD21 sing N N 52  
ASN ND2 HD22 sing N N 53  
ASN OXT HXT  sing N N 54  
ASP N   CA   sing N N 55  
ASP N   H    sing N N 56  
ASP N   H2   sing N N 57  
ASP CA  C    sing N N 58  
ASP CA  CB   sing N N 59  
ASP CA  HA   sing N N 60  
ASP C   O    doub N N 61  
ASP C   OXT  sing N N 62  
ASP CB  CG   sing N N 63  
ASP CB  HB2  sing N N 64  
ASP CB  HB3  sing N N 65  
ASP CG  OD1  doub N N 66  
ASP CG  OD2  sing N N 67  
ASP OD2 HD2  sing N N 68  
ASP OXT HXT  sing N N 69  
EDO C1  O1   sing N N 70  
EDO C1  C2   sing N N 71  
EDO C1  H11  sing N N 72  
EDO C1  H12  sing N N 73  
EDO O1  HO1  sing N N 74  
EDO C2  O2   sing N N 75  
EDO C2  H21  sing N N 76  
EDO C2  H22  sing N N 77  
EDO O2  HO2  sing N N 78  
EOH C1  C2   sing N N 79  
EOH C1  O    sing N N 80  
EOH C1  H11  sing N N 81  
EOH C1  H12  sing N N 82  
EOH C2  H21  sing N N 83  
EOH C2  H22  sing N N 84  
EOH C2  H23  sing N N 85  
EOH O   HO   sing N N 86  
GLN N   CA   sing N N 87  
GLN N   H    sing N N 88  
GLN N   H2   sing N N 89  
GLN CA  C    sing N N 90  
GLN CA  CB   sing N N 91  
GLN CA  HA   sing N N 92  
GLN C   O    doub N N 93  
GLN C   OXT  sing N N 94  
GLN CB  CG   sing N N 95  
GLN CB  HB2  sing N N 96  
GLN CB  HB3  sing N N 97  
GLN CG  CD   sing N N 98  
GLN CG  HG2  sing N N 99  
GLN CG  HG3  sing N N 100 
GLN CD  OE1  doub N N 101 
GLN CD  NE2  sing N N 102 
GLN NE2 HE21 sing N N 103 
GLN NE2 HE22 sing N N 104 
GLN OXT HXT  sing N N 105 
GLU N   CA   sing N N 106 
GLU N   H    sing N N 107 
GLU N   H2   sing N N 108 
GLU CA  C    sing N N 109 
GLU CA  CB   sing N N 110 
GLU CA  HA   sing N N 111 
GLU C   O    doub N N 112 
GLU C   OXT  sing N N 113 
GLU CB  CG   sing N N 114 
GLU CB  HB2  sing N N 115 
GLU CB  HB3  sing N N 116 
GLU CG  CD   sing N N 117 
GLU CG  HG2  sing N N 118 
GLU CG  HG3  sing N N 119 
GLU CD  OE1  doub N N 120 
GLU CD  OE2  sing N N 121 
GLU OE2 HE2  sing N N 122 
GLU OXT HXT  sing N N 123 
GLY N   CA   sing N N 124 
GLY N   H    sing N N 125 
GLY N   H2   sing N N 126 
GLY CA  C    sing N N 127 
GLY CA  HA2  sing N N 128 
GLY CA  HA3  sing N N 129 
GLY C   O    doub N N 130 
GLY C   OXT  sing N N 131 
GLY OXT HXT  sing N N 132 
HIS N   CA   sing N N 133 
HIS N   H    sing N N 134 
HIS N   H2   sing N N 135 
HIS CA  C    sing N N 136 
HIS CA  CB   sing N N 137 
HIS CA  HA   sing N N 138 
HIS C   O    doub N N 139 
HIS C   OXT  sing N N 140 
HIS CB  CG   sing N N 141 
HIS CB  HB2  sing N N 142 
HIS CB  HB3  sing N N 143 
HIS CG  ND1  sing Y N 144 
HIS CG  CD2  doub Y N 145 
HIS ND1 CE1  doub Y N 146 
HIS ND1 HD1  sing N N 147 
HIS CD2 NE2  sing Y N 148 
HIS CD2 HD2  sing N N 149 
HIS CE1 NE2  sing Y N 150 
HIS CE1 HE1  sing N N 151 
HIS NE2 HE2  sing N N 152 
HIS OXT HXT  sing N N 153 
HOH O   H1   sing N N 154 
HOH O   H2   sing N N 155 
ILE N   CA   sing N N 156 
ILE N   H    sing N N 157 
ILE N   H2   sing N N 158 
ILE CA  C    sing N N 159 
ILE CA  CB   sing N N 160 
ILE CA  HA   sing N N 161 
ILE C   O    doub N N 162 
ILE C   OXT  sing N N 163 
ILE CB  CG1  sing N N 164 
ILE CB  CG2  sing N N 165 
ILE CB  HB   sing N N 166 
ILE CG1 CD1  sing N N 167 
ILE CG1 HG12 sing N N 168 
ILE CG1 HG13 sing N N 169 
ILE CG2 HG21 sing N N 170 
ILE CG2 HG22 sing N N 171 
ILE CG2 HG23 sing N N 172 
ILE CD1 HD11 sing N N 173 
ILE CD1 HD12 sing N N 174 
ILE CD1 HD13 sing N N 175 
ILE OXT HXT  sing N N 176 
LEU N   CA   sing N N 177 
LEU N   H    sing N N 178 
LEU N   H2   sing N N 179 
LEU CA  C    sing N N 180 
LEU CA  CB   sing N N 181 
LEU CA  HA   sing N N 182 
LEU C   O    doub N N 183 
LEU C   OXT  sing N N 184 
LEU CB  CG   sing N N 185 
LEU CB  HB2  sing N N 186 
LEU CB  HB3  sing N N 187 
LEU CG  CD1  sing N N 188 
LEU CG  CD2  sing N N 189 
LEU CG  HG   sing N N 190 
LEU CD1 HD11 sing N N 191 
LEU CD1 HD12 sing N N 192 
LEU CD1 HD13 sing N N 193 
LEU CD2 HD21 sing N N 194 
LEU CD2 HD22 sing N N 195 
LEU CD2 HD23 sing N N 196 
LEU OXT HXT  sing N N 197 
LYS N   CA   sing N N 198 
LYS N   H    sing N N 199 
LYS N   H2   sing N N 200 
LYS CA  C    sing N N 201 
LYS CA  CB   sing N N 202 
LYS CA  HA   sing N N 203 
LYS C   O    doub N N 204 
LYS C   OXT  sing N N 205 
LYS CB  CG   sing N N 206 
LYS CB  HB2  sing N N 207 
LYS CB  HB3  sing N N 208 
LYS CG  CD   sing N N 209 
LYS CG  HG2  sing N N 210 
LYS CG  HG3  sing N N 211 
LYS CD  CE   sing N N 212 
LYS CD  HD2  sing N N 213 
LYS CD  HD3  sing N N 214 
LYS CE  NZ   sing N N 215 
LYS CE  HE2  sing N N 216 
LYS CE  HE3  sing N N 217 
LYS NZ  HZ1  sing N N 218 
LYS NZ  HZ2  sing N N 219 
LYS NZ  HZ3  sing N N 220 
LYS OXT HXT  sing N N 221 
MET N   CA   sing N N 222 
MET N   H    sing N N 223 
MET N   H2   sing N N 224 
MET CA  C    sing N N 225 
MET CA  CB   sing N N 226 
MET CA  HA   sing N N 227 
MET C   O    doub N N 228 
MET C   OXT  sing N N 229 
MET CB  CG   sing N N 230 
MET CB  HB2  sing N N 231 
MET CB  HB3  sing N N 232 
MET CG  SD   sing N N 233 
MET CG  HG2  sing N N 234 
MET CG  HG3  sing N N 235 
MET SD  CE   sing N N 236 
MET CE  HE1  sing N N 237 
MET CE  HE2  sing N N 238 
MET CE  HE3  sing N N 239 
MET OXT HXT  sing N N 240 
PHE N   CA   sing N N 241 
PHE N   H    sing N N 242 
PHE N   H2   sing N N 243 
PHE CA  C    sing N N 244 
PHE CA  CB   sing N N 245 
PHE CA  HA   sing N N 246 
PHE C   O    doub N N 247 
PHE C   OXT  sing N N 248 
PHE CB  CG   sing N N 249 
PHE CB  HB2  sing N N 250 
PHE CB  HB3  sing N N 251 
PHE CG  CD1  doub Y N 252 
PHE CG  CD2  sing Y N 253 
PHE CD1 CE1  sing Y N 254 
PHE CD1 HD1  sing N N 255 
PHE CD2 CE2  doub Y N 256 
PHE CD2 HD2  sing N N 257 
PHE CE1 CZ   doub Y N 258 
PHE CE1 HE1  sing N N 259 
PHE CE2 CZ   sing Y N 260 
PHE CE2 HE2  sing N N 261 
PHE CZ  HZ   sing N N 262 
PHE OXT HXT  sing N N 263 
PRO N   CA   sing N N 264 
PRO N   CD   sing N N 265 
PRO N   H    sing N N 266 
PRO CA  C    sing N N 267 
PRO CA  CB   sing N N 268 
PRO CA  HA   sing N N 269 
PRO C   O    doub N N 270 
PRO C   OXT  sing N N 271 
PRO CB  CG   sing N N 272 
PRO CB  HB2  sing N N 273 
PRO CB  HB3  sing N N 274 
PRO CG  CD   sing N N 275 
PRO CG  HG2  sing N N 276 
PRO CG  HG3  sing N N 277 
PRO CD  HD2  sing N N 278 
PRO CD  HD3  sing N N 279 
PRO OXT HXT  sing N N 280 
SER N   CA   sing N N 281 
SER N   H    sing N N 282 
SER N   H2   sing N N 283 
SER CA  C    sing N N 284 
SER CA  CB   sing N N 285 
SER CA  HA   sing N N 286 
SER C   O    doub N N 287 
SER C   OXT  sing N N 288 
SER CB  OG   sing N N 289 
SER CB  HB2  sing N N 290 
SER CB  HB3  sing N N 291 
SER OG  HG   sing N N 292 
SER OXT HXT  sing N N 293 
THR N   CA   sing N N 294 
THR N   H    sing N N 295 
THR N   H2   sing N N 296 
THR CA  C    sing N N 297 
THR CA  CB   sing N N 298 
THR CA  HA   sing N N 299 
THR C   O    doub N N 300 
THR C   OXT  sing N N 301 
THR CB  OG1  sing N N 302 
THR CB  CG2  sing N N 303 
THR CB  HB   sing N N 304 
THR OG1 HG1  sing N N 305 
THR CG2 HG21 sing N N 306 
THR CG2 HG22 sing N N 307 
THR CG2 HG23 sing N N 308 
THR OXT HXT  sing N N 309 
TYR N   CA   sing N N 310 
TYR N   H    sing N N 311 
TYR N   H2   sing N N 312 
TYR CA  C    sing N N 313 
TYR CA  CB   sing N N 314 
TYR CA  HA   sing N N 315 
TYR C   O    doub N N 316 
TYR C   OXT  sing N N 317 
TYR CB  CG   sing N N 318 
TYR CB  HB2  sing N N 319 
TYR CB  HB3  sing N N 320 
TYR CG  CD1  doub Y N 321 
TYR CG  CD2  sing Y N 322 
TYR CD1 CE1  sing Y N 323 
TYR CD1 HD1  sing N N 324 
TYR CD2 CE2  doub Y N 325 
TYR CD2 HD2  sing N N 326 
TYR CE1 CZ   doub Y N 327 
TYR CE1 HE1  sing N N 328 
TYR CE2 CZ   sing Y N 329 
TYR CE2 HE2  sing N N 330 
TYR CZ  OH   sing N N 331 
TYR OH  HH   sing N N 332 
TYR OXT HXT  sing N N 333 
VAL N   CA   sing N N 334 
VAL N   H    sing N N 335 
VAL N   H2   sing N N 336 
VAL CA  C    sing N N 337 
VAL CA  CB   sing N N 338 
VAL CA  HA   sing N N 339 
VAL C   O    doub N N 340 
VAL C   OXT  sing N N 341 
VAL CB  CG1  sing N N 342 
VAL CB  CG2  sing N N 343 
VAL CB  HB   sing N N 344 
VAL CG1 HG11 sing N N 345 
VAL CG1 HG12 sing N N 346 
VAL CG1 HG13 sing N N 347 
VAL CG2 HG21 sing N N 348 
VAL CG2 HG22 sing N N 349 
VAL CG2 HG23 sing N N 350 
VAL OXT HXT  sing N N 351 
# 
_atom_sites.entry_id                    4K8W 
_atom_sites.fract_transf_matrix[1][1]   -0.00026340 
_atom_sites.fract_transf_matrix[1][2]   -0.01787322 
_atom_sites.fract_transf_matrix[1][3]   0.00571655 
_atom_sites.fract_transf_matrix[2][1]   0.00749657 
_atom_sites.fract_transf_matrix[2][2]   0.00514085 
_atom_sites.fract_transf_matrix[2][3]   0.01641869 
_atom_sites.fract_transf_matrix[3][1]   -0.00695734 
_atom_sites.fract_transf_matrix[3][2]   0.00101672 
_atom_sites.fract_transf_matrix[3][3]   0.00285829 
_atom_sites.fract_transf_vector[1]      0.197392 
_atom_sites.fract_transf_vector[2]      0.335155 
_atom_sites.fract_transf_vector[3]      0.075230 
# 
loop_
_atom_type.symbol 
C 
N 
O 
# 
loop_
_atom_site.group_PDB 
_atom_site.id 
_atom_site.type_symbol 
_atom_site.label_atom_id 
_atom_site.label_alt_id 
_atom_site.label_comp_id 
_atom_site.label_asym_id 
_atom_site.label_entity_id 
_atom_site.label_seq_id 
_atom_site.pdbx_PDB_ins_code 
_atom_site.Cartn_x 
_atom_site.Cartn_y 
_atom_site.Cartn_z 
_atom_site.occupancy 
_atom_site.B_iso_or_equiv 
_atom_site.pdbx_formal_charge 
_atom_site.auth_seq_id 
_atom_site.auth_comp_id 
_atom_site.auth_asym_id 
_atom_site.auth_atom_id 
_atom_site.pdbx_PDB_model_num 
ATOM   1    N N   . SER A 1 10  ? 15.581  -13.051 -26.139 1.00 32.40 ? 54  SER A N   1 
ATOM   2    C CA  . SER A 1 10  ? 16.869  -12.385 -26.488 1.00 35.14 ? 54  SER A CA  1 
ATOM   3    C C   . SER A 1 10  ? 17.128  -11.216 -25.535 1.00 32.54 ? 54  SER A C   1 
ATOM   4    O O   . SER A 1 10  ? 16.479  -11.114 -24.487 1.00 35.50 ? 54  SER A O   1 
ATOM   5    C CB  . SER A 1 10  ? 16.871  -11.933 -27.950 1.00 43.96 ? 54  SER A CB  1 
ATOM   6    O OG  . SER A 1 10  ? 15.899  -10.927 -28.165 1.00 46.61 ? 54  SER A OG  1 
ATOM   7    N N   . ALA A 1 11  ? 18.189  -10.453 -25.784 1.00 30.06 ? 55  ALA A N   1 
ATOM   8    C CA  . ALA A 1 11  ? 18.628  -9.456  -24.799 1.00 29.14 ? 55  ALA A CA  1 
ATOM   9    C C   . ALA A 1 11  ? 17.815  -8.176  -24.953 1.00 33.71 ? 55  ALA A C   1 
ATOM   10   O O   . ALA A 1 11  ? 17.741  -7.606  -26.049 1.00 33.92 ? 55  ALA A O   1 
ATOM   11   C CB  . ALA A 1 11  ? 20.113  -9.155  -24.965 1.00 39.38 ? 55  ALA A CB  1 
ATOM   12   N N   . GLY A 1 12  ? 17.250  -7.692  -23.849 1.00 24.16 ? 56  GLY A N   1 
ATOM   13   C CA  . GLY A 1 12  ? 16.600  -6.394  -23.868 1.00 22.74 ? 56  GLY A CA  1 
ATOM   14   C C   . GLY A 1 12  ? 17.532  -5.317  -23.372 1.00 19.03 ? 56  GLY A C   1 
ATOM   15   O O   . GLY A 1 12  ? 18.597  -5.598  -22.789 1.00 18.58 ? 56  GLY A O   1 
ATOM   16   N N   . ASP A 1 13  ? 17.140  -4.066  -23.606 1.00 18.02 ? 57  ASP A N   1 
ATOM   17   C CA  . ASP A 1 13  ? 17.999  -2.965  -23.232 1.00 18.24 ? 57  ASP A CA  1 
ATOM   18   C C   . ASP A 1 13  ? 17.997  -2.628  -21.773 1.00 13.88 ? 57  ASP A C   1 
ATOM   19   O O   . ASP A 1 13  ? 18.853  -1.881  -21.319 1.00 16.23 ? 57  ASP A O   1 
ATOM   20   C CB  . ASP A 1 13  ? 17.749  -1.719  -24.082 1.00 19.78 ? 57  ASP A CB  1 
ATOM   21   C CG  . ASP A 1 13  ? 16.407  -1.064  -23.806 1.00 26.47 ? 57  ASP A CG  1 
ATOM   22   O OD1 . ASP A 1 13  ? 16.016  -0.260  -24.677 1.00 28.64 ? 57  ASP A OD1 1 
ATOM   23   O OD2 . ASP A 1 13  ? 15.714  -1.380  -22.793 1.00 20.88 ? 57  ASP A OD2 1 
ATOM   24   N N   . GLY A 1 14  ? 17.115  -3.265  -20.991 1.00 14.65 ? 58  GLY A N   1 
ATOM   25   C CA  . GLY A 1 14  ? 17.165  -3.061  -19.555 1.00 13.89 ? 58  GLY A CA  1 
ATOM   26   C C   . GLY A 1 14  ? 16.856  -1.653  -19.067 1.00 13.05 ? 58  GLY A C   1 
ATOM   27   O O   . GLY A 1 14  ? 17.224  -1.300  -17.948 1.00 14.30 ? 58  GLY A O   1 
ATOM   28   N N   . VAL A 1 15  ? 16.200  -0.845  -19.896 1.00 14.46 ? 59  VAL A N   1 
ATOM   29   C CA  . VAL A 1 15  ? 15.868  0.513   -19.496 1.00 12.74 ? 59  VAL A CA  1 
ATOM   30   C C   . VAL A 1 15  ? 14.417  0.574   -18.998 1.00 13.58 ? 59  VAL A C   1 
ATOM   31   O O   . VAL A 1 15  ? 13.477  0.330   -19.778 1.00 16.10 ? 59  VAL A O   1 
ATOM   32   C CB  . VAL A 1 15  ? 16.051  1.471   -20.679 1.00 15.79 ? 59  VAL A CB  1 
ATOM   33   C CG1 . VAL A 1 15  ? 15.604  2.849   -20.259 1.00 15.83 ? 59  VAL A CG1 1 
ATOM   34   C CG2 . VAL A 1 15  ? 17.529  1.452   -21.091 1.00 16.70 ? 59  VAL A CG2 1 
ATOM   35   N N   . LEU A 1 16  ? 14.264  0.812   -17.700 1.00 12.66 ? 60  LEU A N   1 
ATOM   36   C CA  . LEU A 1 16  ? 12.945  1.117   -17.116 1.00 15.23 ? 60  LEU A CA  1 
ATOM   37   C C   . LEU A 1 16  ? 12.749  2.628   -17.257 1.00 15.77 ? 60  LEU A C   1 
ATOM   38   O O   . LEU A 1 16  ? 13.547  3.426   -16.718 1.00 16.29 ? 60  LEU A O   1 
ATOM   39   C CB  . LEU A 1 16  ? 12.924  0.668   -15.630 1.00 15.49 ? 60  LEU A CB  1 
ATOM   40   C CG  . LEU A 1 16  ? 11.715  1.119   -14.797 1.00 15.42 ? 60  LEU A CG  1 
ATOM   41   C CD1 . LEU A 1 16  ? 10.463  0.481   -15.362 1.00 19.46 ? 60  LEU A CD1 1 
ATOM   42   C CD2 . LEU A 1 16  ? 11.918  0.717   -13.340 1.00 19.20 ? 60  LEU A CD2 1 
ATOM   43   N N   . TYR A 1 17  ? 11.689  3.018   -17.974 1.00 13.50 ? 61  TYR A N   1 
ATOM   44   C CA  . TYR A 1 17  ? 11.363  4.449   -18.110 1.00 14.23 ? 61  TYR A CA  1 
ATOM   45   C C   . TYR A 1 17  ? 10.531  5.014   -16.964 1.00 18.86 ? 61  TYR A C   1 
ATOM   46   O O   . TYR A 1 17  ? 9.852   4.277   -16.238 1.00 19.00 ? 61  TYR A O   1 
ATOM   47   C CB  . TYR A 1 17  ? 10.634  4.695   -19.408 1.00 14.86 ? 61  TYR A CB  1 
ATOM   48   C CG  . TYR A 1 17  ? 11.498  4.403   -20.608 1.00 16.10 ? 61  TYR A CG  1 
ATOM   49   C CD1 . TYR A 1 17  ? 12.457  5.311   -21.015 1.00 15.01 ? 61  TYR A CD1 1 
ATOM   50   C CD2 . TYR A 1 17  ? 11.397  3.202   -21.282 1.00 16.39 ? 61  TYR A CD2 1 
ATOM   51   C CE1 . TYR A 1 17  ? 13.294  5.030   -22.080 1.00 15.80 ? 61  TYR A CE1 1 
ATOM   52   C CE2 . TYR A 1 17  ? 12.231  2.911   -22.354 1.00 18.66 ? 61  TYR A CE2 1 
ATOM   53   C CZ  . TYR A 1 17  ? 13.132  3.863   -22.780 1.00 17.47 ? 61  TYR A CZ  1 
ATOM   54   O OH  . TYR A 1 17  ? 13.922  3.591   -23.865 1.00 18.67 ? 61  TYR A OH  1 
ATOM   55   N N   . TYR A 1 18  ? 10.668  6.317   -16.751 1.00 14.06 ? 62  TYR A N   1 
ATOM   56   C CA  . TYR A 1 18  ? 9.807   7.034   -15.791 1.00 13.54 ? 62  TYR A CA  1 
ATOM   57   C C   . TYR A 1 18  ? 8.976   8.054   -16.525 1.00 17.69 ? 62  TYR A C   1 
ATOM   58   O O   . TYR A 1 18  ? 9.410   8.589   -17.540 1.00 17.60 ? 62  TYR A O   1 
ATOM   59   C CB  . TYR A 1 18  ? 10.638  7.722   -14.732 1.00 14.37 ? 62  TYR A CB  1 
ATOM   60   C CG  . TYR A 1 18  ? 11.249  6.724   -13.780 1.00 16.02 ? 62  TYR A CG  1 
ATOM   61   C CD1 . TYR A 1 18  ? 12.338  5.935   -14.194 1.00 20.57 ? 62  TYR A CD1 1 
ATOM   62   C CD2 . TYR A 1 18  ? 10.588  6.351   -12.627 1.00 16.36 ? 62  TYR A CD2 1 
ATOM   63   C CE1 . TYR A 1 18  ? 12.854  4.963   -13.375 1.00 24.22 ? 62  TYR A CE1 1 
ATOM   64   C CE2 . TYR A 1 18  ? 11.159  5.453   -11.743 1.00 18.97 ? 62  TYR A CE2 1 
ATOM   65   C CZ  . TYR A 1 18  ? 12.241  4.694   -12.175 1.00 22.25 ? 62  TYR A CZ  1 
ATOM   66   O OH  . TYR A 1 18  ? 12.824  3.761   -11.352 1.00 25.43 ? 62  TYR A OH  1 
ATOM   67   N N   . ARG A 1 19  ? 7.758   8.275   -16.025 1.00 15.81 ? 63  ARG A N   1 
ATOM   68   C CA  . ARG A 1 19  ? 6.930   9.404   -16.457 1.00 20.15 ? 63  ARG A CA  1 
ATOM   69   C C   . ARG A 1 19  ? 6.540   10.203  -15.217 1.00 24.15 ? 63  ARG A C   1 
ATOM   70   O O   . ARG A 1 19  ? 6.066   9.633   -14.236 1.00 21.24 ? 63  ARG A O   1 
ATOM   71   C CB  . ARG A 1 19  ? 5.682   8.890   -17.171 1.00 21.26 ? 63  ARG A CB  1 
ATOM   72   C CG  . ARG A 1 19  ? 4.751   10.015  -17.622 1.00 28.79 ? 63  ARG A CG  1 
ATOM   73   C CD  . ARG A 1 19  ? 3.644   9.471   -18.510 1.00 32.91 ? 63  ARG A CD  1 
ATOM   74   N NE  . ARG A 1 19  ? 4.120   9.261   -19.872 1.00 51.68 ? 63  ARG A NE  1 
ATOM   75   C CZ  . ARG A 1 19  ? 4.287   8.068   -20.432 1.00 53.01 ? 63  ARG A CZ  1 
ATOM   76   N NH1 . ARG A 1 19  ? 3.900   6.972   -19.792 1.00 54.02 ? 63  ARG A NH1 1 
ATOM   77   N NH2 . ARG A 1 19  ? 4.775   7.980   -21.664 1.00 54.06 ? 63  ARG A NH2 1 
ATOM   78   N N   . LEU A 1 20  ? 6.840   11.505  -15.202 1.00 20.39 ? 64  LEU A N   1 
ATOM   79   C CA  . LEU A 1 20  ? 6.583   12.294  -14.000 1.00 17.23 ? 64  LEU A CA  1 
ATOM   80   C C   . LEU A 1 20  ? 5.073   12.578  -13.901 1.00 18.93 ? 64  LEU A C   1 
ATOM   81   O O   . LEU A 1 20  ? 4.376   12.656  -14.909 1.00 23.01 ? 64  LEU A O   1 
ATOM   82   C CB  . LEU A 1 20  ? 7.406   13.596  -13.973 1.00 26.21 ? 64  LEU A CB  1 
ATOM   83   C CG  . LEU A 1 20  ? 8.926   13.417  -13.805 1.00 25.70 ? 64  LEU A CG  1 
ATOM   84   C CD1 . LEU A 1 20  ? 9.628   14.758  -13.666 1.00 34.62 ? 64  LEU A CD1 1 
ATOM   85   C CD2 . LEU A 1 20  ? 9.278   12.546  -12.606 1.00 28.54 ? 64  LEU A CD2 1 
ATOM   86   N N   . THR A 1 21  ? 4.568   12.503  -12.676 1.00 24.09 ? 65  THR A N   1 
ATOM   87   C CA  . THR A 1 21  ? 3.136   12.722  -12.416 1.00 24.75 ? 65  THR A CA  1 
ATOM   88   C C   . THR A 1 21  ? 3.014   13.656  -11.208 1.00 24.95 ? 65  THR A C   1 
ATOM   89   O O   . THR A 1 21  ? 3.970   13.857  -10.449 1.00 23.70 ? 65  THR A O   1 
ATOM   90   C CB  . THR A 1 21  ? 2.405   11.368  -12.184 1.00 29.14 ? 65  THR A CB  1 
ATOM   91   O OG1 . THR A 1 21  ? 0.980   11.550  -12.234 1.00 33.21 ? 65  THR A OG1 1 
ATOM   92   C CG2 . THR A 1 21  ? 2.786   10.747  -10.854 1.00 23.26 ? 65  THR A CG2 1 
ATOM   93   N N   . ASP A 1 22  ? 1.850   14.293  -11.062 1.00 27.12 ? 66  ASP A N   1 
ATOM   94   C CA  . ASP A 1 22  ? 1.685   15.314  -10.039 1.00 31.94 ? 66  ASP A CA  1 
ATOM   95   C C   . ASP A 1 22  ? 1.544   14.714  -8.640  1.00 24.57 ? 66  ASP A C   1 
ATOM   96   O O   . ASP A 1 22  ? 2.079   15.250  -7.668  1.00 25.92 ? 66  ASP A O   1 
ATOM   97   C CB  . ASP A 1 22  ? 0.469   16.202  -10.375 1.00 31.59 ? 66  ASP A CB  1 
ATOM   98   C CG  . ASP A 1 22  ? 0.692   17.052  -11.630 1.00 52.08 ? 66  ASP A CG  1 
ATOM   99   O OD1 . ASP A 1 22  ? 1.865   17.311  -11.983 1.00 55.95 ? 66  ASP A OD1 1 
ATOM   100  O OD2 . ASP A 1 22  ? -0.306  17.456  -12.270 1.00 56.94 ? 66  ASP A OD2 1 
ATOM   101  N N   . ARG A 1 23  ? 0.803   13.624  -8.533  1.00 24.19 ? 67  ARG A N   1 
ATOM   102  C CA  . ARG A 1 23  ? 0.530   13.000  -7.261  1.00 22.17 ? 67  ARG A CA  1 
ATOM   103  C C   . ARG A 1 23  ? 0.064   11.574  -7.457  1.00 20.39 ? 67  ARG A C   1 
ATOM   104  O O   . ARG A 1 23  ? -0.348  11.230  -8.497  1.00 24.88 ? 67  ARG A O   1 
ATOM   105  C CB  . ARG A 1 23  ? -0.576  13.738  -6.531  1.00 28.42 ? 67  ARG A CB  1 
ATOM   106  C CG  . ARG A 1 23  ? -1.802  13.874  -7.365  1.00 31.10 ? 67  ARG A CG  1 
ATOM   107  C CD  . ARG A 1 23  ? -2.868  14.705  -6.682  1.00 34.27 ? 67  ARG A CD  1 
ATOM   108  N NE  . ARG A 1 23  ? -3.312  14.063  -5.471  0.00 35.65 ? 67  ARG A NE  1 
ATOM   109  C CZ  . ARG A 1 23  ? -4.082  12.975  -5.423  0.00 34.73 ? 67  ARG A CZ  1 
ATOM   110  N NH1 . ARG A 1 23  ? -4.523  12.422  -6.541  0.00 26.09 ? 67  ARG A NH1 1 
ATOM   111  N NH2 . ARG A 1 23  ? -4.407  12.465  -4.230  0.00 36.23 ? 67  ARG A NH2 1 
ATOM   112  N N   . TYR A 1 24  ? 0.136   10.784  -6.416  1.00 20.28 ? 68  TYR A N   1 
ATOM   113  C CA  . TYR A 1 24  ? -0.449  9.437   -6.440  1.00 21.40 ? 68  TYR A CA  1 
ATOM   114  C C   . TYR A 1 24  ? -1.906  9.519   -6.031  1.00 26.59 ? 68  TYR A C   1 
ATOM   115  O O   . TYR A 1 24  ? -2.371  10.593  -5.630  1.00 28.88 ? 68  TYR A O   1 
ATOM   116  C CB  . TYR A 1 24  ? 0.319   8.516   -5.509  1.00 18.69 ? 68  TYR A CB  1 
ATOM   117  C CG  . TYR A 1 24  ? 1.779   8.389   -5.925  1.00 16.78 ? 68  TYR A CG  1 
ATOM   118  C CD1 . TYR A 1 24  ? 2.104   7.975   -7.208  1.00 17.91 ? 68  TYR A CD1 1 
ATOM   119  C CD2 . TYR A 1 24  ? 2.798   8.691   -5.042  1.00 17.39 ? 68  TYR A CD2 1 
ATOM   120  C CE1 . TYR A 1 24  ? 3.443   7.893   -7.619  1.00 17.70 ? 68  TYR A CE1 1 
ATOM   121  C CE2 . TYR A 1 24  ? 4.137   8.565   -5.411  1.00 19.74 ? 68  TYR A CE2 1 
ATOM   122  C CZ  . TYR A 1 24  ? 4.448   8.197   -6.713  1.00 17.40 ? 68  TYR A CZ  1 
ATOM   123  O OH  . TYR A 1 24  ? 5.786   8.151   -7.112  1.00 18.37 ? 68  TYR A OH  1 
ATOM   124  N N   . HIS A 1 25  ? -2.644  8.428   -6.242  1.00 20.01 ? 69  HIS A N   1 
ATOM   125  C CA  . HIS A 1 25  ? -4.080  8.366   -5.906  1.00 22.08 ? 69  HIS A CA  1 
ATOM   126  C C   . HIS A 1 25  ? -4.284  7.191   -4.991  1.00 19.48 ? 69  HIS A C   1 
ATOM   127  O O   . HIS A 1 25  ? -3.608  6.164   -5.106  1.00 16.33 ? 69  HIS A O   1 
ATOM   128  C CB  . HIS A 1 25  ? -4.929  8.173   -7.159  1.00 24.56 ? 69  HIS A CB  1 
ATOM   129  C CG  . HIS A 1 25  ? -5.017  9.396   -8.053  1.00 31.38 ? 69  HIS A CG  1 
ATOM   130  N ND1 . HIS A 1 25  ? -3.961  9.864   -8.756  1.00 34.26 ? 69  HIS A ND1 1 
ATOM   131  C CD2 . HIS A 1 25  ? -6.121  10.155  -8.454  1.00 40.64 ? 69  HIS A CD2 1 
ATOM   132  C CE1 . HIS A 1 25  ? -4.346  10.931  -9.488  1.00 36.58 ? 69  HIS A CE1 1 
ATOM   133  N NE2 . HIS A 1 25  ? -5.670  11.101  -9.311  1.00 46.86 ? 69  HIS A NE2 1 
ATOM   134  N N   . ILE A 1 26  ? -5.318  7.249   -4.159  1.00 17.12 ? 70  ILE A N   1 
ATOM   135  C CA  . ILE A 1 26  ? -5.749  6.054   -3.465  1.00 15.99 ? 70  ILE A CA  1 
ATOM   136  C C   . ILE A 1 26  ? -6.115  4.969   -4.484  1.00 13.79 ? 70  ILE A C   1 
ATOM   137  O O   . ILE A 1 26  ? -6.663  5.265   -5.570  1.00 15.29 ? 70  ILE A O   1 
ATOM   138  C CB  . ILE A 1 26  ? -6.968  6.375   -2.557  1.00 16.64 ? 70  ILE A CB  1 
ATOM   139  C CG1 . ILE A 1 26  ? -6.619  7.560   -1.647  1.00 21.80 ? 70  ILE A CG1 1 
ATOM   140  C CG2 . ILE A 1 26  ? -7.424  5.126   -1.828  1.00 16.92 ? 70  ILE A CG2 1 
ATOM   141  C CD1 . ILE A 1 26  ? -5.475  7.266   -0.706  1.00 22.23 ? 70  ILE A CD1 1 
ATOM   142  N N   . ASN A 1 27  ? -5.767  3.726   -4.134  1.00 13.10 ? 71  ASN A N   1 
ATOM   143  C CA  . ASN A 1 27  ? -5.941  2.519   -4.947  1.00 12.77 ? 71  ASN A CA  1 
ATOM   144  C C   . ASN A 1 27  ? -4.864  2.287   -6.017  1.00 13.30 ? 71  ASN A C   1 
ATOM   145  O O   . ASN A 1 27  ? -4.866  1.243   -6.662  1.00 13.72 ? 71  ASN A O   1 
ATOM   146  C CB  . ASN A 1 27  ? -7.351  2.420   -5.594  1.00 13.85 ? 71  ASN A CB  1 
ATOM   147  C CG  . ASN A 1 27  ? -8.471  2.805   -4.618  1.00 14.85 ? 71  ASN A CG  1 
ATOM   148  O OD1 . ASN A 1 27  ? -9.280  3.739   -4.879  1.00 19.29 ? 71  ASN A OD1 1 
ATOM   149  N ND2 . ASN A 1 27  ? -8.502  2.143   -3.490  1.00 13.57 ? 71  ASN A ND2 1 
ATOM   150  N N   . ASP A 1 28  ? -3.904  3.205   -6.145  1.00 12.36 ? 72  ASP A N   1 
ATOM   151  C CA  . ASP A 1 28  ? -2.814  3.023   -7.136  1.00 11.97 ? 72  ASP A CA  1 
ATOM   152  C C   . ASP A 1 28  ? -1.946  1.846   -6.708  1.00 12.07 ? 72  ASP A C   1 
ATOM   153  O O   . ASP A 1 28  ? -1.719  1.619   -5.511  1.00 11.93 ? 72  ASP A O   1 
ATOM   154  C CB  . ASP A 1 28  ? -1.902  4.253   -7.174  1.00 12.70 ? 72  ASP A CB  1 
ATOM   155  C CG  . ASP A 1 28  ? -2.448  5.397   -7.982  1.00 15.96 ? 72  ASP A CG  1 
ATOM   156  O OD1 . ASP A 1 28  ? -3.458  5.246   -8.693  1.00 15.70 ? 72  ASP A OD1 1 
ATOM   157  O OD2 . ASP A 1 28  ? -1.740  6.428   -7.986  1.00 18.26 ? 72  ASP A OD2 1 
ATOM   158  N N   . VAL A 1 29  ? -1.519  1.064   -7.702  1.00 11.81 ? 73  VAL A N   1 
ATOM   159  C CA  . VAL A 1 29  ? -0.513  0.008   -7.505  1.00 11.71 ? 73  VAL A CA  1 
ATOM   160  C C   . VAL A 1 29  ? 0.870   0.644   -7.569  1.00 11.30 ? 73  VAL A C   1 
ATOM   161  O O   . VAL A 1 29  ? 1.177   1.400   -8.507  1.00 12.47 ? 73  VAL A O   1 
ATOM   162  C CB  . VAL A 1 29  ? -0.620  -1.050  -8.605  1.00 11.42 ? 73  VAL A CB  1 
ATOM   163  C CG1 . VAL A 1 29  ? 0.478   -2.088  -8.404  1.00 12.67 ? 73  VAL A CG1 1 
ATOM   164  C CG2 . VAL A 1 29  ? -1.983  -1.744  -8.510  1.00 12.19 ? 73  VAL A CG2 1 
ATOM   165  N N   . VAL A 1 30  ? 1.616   0.475   -6.478  1.00 10.58 ? 74  VAL A N   1 
ATOM   166  C CA  . VAL A 1 30  ? 2.950   1.097   -6.366  1.00 12.60 ? 74  VAL A CA  1 
ATOM   167  C C   . VAL A 1 30  ? 4.002   0.040   -6.158  1.00 11.37 ? 74  VAL A C   1 
ATOM   168  O O   . VAL A 1 30  ? 3.774   -0.972  -5.473  1.00 11.83 ? 74  VAL A O   1 
ATOM   169  C CB  . VAL A 1 30  ? 3.005   2.207   -5.289  1.00 12.22 ? 74  VAL A CB  1 
ATOM   170  C CG1 . VAL A 1 30  ? 2.117   3.383   -5.745  1.00 14.61 ? 74  VAL A CG1 1 
ATOM   171  C CG2 . VAL A 1 30  ? 2.579   1.664   -3.934  1.00 12.82 ? 74  VAL A CG2 1 
ATOM   172  N N   . VAL A 1 31  ? 5.223   0.366   -6.588  1.00 10.11 ? 75  VAL A N   1 
ATOM   173  C CA  . VAL A 1 31  ? 6.416   -0.309  -6.045  1.00 10.19 ? 75  VAL A CA  1 
ATOM   174  C C   . VAL A 1 31  ? 6.913   0.426   -4.803  1.00 12.78 ? 75  VAL A C   1 
ATOM   175  O O   . VAL A 1 31  ? 7.052   1.653   -4.816  1.00 12.49 ? 75  VAL A O   1 
ATOM   176  C CB  . VAL A 1 31  ? 7.547   -0.280  -7.089  1.00 11.39 ? 75  VAL A CB  1 
ATOM   177  C CG1 . VAL A 1 31  ? 8.816   -0.930  -6.521  1.00 12.55 ? 75  VAL A CG1 1 
ATOM   178  C CG2 . VAL A 1 31  ? 7.095   -0.976  -8.366  1.00 12.20 ? 75  VAL A CG2 1 
ATOM   179  N N   . TYR A 1 32  ? 7.003   -0.313  -3.707  1.00 10.73 ? 76  TYR A N   1 
ATOM   180  C CA  . TYR A 1 32  ? 7.404   0.281   -2.426  1.00 12.04 ? 76  TYR A CA  1 
ATOM   181  C C   . TYR A 1 32  ? 8.617   -0.426  -1.869  1.00 13.91 ? 76  TYR A C   1 
ATOM   182  O O   . TYR A 1 32  ? 8.847   -1.612  -2.149  1.00 14.38 ? 76  TYR A O   1 
ATOM   183  C CB  . TYR A 1 32  ? 6.229   0.308   -1.412  1.00 12.89 ? 76  TYR A CB  1 
ATOM   184  C CG  . TYR A 1 32  ? 5.785   -1.044  -0.890  1.00 12.43 ? 76  TYR A CG  1 
ATOM   185  C CD1 . TYR A 1 32  ? 6.225   -1.505  0.348   1.00 14.03 ? 76  TYR A CD1 1 
ATOM   186  C CD2 . TYR A 1 32  ? 4.851   -1.804  -1.587  1.00 11.72 ? 76  TYR A CD2 1 
ATOM   187  C CE1 . TYR A 1 32  ? 5.733   -2.682  0.900   1.00 12.57 ? 76  TYR A CE1 1 
ATOM   188  C CE2 . TYR A 1 32  ? 4.370   -3.000  -1.070  1.00 10.76 ? 76  TYR A CE2 1 
ATOM   189  C CZ  . TYR A 1 32  ? 4.780   -3.404  0.208   1.00 12.01 ? 76  TYR A CZ  1 
ATOM   190  O OH  . TYR A 1 32  ? 4.333   -4.569  0.747   1.00 13.37 ? 76  TYR A OH  1 
ATOM   191  N N   . GLU A 1 33  ? 9.390   0.293   -1.050  1.00 13.02 ? 77  GLU A N   1 
ATOM   192  C CA  A GLU A 1 33  ? 10.616  -0.273  -0.461  0.50 12.95 ? 77  GLU A CA  1 
ATOM   193  C CA  B GLU A 1 33  ? 10.625  -0.248  -0.482  0.50 13.79 ? 77  GLU A CA  1 
ATOM   194  C C   . GLU A 1 33  ? 10.492  -0.300  1.040   1.00 15.89 ? 77  GLU A C   1 
ATOM   195  O O   . GLU A 1 33  ? 10.152  0.692   1.642   1.00 16.09 ? 77  GLU A O   1 
ATOM   196  C CB  A GLU A 1 33  ? 11.851  0.559   -0.829  0.50 15.58 ? 77  GLU A CB  1 
ATOM   197  C CB  B GLU A 1 33  ? 11.788  0.667   -0.897  0.50 16.83 ? 77  GLU A CB  1 
ATOM   198  C CG  A GLU A 1 33  ? 13.141  0.051   -0.160  0.50 15.11 ? 77  GLU A CG  1 
ATOM   199  C CG  B GLU A 1 33  ? 13.157  0.188   -0.432  0.50 20.36 ? 77  GLU A CG  1 
ATOM   200  C CD  A GLU A 1 33  ? 13.449  0.707   1.183   0.50 17.29 ? 77  GLU A CD  1 
ATOM   201  C CD  B GLU A 1 33  ? 14.249  1.226   -0.622  0.50 24.16 ? 77  GLU A CD  1 
ATOM   202  O OE1 A GLU A 1 33  ? 13.864  0.003   2.139   0.50 20.16 ? 77  GLU A OE1 1 
ATOM   203  O OE1 B GLU A 1 33  ? 14.225  1.968   -1.632  0.50 31.67 ? 77  GLU A OE1 1 
ATOM   204  O OE2 A GLU A 1 33  ? 13.349  1.951   1.292   0.50 19.24 ? 77  GLU A OE2 1 
ATOM   205  O OE2 B GLU A 1 33  ? 15.183  1.245   0.204   0.50 31.80 ? 77  GLU A OE2 1 
ATOM   206  N N   . VAL A 1 34  ? 10.644  -1.489  1.623   1.00 14.81 ? 78  VAL A N   1 
ATOM   207  C CA  . VAL A 1 34  ? 10.749  -1.659  3.069   1.00 12.57 ? 78  VAL A CA  1 
ATOM   208  C C   . VAL A 1 34  ? 11.918  -2.609  3.325   1.00 16.28 ? 78  VAL A C   1 
ATOM   209  O O   . VAL A 1 34  ? 12.066  -3.641  2.635   1.00 16.78 ? 78  VAL A O   1 
ATOM   210  C CB  . VAL A 1 34  ? 9.461   -2.241  3.692   1.00 15.06 ? 78  VAL A CB  1 
ATOM   211  C CG1 . VAL A 1 34  ? 8.365   -1.171  3.738   1.00 15.11 ? 78  VAL A CG1 1 
ATOM   212  C CG2 . VAL A 1 34  ? 8.950   -3.444  2.892   1.00 16.95 ? 78  VAL A CG2 1 
ATOM   213  N N   . ASP A 1 35  ? 12.690  -2.335  4.374   1.00 19.68 ? 79  ASP A N   1 
ATOM   214  C CA  . ASP A 1 35  ? 13.855  -3.204  4.642   1.00 20.58 ? 79  ASP A CA  1 
ATOM   215  C C   . ASP A 1 35  ? 14.623  -3.570  3.355   1.00 16.12 ? 79  ASP A C   1 
ATOM   216  O O   . ASP A 1 35  ? 15.065  -4.731  3.209   1.00 19.73 ? 79  ASP A O   1 
ATOM   217  C CB  . ASP A 1 35  ? 13.402  -4.489  5.342   1.00 19.67 ? 79  ASP A CB  1 
ATOM   218  C CG  . ASP A 1 35  ? 13.100  -4.264  6.820   1.00 27.41 ? 79  ASP A CG  1 
ATOM   219  O OD1 . ASP A 1 35  ? 13.515  -3.201  7.332   1.00 37.97 ? 79  ASP A OD1 1 
ATOM   220  O OD2 . ASP A 1 35  ? 12.451  -5.134  7.464   1.00 30.58 ? 79  ASP A OD2 1 
ATOM   221  N N   . ASN A 1 36  ? 14.912  -2.558  2.531   1.00 16.63 ? 80  ASN A N   1 
ATOM   222  C CA  . ASN A 1 36  ? 15.713  -2.711  1.310   1.00 17.41 ? 80  ASN A CA  1 
ATOM   223  C C   . ASN A 1 36  ? 15.136  -3.745  0.341   1.00 17.05 ? 80  ASN A C   1 
ATOM   224  O O   . ASN A 1 36  ? 15.824  -4.210  -0.573  1.00 18.02 ? 80  ASN A O   1 
ATOM   225  C CB  . ASN A 1 36  ? 17.163  -3.087  1.646   1.00 20.25 ? 80  ASN A CB  1 
ATOM   226  C CG  . ASN A 1 36  ? 17.905  -1.962  2.339   1.00 26.27 ? 80  ASN A CG  1 
ATOM   227  O OD1 . ASN A 1 36  ? 18.551  -2.176  3.366   1.00 36.26 ? 80  ASN A OD1 1 
ATOM   228  N ND2 . ASN A 1 36  ? 17.816  -0.774  1.785   1.00 24.85 ? 80  ASN A ND2 1 
ATOM   229  N N   . THR A 1 37  ? 13.832  -3.958  0.445   1.00 15.04 ? 81  THR A N   1 
ATOM   230  C CA  . THR A 1 37  ? 13.129  -4.970  -0.362  1.00 15.67 ? 81  THR A CA  1 
ATOM   231  C C   . THR A 1 37  ? 12.108  -4.245  -1.236  1.00 15.91 ? 81  THR A C   1 
ATOM   232  O O   . THR A 1 37  ? 11.298  -3.484  -0.716  1.00 14.83 ? 81  THR A O   1 
ATOM   233  C CB  . THR A 1 37  ? 12.399  -5.959  0.546   1.00 15.96 ? 81  THR A CB  1 
ATOM   234  O OG1 . THR A 1 37  ? 13.346  -6.541  1.478   1.00 18.34 ? 81  THR A OG1 1 
ATOM   235  C CG2 . THR A 1 37  ? 11.742  -7.105  -0.291  1.00 16.73 ? 81  THR A CG2 1 
ATOM   236  N N   . LEU A 1 38  ? 12.141  -4.457  -2.556  1.00 13.30 ? 82  LEU A N   1 
ATOM   237  C CA  . LEU A 1 38  ? 11.167  -3.791  -3.462  1.00 12.80 ? 82  LEU A CA  1 
ATOM   238  C C   . LEU A 1 38  ? 9.941   -4.686  -3.652  1.00 13.71 ? 82  LEU A C   1 
ATOM   239  O O   . LEU A 1 38  ? 10.039  -5.841  -4.135  1.00 14.86 ? 82  LEU A O   1 
ATOM   240  C CB  . LEU A 1 38  ? 11.769  -3.476  -4.847  1.00 13.99 ? 82  LEU A CB  1 
ATOM   241  C CG  . LEU A 1 38  ? 12.853  -2.400  -4.889  1.00 17.95 ? 82  LEU A CG  1 
ATOM   242  C CD1 . LEU A 1 38  ? 13.153  -1.992  -6.329  1.00 17.36 ? 82  LEU A CD1 1 
ATOM   243  C CD2 . LEU A 1 38  ? 12.412  -1.181  -4.077  1.00 19.22 ? 82  LEU A CD2 1 
ATOM   244  N N   . LYS A 1 39  ? 8.797   -4.173  -3.222  1.00 11.27 ? 83  LYS A N   1 
ATOM   245  C CA  . LYS A 1 39  ? 7.572   -4.952  -3.210  1.00 11.18 ? 83  LYS A CA  1 
ATOM   246  C C   . LYS A 1 39  ? 6.471   -4.192  -3.977  1.00 11.38 ? 83  LYS A C   1 
ATOM   247  O O   . LYS A 1 39  ? 6.653   -3.017  -4.301  1.00 12.70 ? 83  LYS A O   1 
ATOM   248  C CB  . LYS A 1 39  ? 7.119   -5.203  -1.761  1.00 12.30 ? 83  LYS A CB  1 
ATOM   249  C CG  . LYS A 1 39  ? 8.158   -5.956  -0.930  1.00 17.76 ? 83  LYS A CG  1 
ATOM   250  C CD  . LYS A 1 39  ? 7.757   -6.010  0.557   1.00 17.17 ? 83  LYS A CD  1 
ATOM   251  C CE  . LYS A 1 39  ? 6.710   -7.069  0.733   1.00 19.53 ? 83  LYS A CE  1 
ATOM   252  N NZ  . LYS A 1 39  ? 6.425   -7.353  2.177   1.00 17.03 ? 83  LYS A NZ  1 
ATOM   253  N N   . VAL A 1 40  ? 5.363   -4.875  -4.282  1.00 12.20 ? 84  VAL A N   1 
ATOM   254  C CA  . VAL A 1 40  ? 4.243   -4.231  -4.972  1.00 10.38 ? 84  VAL A CA  1 
ATOM   255  C C   . VAL A 1 40  ? 3.025   -4.299  -4.076  1.00 10.92 ? 84  VAL A C   1 
ATOM   256  O O   . VAL A 1 40  ? 2.701   -5.371  -3.554  1.00 11.96 ? 84  VAL A O   1 
ATOM   257  C CB  . VAL A 1 40  ? 3.943   -4.980  -6.305  1.00 12.05 ? 84  VAL A CB  1 
ATOM   258  C CG1 . VAL A 1 40  ? 2.793   -4.308  -7.060  1.00 12.55 ? 84  VAL A CG1 1 
ATOM   259  C CG2 . VAL A 1 40  ? 5.219   -4.960  -7.158  1.00 13.17 ? 84  VAL A CG2 1 
ATOM   260  N N   . GLY A 1 41  ? 2.326   -3.173  -3.947  1.00 11.07 ? 85  GLY A N   1 
ATOM   261  C CA  . GLY A 1 41  ? 1.088   -3.132  -3.148  1.00 12.12 ? 85  GLY A CA  1 
ATOM   262  C C   . GLY A 1 41  ? 0.263   -1.951  -3.614  1.00 11.55 ? 85  GLY A C   1 
ATOM   263  O O   . GLY A 1 41  ? 0.601   -1.296  -4.608  1.00 12.76 ? 85  GLY A O   1 
ATOM   264  N N   . ARG A 1 42  ? -0.791  -1.629  -2.865  1.00 10.95 ? 86  ARG A N   1 
ATOM   265  C CA  . ARG A 1 42  ? -1.653  -0.513  -3.222  1.00 9.97  ? 86  ARG A CA  1 
ATOM   266  C C   . ARG A 1 42  ? -1.691  0.569   -2.134  1.00 11.04 ? 86  ARG A C   1 
ATOM   267  O O   . ARG A 1 42  ? -1.584  0.252   -0.940  1.00 11.55 ? 86  ARG A O   1 
ATOM   268  C CB  . ARG A 1 42  ? -3.103  -0.977  -3.479  1.00 12.06 ? 86  ARG A CB  1 
ATOM   269  C CG  . ARG A 1 42  ? -3.204  -1.814  -4.761  1.00 13.34 ? 86  ARG A CG  1 
ATOM   270  C CD  . ARG A 1 42  ? -4.674  -2.239  -4.982  1.00 11.58 ? 86  ARG A CD  1 
ATOM   271  N NE  . ARG A 1 42  ? -4.759  -3.075  -6.206  1.00 12.44 ? 86  ARG A NE  1 
ATOM   272  C CZ  . ARG A 1 42  ? -5.217  -2.658  -7.388  1.00 13.81 ? 86  ARG A CZ  1 
ATOM   273  N NH1 . ARG A 1 42  ? -5.502  -1.374  -7.614  1.00 12.97 ? 86  ARG A NH1 1 
ATOM   274  N NH2 . ARG A 1 42  ? -5.368  -3.540  -8.375  1.00 13.06 ? 86  ARG A NH2 1 
ATOM   275  N N   . ILE A 1 43  ? -1.842  1.807   -2.565  1.00 12.17 ? 87  ILE A N   1 
ATOM   276  C CA  . ILE A 1 43  ? -2.107  2.906   -1.603  1.00 11.03 ? 87  ILE A CA  1 
ATOM   277  C C   . ILE A 1 43  ? -3.536  2.809   -1.084  1.00 12.87 ? 87  ILE A C   1 
ATOM   278  O O   . ILE A 1 43  ? -4.494  2.833   -1.865  1.00 14.52 ? 87  ILE A O   1 
ATOM   279  C CB  . ILE A 1 43  ? -1.936  4.269   -2.269  1.00 13.04 ? 87  ILE A CB  1 
ATOM   280  C CG1 . ILE A 1 43  ? -0.496  4.419   -2.818  1.00 14.06 ? 87  ILE A CG1 1 
ATOM   281  C CG2 . ILE A 1 43  ? -2.204  5.373   -1.232  1.00 14.57 ? 87  ILE A CG2 1 
ATOM   282  C CD1 . ILE A 1 43  ? -0.245  5.718   -3.557  1.00 15.15 ? 87  ILE A CD1 1 
ATOM   283  N N   . ALA A 1 44  ? -3.663  2.568   0.210   1.00 11.93 ? 88  ALA A N   1 
ATOM   284  C CA  . ALA A 1 44  ? -4.968  2.374   0.868   1.00 12.62 ? 88  ALA A CA  1 
ATOM   285  C C   . ALA A 1 44  ? -5.423  3.587   1.655   1.00 15.20 ? 88  ALA A C   1 
ATOM   286  O O   . ALA A 1 44  ? -6.621  3.769   1.882   1.00 15.54 ? 88  ALA A O   1 
ATOM   287  C CB  . ALA A 1 44  ? -4.900  1.186   1.809   1.00 13.35 ? 88  ALA A CB  1 
ATOM   288  N N   . ALA A 1 45  ? -4.469  4.408   2.094   1.00 12.97 ? 89  ALA A N   1 
ATOM   289  C CA  . ALA A 1 45  ? -4.802  5.611   2.896   1.00 12.31 ? 89  ALA A CA  1 
ATOM   290  C C   . ALA A 1 45  ? -3.678  6.622   2.772   1.00 14.57 ? 89  ALA A C   1 
ATOM   291  O O   . ALA A 1 45  ? -2.526  6.257   2.478   1.00 14.25 ? 89  ALA A O   1 
ATOM   292  C CB  . ALA A 1 45  ? -5.036  5.254   4.373   1.00 11.55 ? 89  ALA A CB  1 
ATOM   293  N N   . GLN A 1 46  ? -3.985  7.871   3.122   1.00 15.94 ? 90  GLN A N   1 
ATOM   294  C CA  . GLN A 1 46  ? -3.061  8.979   2.902   1.00 16.56 ? 90  GLN A CA  1 
ATOM   295  C C   . GLN A 1 46  ? -3.016  9.820   4.164   1.00 19.69 ? 90  GLN A C   1 
ATOM   296  O O   . GLN A 1 46  ? -3.725  9.560   5.118   1.00 15.12 ? 90  GLN A O   1 
ATOM   297  C CB  . GLN A 1 46  ? -3.557  9.860   1.747   1.00 18.79 ? 90  GLN A CB  1 
ATOM   298  C CG  . GLN A 1 46  ? -4.901  10.518  2.090   1.00 22.52 ? 90  GLN A CG  1 
ATOM   299  C CD  . GLN A 1 46  ? -5.448  11.355  0.958   1.00 29.81 ? 90  GLN A CD  1 
ATOM   300  O OE1 . GLN A 1 46  ? -4.833  12.345  0.567   1.00 35.16 ? 90  GLN A OE1 1 
ATOM   301  N NE2 . GLN A 1 46  ? -6.525  10.886  0.335   1.00 26.29 ? 90  GLN A NE2 1 
ATOM   302  N N   . ALA A 1 47  ? -2.179  10.851  4.151   1.00 17.41 ? 91  ALA A N   1 
ATOM   303  C CA  . ALA A 1 47  ? -1.957  11.657  5.358   1.00 18.24 ? 91  ALA A CA  1 
ATOM   304  C C   . ALA A 1 47  ? -3.284  12.118  5.976   1.00 16.61 ? 91  ALA A C   1 
ATOM   305  O O   . ALA A 1 47  ? -4.162  12.656  5.265   1.00 20.53 ? 91  ALA A O   1 
ATOM   306  C CB  . ALA A 1 47  ? -1.095  12.868  5.002   1.00 21.34 ? 91  ALA A CB  1 
ATOM   307  N N   . GLY A 1 48  ? -3.395  11.977  7.287   1.00 16.48 ? 92  GLY A N   1 
ATOM   308  C CA  . GLY A 1 48  ? -4.578  12.428  8.027   1.00 21.04 ? 92  GLY A CA  1 
ATOM   309  C C   . GLY A 1 48  ? -5.646  11.361  8.183   1.00 21.89 ? 92  GLY A C   1 
ATOM   310  O O   . GLY A 1 48  ? -6.482  11.434  9.084   1.00 21.73 ? 92  GLY A O   1 
ATOM   311  N N   . ASP A 1 49  ? -5.587  10.315  7.363   1.00 18.24 ? 93  ASP A N   1 
ATOM   312  C CA  . ASP A 1 49  ? -6.590  9.246   7.481   1.00 18.01 ? 93  ASP A CA  1 
ATOM   313  C C   . ASP A 1 49  ? -6.391  8.426   8.750   1.00 15.15 ? 93  ASP A C   1 
ATOM   314  O O   . ASP A 1 49  ? -5.259  8.253   9.223   1.00 15.87 ? 93  ASP A O   1 
ATOM   315  C CB  . ASP A 1 49  ? -6.565  8.297   6.266   1.00 17.53 ? 93  ASP A CB  1 
ATOM   316  C CG  . ASP A 1 49  ? -7.016  8.964   4.972   1.00 21.63 ? 93  ASP A CG  1 
ATOM   317  O OD1 . ASP A 1 49  ? -7.773  9.975   5.002   1.00 20.25 ? 93  ASP A OD1 1 
ATOM   318  O OD2 . ASP A 1 49  ? -6.699  8.425   3.889   1.00 16.84 ? 93  ASP A OD2 1 
ATOM   319  N N   . GLU A 1 50  ? -7.493  7.917   9.300   1.00 14.74 ? 94  GLU A N   1 
ATOM   320  C CA  . GLU A 1 50  ? -7.434  6.959   10.391  1.00 15.66 ? 94  GLU A CA  1 
ATOM   321  C C   . GLU A 1 50  ? -7.732  5.569   9.857   1.00 15.48 ? 94  GLU A C   1 
ATOM   322  O O   . GLU A 1 50  ? -8.775  5.362   9.251   1.00 16.67 ? 94  GLU A O   1 
ATOM   323  C CB  . GLU A 1 50  ? -8.471  7.308   11.454  1.00 19.15 ? 94  GLU A CB  1 
ATOM   324  C CG  . GLU A 1 50  ? -8.422  6.397   12.659  1.00 20.42 ? 94  GLU A CG  1 
ATOM   325  C CD  . GLU A 1 50  ? -9.119  7.033   13.847  1.00 31.62 ? 94  GLU A CD  1 
ATOM   326  O OE1 . GLU A 1 50  ? -8.713  8.145   14.260  1.00 37.48 ? 94  GLU A OE1 1 
ATOM   327  O OE2 . GLU A 1 50  ? -10.076 6.429   14.347  1.00 27.92 ? 94  GLU A OE2 1 
ATOM   328  N N   . VAL A 1 51  ? -6.815  4.638   10.092  1.00 12.76 ? 95  VAL A N   1 
ATOM   329  C CA  . VAL A 1 51  ? -6.964  3.253   9.619   1.00 12.31 ? 95  VAL A CA  1 
ATOM   330  C C   . VAL A 1 51  ? -7.359  2.401   10.798  1.00 13.49 ? 95  VAL A C   1 
ATOM   331  O O   . VAL A 1 51  ? -6.690  2.424   11.836  1.00 14.23 ? 95  VAL A O   1 
ATOM   332  C CB  . VAL A 1 51  ? -5.629  2.746   9.015   1.00 13.57 ? 95  VAL A CB  1 
ATOM   333  C CG1 . VAL A 1 51  ? -5.797  1.315   8.498   1.00 13.99 ? 95  VAL A CG1 1 
ATOM   334  C CG2 . VAL A 1 51  ? -5.220  3.678   7.897   1.00 14.97 ? 95  VAL A CG2 1 
ATOM   335  N N   . SER A 1 52  ? -8.422  1.611   10.644  1.00 13.37 ? 96  SER A N   1 
ATOM   336  C CA  A SER A 1 52  ? -8.881  0.705   11.689  0.50 13.75 ? 96  SER A CA  1 
ATOM   337  C CA  B SER A 1 52  ? -8.731  0.640   11.680  0.50 14.21 ? 96  SER A CA  1 
ATOM   338  C C   . SER A 1 52  ? -9.248  -0.667  11.122  1.00 15.59 ? 96  SER A C   1 
ATOM   339  O O   . SER A 1 52  ? -9.387  -0.821  9.905   1.00 15.30 ? 96  SER A O   1 
ATOM   340  C CB  A SER A 1 52  ? -10.096 1.315   12.394  0.50 12.19 ? 96  SER A CB  1 
ATOM   341  C CB  B SER A 1 52  ? -9.745  1.221   12.659  0.50 15.37 ? 96  SER A CB  1 
ATOM   342  O OG  A SER A 1 52  ? -9.702  2.342   13.297  0.50 12.72 ? 96  SER A OG  1 
ATOM   343  O OG  B SER A 1 52  ? -10.952 1.520   12.001  0.50 15.86 ? 96  SER A OG  1 
ATOM   344  N N   . PHE A 1 53  ? -9.440  -1.648  12.007  1.00 14.82 ? 97  PHE A N   1 
ATOM   345  C CA  . PHE A 1 53  ? -9.889  -2.994  11.595  1.00 15.71 ? 97  PHE A CA  1 
ATOM   346  C C   . PHE A 1 53  ? -11.211 -3.354  12.275  1.00 15.12 ? 97  PHE A C   1 
ATOM   347  O O   . PHE A 1 53  ? -11.439 -2.994  13.453  1.00 15.34 ? 97  PHE A O   1 
ATOM   348  C CB  . PHE A 1 53  ? -8.874  -4.064  12.057  1.00 17.00 ? 97  PHE A CB  1 
ATOM   349  C CG  . PHE A 1 53  ? -7.504  -3.965  11.419  1.00 19.27 ? 97  PHE A CG  1 
ATOM   350  C CD1 . PHE A 1 53  ? -7.217  -4.679  10.272  1.00 26.10 ? 97  PHE A CD1 1 
ATOM   351  C CD2 . PHE A 1 53  ? -6.455  -3.329  12.077  1.00 17.12 ? 97  PHE A CD2 1 
ATOM   352  C CE1 . PHE A 1 53  ? -5.942  -4.657  9.731   1.00 27.54 ? 97  PHE A CE1 1 
ATOM   353  C CE2 . PHE A 1 53  ? -5.217  -3.212  11.484  1.00 17.22 ? 97  PHE A CE2 1 
ATOM   354  C CZ  . PHE A 1 53  ? -4.944  -3.901  10.329  1.00 23.05 ? 97  PHE A CZ  1 
ATOM   355  N N   . THR A 1 54  ? -12.033 -4.132  11.582  1.00 15.44 ? 98  THR A N   1 
ATOM   356  C CA  . THR A 1 54  ? -13.046 -4.934  12.268  1.00 17.70 ? 98  THR A CA  1 
ATOM   357  C C   . THR A 1 54  ? -12.529 -6.326  12.598  1.00 18.91 ? 98  THR A C   1 
ATOM   358  O O   . THR A 1 54  ? -11.577 -6.816  11.985  1.00 17.35 ? 98  THR A O   1 
ATOM   359  C CB  . THR A 1 54  ? -14.328 -5.084  11.445  1.00 19.53 ? 98  THR A CB  1 
ATOM   360  O OG1 . THR A 1 54  ? -14.115 -6.050  10.401  1.00 17.41 ? 98  THR A OG1 1 
ATOM   361  C CG2 . THR A 1 54  ? -14.776 -3.746  10.858  1.00 21.73 ? 98  THR A CG2 1 
ATOM   362  N N   . GLN A 1 55  ? -13.157 -6.970  13.583  1.00 18.89 ? 99  GLN A N   1 
ATOM   363  C CA  . GLN A 1 55  ? -12.725 -8.290  14.022  1.00 19.93 ? 99  GLN A CA  1 
ATOM   364  C C   . GLN A 1 55  ? -13.014 -9.318  12.948  1.00 19.27 ? 99  GLN A C   1 
ATOM   365  O O   . GLN A 1 55  ? -12.359 -10.364 12.890  1.00 26.04 ? 99  GLN A O   1 
ATOM   366  C CB  . GLN A 1 55  ? -13.440 -8.690  15.312  1.00 25.87 ? 99  GLN A CB  1 
ATOM   367  C CG  . GLN A 1 55  ? -12.727 -8.228  16.566  1.00 41.62 ? 99  GLN A CG  1 
ATOM   368  C CD  . GLN A 1 55  ? -12.950 -9.185  17.723  1.00 42.58 ? 99  GLN A CD  1 
ATOM   369  O OE1 . GLN A 1 55  ? -14.093 -9.478  18.072  1.00 51.39 ? 99  GLN A OE1 1 
ATOM   370  N NE2 . GLN A 1 55  ? -11.875 -9.805  18.196  1.00 49.10 ? 99  GLN A NE2 1 
ATOM   371  N N   . GLU A 1 56  ? -13.909 -8.952  12.034  1.00 20.23 ? 100 GLU A N   1 
ATOM   372  C CA  . GLU A 1 56  ? -14.326 -9.856  10.985  1.00 21.72 ? 100 GLU A CA  1 
ATOM   373  C C   . GLU A 1 56  ? -13.394 -9.775  9.788   1.00 23.82 ? 100 GLU A C   1 
ATOM   374  O O   . GLU A 1 56  ? -13.651 -10.399 8.753   1.00 25.52 ? 100 GLU A O   1 
ATOM   375  C CB  . GLU A 1 56  ? -15.754 -9.517  10.558  1.00 24.63 ? 100 GLU A CB  1 
ATOM   376  C CG  . GLU A 1 56  ? -16.786 -9.839  11.642  1.00 35.36 ? 100 GLU A CG  1 
ATOM   377  C CD  . GLU A 1 56  ? -16.747 -8.883  12.827  1.00 40.95 ? 100 GLU A CD  1 
ATOM   378  O OE1 . GLU A 1 56  ? -16.551 -7.657  12.638  1.00 36.62 ? 100 GLU A OE1 1 
ATOM   379  O OE2 . GLU A 1 56  ? -16.934 -9.356  13.972  1.00 49.42 ? 100 GLU A OE2 1 
ATOM   380  N N   . GLY A 1 57  ? -12.320 -8.991  9.906   1.00 18.07 ? 101 GLY A N   1 
ATOM   381  C CA  . GLY A 1 57  ? -11.357 -8.879  8.795   1.00 18.49 ? 101 GLY A CA  1 
ATOM   382  C C   . GLY A 1 57  ? -11.600 -7.719  7.844   1.00 18.04 ? 101 GLY A C   1 
ATOM   383  O O   . GLY A 1 57  ? -11.225 -7.805  6.668   1.00 17.13 ? 101 GLY A O   1 
ATOM   384  N N   . GLY A 1 58  ? -12.370 -6.710  8.264   1.00 15.93 ? 102 GLY A N   1 
ATOM   385  C CA  . GLY A 1 58  ? -12.657 -5.578  7.384   1.00 14.47 ? 102 GLY A CA  1 
ATOM   386  C C   . GLY A 1 58  ? -11.772 -4.375  7.694   1.00 20.33 ? 102 GLY A C   1 
ATOM   387  O O   . GLY A 1 58  ? -11.507 -4.074  8.841   1.00 18.64 ? 102 GLY A O   1 
ATOM   388  N N   . LEU A 1 59  ? -11.150 -3.818  6.664   1.00 18.23 ? 103 LEU A N   1 
ATOM   389  C CA  . LEU A 1 59  ? -10.487 -2.533  6.792   1.00 18.33 ? 103 LEU A CA  1 
ATOM   390  C C   . LEU A 1 59  ? -11.524 -1.410  6.890   1.00 18.10 ? 103 LEU A C   1 
ATOM   391  O O   . LEU A 1 59  ? -12.471 -1.343  6.083   1.00 18.60 ? 103 LEU A O   1 
ATOM   392  C CB  . LEU A 1 59  ? -9.576  -2.325  5.577   1.00 19.89 ? 103 LEU A CB  1 
ATOM   393  C CG  . LEU A 1 59  ? -8.619  -1.131  5.609   1.00 20.52 ? 103 LEU A CG  1 
ATOM   394  C CD1 . LEU A 1 59  ? -7.437  -1.403  6.532   1.00 20.89 ? 103 LEU A CD1 1 
ATOM   395  C CD2 . LEU A 1 59  ? -8.150  -0.837  4.179   1.00 20.52 ? 103 LEU A CD2 1 
ATOM   396  N N   . LEU A 1 60  ? -11.283 -0.474  7.814   1.00 14.96 ? 104 LEU A N   1 
ATOM   397  C CA  . LEU A 1 60  ? -12.025 0.775   7.909   1.00 14.43 ? 104 LEU A CA  1 
ATOM   398  C C   . LEU A 1 60  ? -11.100 1.993   7.724   1.00 15.88 ? 104 LEU A C   1 
ATOM   399  O O   . LEU A 1 60  ? -9.985  2.033   8.263   1.00 15.07 ? 104 LEU A O   1 
ATOM   400  C CB  . LEU A 1 60  ? -12.738 0.870   9.261   1.00 17.42 ? 104 LEU A CB  1 
ATOM   401  C CG  . LEU A 1 60  ? -13.690 -0.266  9.615   1.00 17.39 ? 104 LEU A CG  1 
ATOM   402  C CD1 . LEU A 1 60  ? -14.195 -0.045  11.034  1.00 22.91 ? 104 LEU A CD1 1 
ATOM   403  C CD2 . LEU A 1 60  ? -14.880 -0.289  8.634   1.00 17.96 ? 104 LEU A CD2 1 
ATOM   404  N N   . ILE A 1 61  ? -11.544 2.951   6.905   1.00 16.30 ? 105 ILE A N   1 
ATOM   405  C CA  . ILE A 1 61  ? -10.770 4.170   6.654   1.00 15.08 ? 105 ILE A CA  1 
ATOM   406  C C   . ILE A 1 61  ? -11.674 5.337   7.034   1.00 17.47 ? 105 ILE A C   1 
ATOM   407  O O   . ILE A 1 61  ? -12.778 5.508   6.467   1.00 17.12 ? 105 ILE A O   1 
ATOM   408  C CB  . ILE A 1 61  ? -10.333 4.323   5.175   1.00 16.14 ? 105 ILE A CB  1 
ATOM   409  C CG1 . ILE A 1 61  ? -9.515  3.103   4.692   1.00 18.13 ? 105 ILE A CG1 1 
ATOM   410  C CG2 . ILE A 1 61  ? -9.542  5.618   5.015   1.00 19.40 ? 105 ILE A CG2 1 
ATOM   411  C CD1 . ILE A 1 61  ? -8.209  2.870   5.419   1.00 20.18 ? 105 ILE A CD1 1 
ATOM   412  N N   . ASN A 1 62  ? -11.215 6.124   8.006   1.00 16.58 ? 106 ASN A N   1 
ATOM   413  C CA  . ASN A 1 62  ? -12.025 7.199   8.587   1.00 19.85 ? 106 ASN A CA  1 
ATOM   414  C C   . ASN A 1 62  ? -13.409 6.726   9.008   1.00 20.26 ? 106 ASN A C   1 
ATOM   415  O O   . ASN A 1 62  ? -14.405 7.428   8.796   1.00 26.07 ? 106 ASN A O   1 
ATOM   416  C CB  . ASN A 1 62  ? -12.110 8.367   7.626   1.00 18.97 ? 106 ASN A CB  1 
ATOM   417  C CG  . ASN A 1 62  ? -10.734 8.941   7.298   1.00 18.73 ? 106 ASN A CG  1 
ATOM   418  O OD1 . ASN A 1 62  ? -9.886  9.037   8.188   1.00 21.00 ? 106 ASN A OD1 1 
ATOM   419  N ND2 . ASN A 1 62  ? -10.491 9.264   6.030   1.00 20.64 ? 106 ASN A ND2 1 
ATOM   420  N N   . GLY A 1 63  ? -13.463 5.517   9.522   1.00 21.31 ? 107 GLY A N   1 
ATOM   421  C CA  . GLY A 1 63  ? -14.693 4.972   10.107  1.00 28.25 ? 107 GLY A CA  1 
ATOM   422  C C   . GLY A 1 63  ? -15.674 4.459   9.065   1.00 30.11 ? 107 GLY A C   1 
ATOM   423  O O   . GLY A 1 63  ? -16.839 4.208   9.373   1.00 29.51 ? 107 GLY A O   1 
ATOM   424  N N   . HIS A 1 64  ? -15.198 4.266   7.838   1.00 20.58 ? 108 HIS A N   1 
ATOM   425  C CA  . HIS A 1 64  ? -16.075 3.768   6.749   1.00 21.16 ? 108 HIS A CA  1 
ATOM   426  C C   . HIS A 1 64  ? -15.439 2.557   6.140   1.00 20.11 ? 108 HIS A C   1 
ATOM   427  O O   . HIS A 1 64  ? -14.234 2.543   5.941   1.00 20.35 ? 108 HIS A O   1 
ATOM   428  C CB  . HIS A 1 64  ? -16.190 4.815   5.641   1.00 22.71 ? 108 HIS A CB  1 
ATOM   429  C CG  . HIS A 1 64  ? -16.985 6.048   6.024   1.00 32.08 ? 108 HIS A CG  1 
ATOM   430  N ND1 . HIS A 1 64  ? -18.338 6.087   5.969   1.00 38.70 ? 108 HIS A ND1 1 
ATOM   431  C CD2 . HIS A 1 64  ? -16.567 7.358   6.306   1.00 39.95 ? 108 HIS A CD2 1 
ATOM   432  C CE1 . HIS A 1 64  ? -18.766 7.325   6.297   1.00 39.81 ? 108 HIS A CE1 1 
ATOM   433  N NE2 . HIS A 1 64  ? -17.681 8.103   6.500   1.00 41.49 ? 108 HIS A NE2 1 
ATOM   434  N N   . PRO A 1 65  ? -16.222 1.529   5.802   1.00 20.60 ? 109 PRO A N   1 
ATOM   435  C CA  . PRO A 1 65  ? -15.665 0.407   5.042   1.00 20.18 ? 109 PRO A CA  1 
ATOM   436  C C   . PRO A 1 65  ? -15.615 0.739   3.541   1.00 22.79 ? 109 PRO A C   1 
ATOM   437  O O   . PRO A 1 65  ? -16.660 0.905   2.902   1.00 24.31 ? 109 PRO A O   1 
ATOM   438  C CB  . PRO A 1 65  ? -16.664 -0.731  5.305   1.00 22.65 ? 109 PRO A CB  1 
ATOM   439  C CG  . PRO A 1 65  ? -17.946 -0.039  5.665   1.00 22.24 ? 109 PRO A CG  1 
ATOM   440  C CD  . PRO A 1 65  ? -17.673 1.385   6.037   1.00 23.35 ? 109 PRO A CD  1 
ATOM   441  N N   . PRO A 1 66  ? -14.409 0.799   2.963   1.00 23.37 ? 110 PRO A N   1 
ATOM   442  C CA  . PRO A 1 66  ? -14.351 1.281   1.577   1.00 21.91 ? 110 PRO A CA  1 
ATOM   443  C C   . PRO A 1 66  ? -15.054 0.292   0.647   1.00 19.78 ? 110 PRO A C   1 
ATOM   444  O O   . PRO A 1 66  ? -14.940 -0.916  0.840   1.00 19.75 ? 110 PRO A O   1 
ATOM   445  C CB  . PRO A 1 66  ? -12.834 1.339   1.292   1.00 21.32 ? 110 PRO A CB  1 
ATOM   446  C CG  . PRO A 1 66  ? -12.184 1.381   2.652   1.00 22.15 ? 110 PRO A CG  1 
ATOM   447  C CD  . PRO A 1 66  ? -13.076 0.559   3.544   1.00 20.67 ? 110 PRO A CD  1 
ATOM   448  N N   . GLU A 1 67  ? -15.684 0.791   -0.420  1.00 24.38 ? 111 GLU A N   1 
ATOM   449  C CA  . GLU A 1 67  ? -16.353 -0.088  -1.376  1.00 26.93 ? 111 GLU A CA  1 
ATOM   450  C C   . GLU A 1 67  ? -15.363 -1.076  -2.019  1.00 22.00 ? 111 GLU A C   1 
ATOM   451  O O   . GLU A 1 67  ? -15.618 -2.292  -2.126  1.00 21.49 ? 111 GLU A O   1 
ATOM   452  C CB  . GLU A 1 67  ? -17.029 0.766   -2.452  1.00 26.44 ? 111 GLU A CB  1 
ATOM   453  C CG  . GLU A 1 67  ? -18.127 1.685   -1.901  1.00 35.48 ? 111 GLU A CG  1 
ATOM   454  C CD  . GLU A 1 67  ? -17.899 2.849   -1.034  0.00 34.59 ? 111 GLU A CD  1 
ATOM   455  O OE1 . GLU A 1 67  ? -16.711 3.219   -0.852  0.00 30.94 ? 111 GLU A OE1 1 
ATOM   456  O OE2 . GLU A 1 67  ? -18.876 3.482   -0.568  0.00 38.96 ? 111 GLU A OE2 1 
ATOM   457  N N   . LYS A 1 68  ? -14.166 -0.584  -2.293  1.00 19.13 ? 112 LYS A N   1 
ATOM   458  C CA  . LYS A 1 68  ? -13.143 -1.454  -2.914  1.00 19.36 ? 112 LYS A CA  1 
ATOM   459  C C   . LYS A 1 68  ? -12.519 -2.467  -1.959  1.00 21.30 ? 112 LYS A C   1 
ATOM   460  O O   . LYS A 1 68  ? -11.778 -3.349  -2.380  1.00 19.77 ? 112 LYS A O   1 
ATOM   461  C CB  . LYS A 1 68  ? -12.052 -0.591  -3.542  1.00 17.73 ? 112 LYS A CB  1 
ATOM   462  C CG  . LYS A 1 68  ? -12.469 0.048   -4.862  1.00 20.00 ? 112 LYS A CG  1 
ATOM   463  C CD  . LYS A 1 68  ? -11.418 1.063   -5.249  1.00 18.17 ? 112 LYS A CD  1 
ATOM   464  C CE  . LYS A 1 68  ? -11.547 1.495   -6.700  1.00 20.49 ? 112 LYS A CE  1 
ATOM   465  N NZ  . LYS A 1 68  ? -11.260 0.366   -7.619  1.00 17.76 ? 112 LYS A NZ  1 
ATOM   466  N N   . GLU A 1 69  ? -12.893 -2.409  -0.676  1.00 18.72 ? 113 GLU A N   1 
ATOM   467  C CA  . GLU A 1 69  ? -12.411 -3.395  0.296   1.00 19.61 ? 113 GLU A CA  1 
ATOM   468  C C   . GLU A 1 69  ? -13.284 -4.623  0.497   1.00 21.78 ? 113 GLU A C   1 
ATOM   469  O O   . GLU A 1 69  ? -12.893 -5.569  1.186   1.00 24.00 ? 113 GLU A O   1 
ATOM   470  C CB  . GLU A 1 69  ? -12.179 -2.711  1.647   1.00 20.70 ? 113 GLU A CB  1 
ATOM   471  C CG  . GLU A 1 69  ? -10.899 -1.912  1.668   1.00 20.68 ? 113 GLU A CG  1 
ATOM   472  C CD  . GLU A 1 69  ? -9.670  -2.814  1.561   1.00 20.67 ? 113 GLU A CD  1 
ATOM   473  O OE1 . GLU A 1 69  ? -9.595  -3.814  2.292   1.00 19.98 ? 113 GLU A OE1 1 
ATOM   474  O OE2 . GLU A 1 69  ? -8.707  -2.381  0.907   1.00 21.13 ? 113 GLU A OE2 1 
ATOM   475  N N   . VAL A 1 70  ? -14.388 -4.678  -0.242  1.00 27.03 ? 114 VAL A N   1 
ATOM   476  C CA  . VAL A 1 70  ? -15.278 -5.828  -0.172  1.00 25.60 ? 114 VAL A CA  1 
ATOM   477  C C   . VAL A 1 70  ? -14.574 -7.167  -0.416  1.00 27.87 ? 114 VAL A C   1 
ATOM   478  O O   . VAL A 1 70  ? -14.819 -8.140  0.303   1.00 26.39 ? 114 VAL A O   1 
ATOM   479  C CB  . VAL A 1 70  ? -16.489 -5.642  -1.120  1.00 27.46 ? 114 VAL A CB  1 
ATOM   480  C CG1 . VAL A 1 70  ? -17.245 -6.962  -1.277  1.00 29.54 ? 114 VAL A CG1 1 
ATOM   481  C CG2 . VAL A 1 70  ? -17.397 -4.537  -0.606  1.00 29.79 ? 114 VAL A CG2 1 
ATOM   482  N N   . PRO A 1 71  ? -13.639 -7.208  -1.387  1.00 27.49 ? 115 PRO A N   1 
ATOM   483  C CA  . PRO A 1 71  ? -12.976 -8.467  -1.735  1.00 29.40 ? 115 PRO A CA  1 
ATOM   484  C C   . PRO A 1 71  ? -11.923 -8.944  -0.749  1.00 28.66 ? 115 PRO A C   1 
ATOM   485  O O   . PRO A 1 71  ? -11.491 -10.097 -0.842  1.00 27.04 ? 115 PRO A O   1 
ATOM   486  C CB  . PRO A 1 71  ? -12.306 -8.163  -3.086  1.00 35.32 ? 115 PRO A CB  1 
ATOM   487  C CG  . PRO A 1 71  ? -13.020 -6.977  -3.624  1.00 30.21 ? 115 PRO A CG  1 
ATOM   488  C CD  . PRO A 1 71  ? -13.467 -6.181  -2.427  1.00 28.56 ? 115 PRO A CD  1 
ATOM   489  N N   . TYR A 1 72  ? -11.541 -8.107  0.226   1.00 20.98 ? 116 TYR A N   1 
ATOM   490  C CA  . TYR A 1 72  ? -10.334 -8.377  1.005   1.00 24.63 ? 116 TYR A CA  1 
ATOM   491  C C   . TYR A 1 72  ? -10.622 -8.782  2.457   1.00 22.43 ? 116 TYR A C   1 
ATOM   492  O O   . TYR A 1 72  ? -11.482 -8.176  3.121   1.00 25.70 ? 116 TYR A O   1 
ATOM   493  C CB  . TYR A 1 72  ? -9.434  -7.140  1.022   1.00 21.26 ? 116 TYR A CB  1 
ATOM   494  C CG  . TYR A 1 72  ? -8.932  -6.676  -0.347  1.00 17.73 ? 116 TYR A CG  1 
ATOM   495  C CD1 . TYR A 1 72  ? -7.766  -7.220  -0.910  1.00 21.27 ? 116 TYR A CD1 1 
ATOM   496  C CD2 . TYR A 1 72  ? -9.525  -5.593  -0.986  1.00 17.89 ? 116 TYR A CD2 1 
ATOM   497  C CE1 . TYR A 1 72  ? -7.244  -6.703  -2.084  1.00 20.90 ? 116 TYR A CE1 1 
ATOM   498  C CE2 . TYR A 1 72  ? -9.027  -5.080  -2.174  1.00 22.90 ? 116 TYR A CE2 1 
ATOM   499  C CZ  . TYR A 1 72  ? -7.829  -5.570  -2.673  1.00 18.94 ? 116 TYR A CZ  1 
ATOM   500  O OH  . TYR A 1 72  ? -7.345  -4.993  -3.859  1.00 18.21 ? 116 TYR A OH  1 
ATOM   501  N N   . LEU A 1 73  ? -9.924  -9.803  2.930   1.00 21.69 ? 117 LEU A N   1 
ATOM   502  C CA  . LEU A 1 73  ? -9.993  -10.225 4.348   1.00 22.00 ? 117 LEU A CA  1 
ATOM   503  C C   . LEU A 1 73  ? -8.672  -9.826  5.021   1.00 18.40 ? 117 LEU A C   1 
ATOM   504  O O   . LEU A 1 73  ? -7.621  -10.419 4.761   1.00 18.77 ? 117 LEU A O   1 
ATOM   505  C CB  . LEU A 1 73  ? -10.138 -11.743 4.412   1.00 30.53 ? 117 LEU A CB  1 
ATOM   506  C CG  . LEU A 1 73  ? -11.023 -12.377 5.482   1.00 42.52 ? 117 LEU A CG  1 
ATOM   507  C CD1 . LEU A 1 73  ? -12.375 -11.684 5.583   1.00 25.92 ? 117 LEU A CD1 1 
ATOM   508  C CD2 . LEU A 1 73  ? -11.198 -13.849 5.115   1.00 38.43 ? 117 LEU A CD2 1 
ATOM   509  N N   . THR A 1 74  ? -8.754  -8.856  5.930   1.00 15.66 ? 118 THR A N   1 
ATOM   510  C CA  . THR A 1 74  ? -7.591  -8.093  6.334   1.00 15.74 ? 118 THR A CA  1 
ATOM   511  C C   . THR A 1 74  ? -7.372  -8.205  7.854   1.00 15.62 ? 118 THR A C   1 
ATOM   512  O O   . THR A 1 74  ? -8.224  -7.781  8.659   1.00 17.58 ? 118 THR A O   1 
ATOM   513  C CB  . THR A 1 74  ? -7.789  -6.616  5.924   1.00 15.23 ? 118 THR A CB  1 
ATOM   514  O OG1 . THR A 1 74  ? -8.012  -6.558  4.506   1.00 15.77 ? 118 THR A OG1 1 
ATOM   515  C CG2 . THR A 1 74  ? -6.539  -5.792  6.258   1.00 16.00 ? 118 THR A CG2 1 
ATOM   516  N N   . TYR A 1 75  ? -6.252  -8.789  8.231   1.00 14.86 ? 119 TYR A N   1 
ATOM   517  C CA  . TYR A 1 75  ? -5.930  -9.020  9.638   1.00 15.53 ? 119 TYR A CA  1 
ATOM   518  C C   . TYR A 1 75  ? -4.663  -8.243  9.969   1.00 15.89 ? 119 TYR A C   1 
ATOM   519  O O   . TYR A 1 75  ? -3.756  -8.113  9.128   1.00 14.94 ? 119 TYR A O   1 
ATOM   520  C CB  . TYR A 1 75  ? -5.714  -10.520 9.873   1.00 14.85 ? 119 TYR A CB  1 
ATOM   521  C CG  . TYR A 1 75  ? -6.951  -11.310 9.557   1.00 17.47 ? 119 TYR A CG  1 
ATOM   522  C CD1 . TYR A 1 75  ? -8.107  -11.126 10.298  1.00 18.47 ? 119 TYR A CD1 1 
ATOM   523  C CD2 . TYR A 1 75  ? -6.982  -12.160 8.466   1.00 24.03 ? 119 TYR A CD2 1 
ATOM   524  C CE1 . TYR A 1 75  ? -9.269  -11.796 9.965   1.00 24.99 ? 119 TYR A CE1 1 
ATOM   525  C CE2 . TYR A 1 75  ? -8.149  -12.795 8.097   1.00 27.60 ? 119 TYR A CE2 1 
ATOM   526  C CZ  . TYR A 1 75  ? -9.270  -12.653 8.885   1.00 26.04 ? 119 TYR A CZ  1 
ATOM   527  O OH  . TYR A 1 75  ? -10.420 -13.348 8.556   1.00 32.48 ? 119 TYR A OH  1 
ATOM   528  N N   . PRO A 1 76  ? -4.512  -7.831  11.237  1.00 14.90 ? 120 PRO A N   1 
ATOM   529  C CA  . PRO A 1 76  ? -3.324  -7.084  11.630  1.00 14.62 ? 120 PRO A CA  1 
ATOM   530  C C   . PRO A 1 76  ? -2.082  -7.967  11.751  1.00 14.18 ? 120 PRO A C   1 
ATOM   531  O O   . PRO A 1 76  ? -2.170  -9.193  11.927  1.00 17.25 ? 120 PRO A O   1 
ATOM   532  C CB  . PRO A 1 76  ? -3.694  -6.477  13.000  1.00 15.95 ? 120 PRO A CB  1 
ATOM   533  C CG  . PRO A 1 76  ? -4.844  -7.307  13.503  1.00 19.08 ? 120 PRO A CG  1 
ATOM   534  C CD  . PRO A 1 76  ? -5.522  -7.943  12.313  1.00 15.19 ? 120 PRO A CD  1 
ATOM   535  N N   . HIS A 1 77  ? -0.920  -7.321  11.712  1.00 14.68 ? 121 HIS A N   1 
ATOM   536  C CA  . HIS A 1 77  ? 0.307   -7.967  12.140  1.00 16.33 ? 121 HIS A CA  1 
ATOM   537  C C   . HIS A 1 77  ? 0.493   -7.721  13.608  1.00 19.16 ? 121 HIS A C   1 
ATOM   538  O O   . HIS A 1 77  ? 0.550   -6.574  14.050  1.00 21.08 ? 121 HIS A O   1 
ATOM   539  C CB  . HIS A 1 77  ? 1.476   -7.391  11.342  1.00 17.16 ? 121 HIS A CB  1 
ATOM   540  C CG  . HIS A 1 77  ? 2.739   -8.212  11.453  1.00 15.93 ? 121 HIS A CG  1 
ATOM   541  N ND1 . HIS A 1 77  ? 3.402   -8.367  12.627  1.00 18.44 ? 121 HIS A ND1 1 
ATOM   542  C CD2 . HIS A 1 77  ? 3.442   -8.949  10.502  1.00 21.04 ? 121 HIS A CD2 1 
ATOM   543  C CE1 . HIS A 1 77  ? 4.450   -9.200  12.444  1.00 20.59 ? 121 HIS A CE1 1 
ATOM   544  N NE2 . HIS A 1 77  ? 4.468   -9.569  11.150  1.00 19.85 ? 121 HIS A NE2 1 
ATOM   545  N N   . SER A 1 78  ? 0.764   -8.792  14.350  1.00 19.33 ? 122 SER A N   1 
ATOM   546  C CA  . SER A 1 78  ? 0.883   -8.683  15.809  1.00 25.22 ? 122 SER A CA  1 
ATOM   547  C C   . SER A 1 78  ? 2.000   -7.759  16.311  1.00 25.52 ? 122 SER A C   1 
ATOM   548  O O   . SER A 1 78  ? 1.917   -7.209  17.419  1.00 27.16 ? 122 SER A O   1 
ATOM   549  C CB  . SER A 1 78  ? 0.960   -10.070 16.451  1.00 28.62 ? 122 SER A CB  1 
ATOM   550  O OG  . SER A 1 78  ? 2.004   -10.836 15.877  1.00 36.80 ? 122 SER A OG  1 
ATOM   551  N N   . SER A 1 79  ? 3.041   -7.557  15.503  1.00 19.46 ? 123 SER A N   1 
ATOM   552  C CA  . SER A 1 79  ? 4.124   -6.663  15.867  1.00 20.68 ? 123 SER A CA  1 
ATOM   553  C C   . SER A 1 79  ? 4.062   -5.324  15.154  1.00 19.53 ? 123 SER A C   1 
ATOM   554  O O   . SER A 1 79  ? 4.991   -4.532  15.263  1.00 20.92 ? 123 SER A O   1 
ATOM   555  C CB  . SER A 1 79  ? 5.498   -7.284  15.542  1.00 27.99 ? 123 SER A CB  1 
ATOM   556  O OG  . SER A 1 79  ? 5.603   -8.596  16.049  1.00 31.51 ? 123 SER A OG  1 
ATOM   557  N N   . GLY A 1 80  ? 2.982   -5.048  14.431  1.00 15.79 ? 124 GLY A N   1 
ATOM   558  C CA  . GLY A 1 80  ? 2.905   -3.770  13.725  1.00 14.45 ? 124 GLY A CA  1 
ATOM   559  C C   . GLY A 1 80  ? 2.467   -2.634  14.655  1.00 16.14 ? 124 GLY A C   1 
ATOM   560  O O   . GLY A 1 80  ? 2.454   -2.809  15.885  1.00 15.75 ? 124 GLY A O   1 
ATOM   561  N N   . PRO A 1 81  ? 2.102   -1.481  14.077  1.00 14.83 ? 125 PRO A N   1 
ATOM   562  C CA  . PRO A 1 81  ? 1.671   -0.328  14.881  1.00 14.37 ? 125 PRO A CA  1 
ATOM   563  C C   . PRO A 1 81  ? 0.454   -0.653  15.745  1.00 12.81 ? 125 PRO A C   1 
ATOM   564  O O   . PRO A 1 81  ? -0.293  -1.581  15.466  1.00 14.72 ? 125 PRO A O   1 
ATOM   565  C CB  . PRO A 1 81  ? 1.265   0.708   13.827  1.00 17.39 ? 125 PRO A CB  1 
ATOM   566  C CG  . PRO A 1 81  ? 2.060   0.340   12.602  1.00 18.18 ? 125 PRO A CG  1 
ATOM   567  C CD  . PRO A 1 81  ? 2.144   -1.162  12.632  1.00 16.25 ? 125 PRO A CD  1 
ATOM   568  N N   . ASN A 1 82  ? 0.210   0.193   16.735  1.00 13.75 ? 126 ASN A N   1 
ATOM   569  C CA  . ASN A 1 82  ? -1.112  0.197   17.383  1.00 13.97 ? 126 ASN A CA  1 
ATOM   570  C C   . ASN A 1 82  ? -2.158  0.705   16.396  1.00 11.39 ? 126 ASN A C   1 
ATOM   571  O O   . ASN A 1 82  ? -1.917  1.653   15.630  1.00 13.41 ? 126 ASN A O   1 
ATOM   572  C CB  . ASN A 1 82  ? -1.062  1.136   18.590  1.00 14.60 ? 126 ASN A CB  1 
ATOM   573  C CG  . ASN A 1 82  ? -0.258  0.552   19.736  1.00 13.23 ? 126 ASN A CG  1 
ATOM   574  O OD1 . ASN A 1 82  ? -0.063  -0.651  19.823  1.00 15.48 ? 126 ASN A OD1 1 
ATOM   575  N ND2 . ASN A 1 82  ? 0.271   1.434   20.581  1.00 15.34 ? 126 ASN A ND2 1 
ATOM   576  N N   . PHE A 1 83  ? -3.396  0.189   16.527  1.00 12.09 ? 127 PHE A N   1 
ATOM   577  C CA  . PHE A 1 83  ? -4.525  0.681   15.744  1.00 11.76 ? 127 PHE A CA  1 
ATOM   578  C C   . PHE A 1 83  ? -5.645  1.004   16.730  1.00 13.99 ? 127 PHE A C   1 
ATOM   579  O O   . PHE A 1 83  ? -5.816  0.265   17.708  1.00 16.01 ? 127 PHE A O   1 
ATOM   580  C CB  . PHE A 1 83  ? -4.999  -0.398  14.743  1.00 14.98 ? 127 PHE A CB  1 
ATOM   581  C CG  . PHE A 1 83  ? -4.083  -0.563  13.554  1.00 12.75 ? 127 PHE A CG  1 
ATOM   582  C CD1 . PHE A 1 83  ? -4.345  0.131   12.362  1.00 14.52 ? 127 PHE A CD1 1 
ATOM   583  C CD2 . PHE A 1 83  ? -2.889  -1.286  13.669  1.00 13.63 ? 127 PHE A CD2 1 
ATOM   584  C CE1 . PHE A 1 83  ? -3.480  0.010   11.265  1.00 13.81 ? 127 PHE A CE1 1 
ATOM   585  C CE2 . PHE A 1 83  ? -1.979  -1.329  12.592  1.00 14.09 ? 127 PHE A CE2 1 
ATOM   586  C CZ  . PHE A 1 83  ? -2.285  -0.675  11.413  1.00 12.51 ? 127 PHE A CZ  1 
ATOM   587  N N   . PRO A 1 84  ? -6.420  2.072   16.469  1.00 15.93 ? 128 PRO A N   1 
ATOM   588  C CA  . PRO A 1 84  ? -6.471  2.827   15.203  1.00 15.60 ? 128 PRO A CA  1 
ATOM   589  C C   . PRO A 1 84  ? -5.176  3.579   14.941  1.00 18.54 ? 128 PRO A C   1 
ATOM   590  O O   . PRO A 1 84  ? -4.542  4.105   15.876  1.00 17.84 ? 128 PRO A O   1 
ATOM   591  C CB  . PRO A 1 84  ? -7.640  3.826   15.431  1.00 16.59 ? 128 PRO A CB  1 
ATOM   592  C CG  . PRO A 1 84  ? -7.796  3.900   16.926  1.00 21.39 ? 128 PRO A CG  1 
ATOM   593  C CD  . PRO A 1 84  ? -7.530  2.472   17.369  1.00 17.07 ? 128 PRO A CD  1 
ATOM   594  N N   . TYR A 1 85  ? -4.848  3.732   13.664  1.00 13.94 ? 129 TYR A N   1 
ATOM   595  C CA  . TYR A 1 85  ? -3.594  4.314   13.263  1.00 14.31 ? 129 TYR A CA  1 
ATOM   596  C C   . TYR A 1 85  ? -3.825  5.584   12.451  1.00 14.20 ? 129 TYR A C   1 
ATOM   597  O O   . TYR A 1 85  ? -4.608  5.573   11.508  1.00 14.98 ? 129 TYR A O   1 
ATOM   598  C CB  . TYR A 1 85  ? -2.845  3.268   12.429  1.00 13.88 ? 129 TYR A CB  1 
ATOM   599  C CG  . TYR A 1 85  ? -1.530  3.782   11.866  1.00 14.13 ? 129 TYR A CG  1 
ATOM   600  C CD1 . TYR A 1 85  ? -0.347  3.674   12.617  1.00 14.93 ? 129 TYR A CD1 1 
ATOM   601  C CD2 . TYR A 1 85  ? -1.464  4.285   10.575  1.00 11.68 ? 129 TYR A CD2 1 
ATOM   602  C CE1 . TYR A 1 85  ? 0.866   4.115   12.101  1.00 15.25 ? 129 TYR A CE1 1 
ATOM   603  C CE2 . TYR A 1 85  ? -0.234  4.669   10.022  1.00 13.91 ? 129 TYR A CE2 1 
ATOM   604  C CZ  . TYR A 1 85  ? 0.913   4.602   10.807  1.00 15.64 ? 129 TYR A CZ  1 
ATOM   605  O OH  . TYR A 1 85  ? 2.122   5.008   10.278  1.00 14.93 ? 129 TYR A OH  1 
ATOM   606  N N   . LYS A 1 86  ? -3.160  6.685   12.835  1.00 13.28 ? 130 LYS A N   1 
ATOM   607  C CA  . LYS A 1 86  ? -3.265  7.925   12.098  1.00 16.86 ? 130 LYS A CA  1 
ATOM   608  C C   . LYS A 1 86  ? -2.099  8.016   11.122  1.00 14.42 ? 130 LYS A C   1 
ATOM   609  O O   . LYS A 1 86  ? -0.930  7.954   11.523  1.00 17.47 ? 130 LYS A O   1 
ATOM   610  C CB  . LYS A 1 86  ? -3.253  9.132   13.076  1.00 20.00 ? 130 LYS A CB  1 
ATOM   611  C CG  . LYS A 1 86  ? -3.093  10.465  12.361  1.00 26.52 ? 130 LYS A CG  1 
ATOM   612  C CD  . LYS A 1 86  ? -4.293  10.771  11.473  1.00 29.17 ? 130 LYS A CD  1 
ATOM   613  C CE  . LYS A 1 86  ? -5.589  10.668  12.261  1.00 39.15 ? 130 LYS A CE  1 
ATOM   614  N NZ  . LYS A 1 86  ? -5.570  11.667  13.367  1.00 48.99 ? 130 LYS A NZ  1 
ATOM   615  N N   . VAL A 1 87  ? -2.419  8.108   9.832   1.00 13.38 ? 131 VAL A N   1 
ATOM   616  C CA  . VAL A 1 87  ? -1.382  8.208   8.798   1.00 14.36 ? 131 VAL A CA  1 
ATOM   617  C C   . VAL A 1 87  ? -0.679  9.574   8.866   1.00 15.90 ? 131 VAL A C   1 
ATOM   618  O O   . VAL A 1 87  ? -1.328  10.598  8.729   1.00 18.49 ? 131 VAL A O   1 
ATOM   619  C CB  . VAL A 1 87  ? -2.009  8.057   7.410   1.00 12.99 ? 131 VAL A CB  1 
ATOM   620  C CG1 . VAL A 1 87  ? -0.949  8.160   6.322   1.00 13.83 ? 131 VAL A CG1 1 
ATOM   621  C CG2 . VAL A 1 87  ? -2.761  6.719   7.330   1.00 13.38 ? 131 VAL A CG2 1 
ATOM   622  N N   . PRO A 1 88  ? 0.639   9.580   9.103   1.00 16.69 ? 132 PRO A N   1 
ATOM   623  C CA  . PRO A 1 88  ? 1.373   10.869  9.221   1.00 19.56 ? 132 PRO A CA  1 
ATOM   624  C C   . PRO A 1 88  ? 1.386   11.694  7.942   1.00 21.11 ? 132 PRO A C   1 
ATOM   625  O O   . PRO A 1 88  ? 1.333   11.166  6.833   1.00 18.03 ? 132 PRO A O   1 
ATOM   626  C CB  . PRO A 1 88  ? 2.798   10.418  9.584   1.00 19.01 ? 132 PRO A CB  1 
ATOM   627  C CG  . PRO A 1 88  ? 2.638   9.095   10.211  1.00 20.47 ? 132 PRO A CG  1 
ATOM   628  C CD  . PRO A 1 88  ? 1.504   8.432   9.443   1.00 15.33 ? 132 PRO A CD  1 
ATOM   629  N N   . THR A 1 89  ? 1.592   13.011  8.084   1.00 21.10 ? 133 THR A N   1 
ATOM   630  C CA  . THR A 1 89  ? 1.926   13.863  6.955   1.00 19.32 ? 133 THR A CA  1 
ATOM   631  C C   . THR A 1 89  ? 2.984   13.246  6.043   1.00 16.79 ? 133 THR A C   1 
ATOM   632  O O   . THR A 1 89  ? 4.006   12.739  6.522   1.00 20.32 ? 133 THR A O   1 
ATOM   633  C CB  . THR A 1 89  ? 2.489   15.200  7.503   1.00 21.79 ? 133 THR A CB  1 
ATOM   634  O OG1 . THR A 1 89  ? 1.511   15.747  8.392   1.00 31.36 ? 133 THR A OG1 1 
ATOM   635  C CG2 . THR A 1 89  ? 2.738   16.167  6.374   1.00 25.75 ? 133 THR A CG2 1 
ATOM   636  N N   . GLY A 1 90  ? 2.743   13.328  4.740   1.00 20.95 ? 134 GLY A N   1 
ATOM   637  C CA  . GLY A 1 90  ? 3.725   12.953  3.746   1.00 19.13 ? 134 GLY A CA  1 
ATOM   638  C C   . GLY A 1 90  ? 3.939   11.446  3.616   1.00 20.96 ? 134 GLY A C   1 
ATOM   639  O O   . GLY A 1 90  ? 4.995   11.002  3.161   1.00 21.91 ? 134 GLY A O   1 
ATOM   640  N N   . THR A 1 91  ? 3.011   10.665  4.154   1.00 18.50 ? 135 THR A N   1 
ATOM   641  C CA  . THR A 1 91  ? 3.188   9.210   4.075   1.00 15.15 ? 135 THR A CA  1 
ATOM   642  C C   . THR A 1 91  ? 1.987   8.526   3.431   1.00 17.07 ? 135 THR A C   1 
ATOM   643  O O   . THR A 1 91  ? 0.903   9.100   3.298   1.00 15.69 ? 135 THR A O   1 
ATOM   644  C CB  . THR A 1 91  ? 3.454   8.560   5.436   1.00 14.57 ? 135 THR A CB  1 
ATOM   645  O OG1 . THR A 1 91  ? 2.307   8.678   6.287   1.00 15.97 ? 135 THR A OG1 1 
ATOM   646  C CG2 . THR A 1 91  ? 4.690   9.202   6.148   1.00 16.45 ? 135 THR A CG2 1 
ATOM   647  N N   . TYR A 1 92  ? 2.199   7.264   3.075   1.00 15.87 ? 136 TYR A N   1 
ATOM   648  C CA  . TYR A 1 92  ? 1.183   6.497   2.332   1.00 14.11 ? 136 TYR A CA  1 
ATOM   649  C C   . TYR A 1 92  ? 1.020   5.171   3.050   1.00 13.18 ? 136 TYR A C   1 
ATOM   650  O O   . TYR A 1 92  ? 2.014   4.483   3.336   1.00 13.21 ? 136 TYR A O   1 
ATOM   651  C CB  . TYR A 1 92  ? 1.677   6.241   0.896   1.00 15.74 ? 136 TYR A CB  1 
ATOM   652  C CG  . TYR A 1 92  ? 1.961   7.511   0.127   1.00 17.83 ? 136 TYR A CG  1 
ATOM   653  C CD1 . TYR A 1 92  ? 0.988   8.063   -0.668  1.00 19.22 ? 136 TYR A CD1 1 
ATOM   654  C CD2 . TYR A 1 92  ? 3.143   8.229   0.351   1.00 23.15 ? 136 TYR A CD2 1 
ATOM   655  C CE1 . TYR A 1 92  ? 1.206   9.261   -1.352  1.00 21.67 ? 136 TYR A CE1 1 
ATOM   656  C CE2 . TYR A 1 92  ? 3.366   9.445   -0.289  1.00 28.15 ? 136 TYR A CE2 1 
ATOM   657  C CZ  . TYR A 1 92  ? 2.382   9.966   -1.111  1.00 24.37 ? 136 TYR A CZ  1 
ATOM   658  O OH  . TYR A 1 92  ? 2.594   11.158  -1.764  1.00 26.68 ? 136 TYR A OH  1 
ATOM   659  N N   . PHE A 1 93  ? -0.227  4.789   3.355   1.00 11.44 ? 137 PHE A N   1 
ATOM   660  C CA  . PHE A 1 93  ? -0.436  3.488   3.996   1.00 10.11 ? 137 PHE A CA  1 
ATOM   661  C C   . PHE A 1 93  ? -0.641  2.423   2.921   1.00 11.40 ? 137 PHE A C   1 
ATOM   662  O O   . PHE A 1 93  ? -1.591  2.526   2.145   1.00 12.83 ? 137 PHE A O   1 
ATOM   663  C CB  . PHE A 1 93  ? -1.680  3.563   4.919   1.00 11.98 ? 137 PHE A CB  1 
ATOM   664  C CG  . PHE A 1 93  ? -1.800  2.395   5.859   1.00 12.33 ? 137 PHE A CG  1 
ATOM   665  C CD1 . PHE A 1 93  ? -1.336  2.458   7.163   1.00 12.64 ? 137 PHE A CD1 1 
ATOM   666  C CD2 . PHE A 1 93  ? -2.433  1.235   5.440   1.00 13.33 ? 137 PHE A CD2 1 
ATOM   667  C CE1 . PHE A 1 93  ? -1.437  1.369   8.020   1.00 13.44 ? 137 PHE A CE1 1 
ATOM   668  C CE2 . PHE A 1 93  ? -2.498  0.120   6.278   1.00 13.20 ? 137 PHE A CE2 1 
ATOM   669  C CZ  . PHE A 1 93  ? -2.000  0.179   7.574   1.00 15.59 ? 137 PHE A CZ  1 
ATOM   670  N N   . ILE A 1 94  ? 0.301   1.472   2.842   1.00 10.44 ? 138 ILE A N   1 
ATOM   671  C CA  . ILE A 1 94  ? 0.337   0.503   1.733   1.00 12.38 ? 138 ILE A CA  1 
ATOM   672  C C   . ILE A 1 94  ? -0.195  -0.855  2.166   1.00 12.50 ? 138 ILE A C   1 
ATOM   673  O O   . ILE A 1 94  ? 0.166   -1.340  3.242   1.00 11.50 ? 138 ILE A O   1 
ATOM   674  C CB  . ILE A 1 94  ? 1.764   0.333   1.180   1.00 11.76 ? 138 ILE A CB  1 
ATOM   675  C CG1 . ILE A 1 94  ? 2.349   1.677   0.761   1.00 13.08 ? 138 ILE A CG1 1 
ATOM   676  C CG2 . ILE A 1 94  ? 1.771   -0.626  -0.019  1.00 12.43 ? 138 ILE A CG2 1 
ATOM   677  C CD1 . ILE A 1 94  ? 1.487   2.445   -0.209  1.00 13.57 ? 138 ILE A CD1 1 
ATOM   678  N N   . LEU A 1 95  ? -1.074  -1.451  1.358   1.00 12.00 ? 139 LEU A N   1 
ATOM   679  C CA  . LEU A 1 95  ? -1.511  -2.851  1.630   1.00 10.28 ? 139 LEU A CA  1 
ATOM   680  C C   . LEU A 1 95  ? -1.228  -3.741  0.418   1.00 10.70 ? 139 LEU A C   1 
ATOM   681  O O   . LEU A 1 95  ? -1.543  -3.355  -0.715  1.00 12.70 ? 139 LEU A O   1 
ATOM   682  C CB  . LEU A 1 95  ? -3.000  -2.883  1.922   1.00 11.42 ? 139 LEU A CB  1 
ATOM   683  C CG  . LEU A 1 95  ? -3.425  -2.261  3.262   1.00 12.31 ? 139 LEU A CG  1 
ATOM   684  C CD1 . LEU A 1 95  ? -4.942  -2.139  3.353   1.00 13.16 ? 139 LEU A CD1 1 
ATOM   685  C CD2 . LEU A 1 95  ? -2.868  -3.117  4.392   1.00 13.86 ? 139 LEU A CD2 1 
ATOM   686  N N   . ASN A 1 96  ? -0.702  -4.936  0.697   1.00 11.78 ? 140 ASN A N   1 
ATOM   687  C CA  . ASN A 1 96  ? -0.574  -5.986  -0.335  1.00 12.29 ? 140 ASN A CA  1 
ATOM   688  C C   . ASN A 1 96  ? -1.946  -6.467  -0.743  1.00 13.39 ? 140 ASN A C   1 
ATOM   689  O O   . ASN A 1 96  ? -2.819  -6.649  0.105   1.00 13.95 ? 140 ASN A O   1 
ATOM   690  C CB  . ASN A 1 96  ? 0.259   -7.120  0.212   1.00 12.00 ? 140 ASN A CB  1 
ATOM   691  C CG  . ASN A 1 96  ? 1.667   -6.678  0.512   1.00 14.15 ? 140 ASN A CG  1 
ATOM   692  O OD1 . ASN A 1 96  ? 2.214   -5.838  -0.225  1.00 15.38 ? 140 ASN A OD1 1 
ATOM   693  N ND2 . ASN A 1 96  ? 2.232   -7.166  1.593   1.00 12.64 ? 140 ASN A ND2 1 
ATOM   694  N N   . ASP A 1 97  ? -2.110  -6.799  -2.021  1.00 13.38 ? 141 ASP A N   1 
ATOM   695  C CA  . ASP A 1 97  ? -3.374  -7.339  -2.464  1.00 13.45 ? 141 ASP A CA  1 
ATOM   696  C C   . ASP A 1 97  ? -3.638  -8.762  -1.978  1.00 14.19 ? 141 ASP A C   1 
ATOM   697  O O   . ASP A 1 97  ? -4.792  -9.078  -1.665  1.00 17.36 ? 141 ASP A O   1 
ATOM   698  C CB  . ASP A 1 97  ? -3.462  -7.297  -4.004  1.00 14.74 ? 141 ASP A CB  1 
ATOM   699  C CG  . ASP A 1 97  ? -3.886  -5.943  -4.545  1.00 15.31 ? 141 ASP A CG  1 
ATOM   700  O OD1 . ASP A 1 97  ? -4.622  -5.208  -3.860  1.00 15.69 ? 141 ASP A OD1 1 
ATOM   701  O OD2 . ASP A 1 97  ? -3.461  -5.587  -5.678  1.00 17.70 ? 141 ASP A OD2 1 
ATOM   702  N N   . TYR A 1 98  ? -2.597  -9.597  -1.888  1.00 13.31 ? 142 TYR A N   1 
ATOM   703  C CA  . TYR A 1 98  ? -2.675  -10.852 -1.132  1.00 15.06 ? 142 TYR A CA  1 
ATOM   704  C C   . TYR A 1 98  ? -2.484  -10.525 0.345   1.00 13.32 ? 142 TYR A C   1 
ATOM   705  O O   . TYR A 1 98  ? -1.358  -10.376 0.832   1.00 13.10 ? 142 TYR A O   1 
ATOM   706  C CB  . TYR A 1 98  ? -1.617  -11.867 -1.628  1.00 15.98 ? 142 TYR A CB  1 
ATOM   707  C CG  . TYR A 1 98  ? -1.747  -13.231 -0.958  1.00 16.52 ? 142 TYR A CG  1 
ATOM   708  C CD1 . TYR A 1 98  ? -2.752  -14.127 -1.336  1.00 26.54 ? 142 TYR A CD1 1 
ATOM   709  C CD2 . TYR A 1 98  ? -0.912  -13.578 0.085   1.00 16.39 ? 142 TYR A CD2 1 
ATOM   710  C CE1 . TYR A 1 98  ? -2.844  -15.366 -0.717  1.00 24.43 ? 142 TYR A CE1 1 
ATOM   711  C CE2 . TYR A 1 98  ? -1.002  -14.811 0.711   1.00 23.26 ? 142 TYR A CE2 1 
ATOM   712  C CZ  . TYR A 1 98  ? -2.012  -15.661 0.349   1.00 26.86 ? 142 TYR A CZ  1 
ATOM   713  O OH  . TYR A 1 98  ? -2.093  -16.880 1.004   1.00 30.26 ? 142 TYR A OH  1 
ATOM   714  N N   . ARG A 1 99  ? -3.613  -10.337 1.034   1.00 12.96 ? 143 ARG A N   1 
ATOM   715  C CA  . ARG A 1 99  ? -3.564  -9.722  2.373   1.00 12.54 ? 143 ARG A CA  1 
ATOM   716  C C   . ARG A 1 99  ? -2.895  -10.581 3.442   1.00 14.17 ? 143 ARG A C   1 
ATOM   717  O O   . ARG A 1 99  ? -2.341  -10.056 4.395   1.00 14.85 ? 143 ARG A O   1 
ATOM   718  C CB  . ARG A 1 99  ? -4.959  -9.266  2.835   1.00 14.76 ? 143 ARG A CB  1 
ATOM   719  C CG  . ARG A 1 99  ? -5.559  -8.172  1.984   1.00 14.02 ? 143 ARG A CG  1 
ATOM   720  C CD  . ARG A 1 99  ? -4.937  -6.835  2.364   1.00 14.78 ? 143 ARG A CD  1 
ATOM   721  N NE  . ARG A 1 99  ? -5.206  -5.805  1.372   1.00 12.63 ? 143 ARG A NE  1 
ATOM   722  C CZ  . ARG A 1 99  ? -6.231  -4.952  1.411   1.00 13.47 ? 143 ARG A CZ  1 
ATOM   723  N NH1 . ARG A 1 99  ? -7.147  -5.041  2.400   1.00 13.85 ? 143 ARG A NH1 1 
ATOM   724  N NH2 . ARG A 1 99  ? -6.380  -4.041  0.456   1.00 14.19 ? 143 ARG A NH2 1 
ATOM   725  N N   . GLU A 1 100 ? -2.833  -11.908 3.245   1.00 13.65 ? 144 GLU A N   1 
ATOM   726  C CA  . GLU A 1 100 ? -2.074  -12.698 4.174   1.00 15.60 ? 144 GLU A CA  1 
ATOM   727  C C   . GLU A 1 100 ? -0.544  -12.630 4.077   1.00 15.46 ? 144 GLU A C   1 
ATOM   728  O O   . GLU A 1 100 ? 0.158   -13.214 4.911   1.00 18.93 ? 144 GLU A O   1 
ATOM   729  C CB  . GLU A 1 100 ? -2.589  -14.150 4.218   1.00 17.61 ? 144 GLU A CB  1 
ATOM   730  C CG  . GLU A 1 100 ? -3.936  -14.260 4.928   1.00 18.77 ? 144 GLU A CG  1 
ATOM   731  C CD  . GLU A 1 100 ? -3.834  -13.906 6.414   1.00 23.48 ? 144 GLU A CD  1 
ATOM   732  O OE1 . GLU A 1 100 ? -3.586  -14.820 7.212   1.00 25.77 ? 144 GLU A OE1 1 
ATOM   733  O OE2 . GLU A 1 100 ? -3.825  -12.704 6.785   1.00 20.26 ? 144 GLU A OE2 1 
ATOM   734  N N   . GLU A 1 101 ? -0.036  -11.799 3.162   1.00 14.12 ? 145 GLU A N   1 
ATOM   735  C CA  . GLU A 1 101 ? 1.340   -11.381 3.251   1.00 15.40 ? 145 GLU A CA  1 
ATOM   736  C C   . GLU A 1 101 ? 1.301   -10.019 3.971   1.00 13.40 ? 145 GLU A C   1 
ATOM   737  O O   . GLU A 1 101 ? 0.941   -8.997  3.366   1.00 14.96 ? 145 GLU A O   1 
ATOM   738  C CB  . GLU A 1 101 ? 1.954   -11.273 1.839   1.00 17.07 ? 145 GLU A CB  1 
ATOM   739  C CG  . GLU A 1 101 ? 3.489   -11.325 1.827   1.00 14.83 ? 145 GLU A CG  1 
ATOM   740  C CD  . GLU A 1 101 ? 4.090   -10.101 2.513   1.00 16.99 ? 145 GLU A CD  1 
ATOM   741  O OE1 . GLU A 1 101 ? 4.261   -10.145 3.747   1.00 21.11 ? 145 GLU A OE1 1 
ATOM   742  O OE2 . GLU A 1 101 ? 4.422   -9.148  1.793   1.00 19.41 ? 145 GLU A OE2 1 
ATOM   743  N N   . ARG A 1 102 ? 1.461   -10.091 5.285   1.00 14.63 ? 146 ARG A N   1 
ATOM   744  C CA  . ARG A 1 102 ? 1.114   -8.945  6.166   1.00 14.76 ? 146 ARG A CA  1 
ATOM   745  C C   . ARG A 1 102 ? 2.262   -7.973  6.378   1.00 13.87 ? 146 ARG A C   1 
ATOM   746  O O   . ARG A 1 102 ? 2.121   -7.020  7.147   1.00 14.62 ? 146 ARG A O   1 
ATOM   747  C CB  . ARG A 1 102 ? 0.656   -9.455  7.529   1.00 14.45 ? 146 ARG A CB  1 
ATOM   748  C CG  . ARG A 1 102 ? -0.513  -10.423 7.429   1.00 14.51 ? 146 ARG A CG  1 
ATOM   749  C CD  . ARG A 1 102 ? -1.128  -10.588 8.823   1.00 15.52 ? 146 ARG A CD  1 
ATOM   750  N NE  . ARG A 1 102 ? -2.118  -11.670 8.834   1.00 19.27 ? 146 ARG A NE  1 
ATOM   751  C CZ  . ARG A 1 102 ? -2.458  -12.368 9.917   1.00 20.75 ? 146 ARG A CZ  1 
ATOM   752  N NH1 . ARG A 1 102 ? -2.110  -11.948 11.116  1.00 20.02 ? 146 ARG A NH1 1 
ATOM   753  N NH2 . ARG A 1 102 ? -3.241  -13.437 9.800   1.00 21.36 ? 146 ARG A NH2 1 
ATOM   754  N N   . LEU A 1 103 ? 3.387   -8.156  5.665   1.00 12.87 ? 147 LEU A N   1 
ATOM   755  C CA  . LEU A 1 103 ? 4.517   -7.258  5.827   1.00 13.96 ? 147 LEU A CA  1 
ATOM   756  C C   . LEU A 1 103 ? 4.422   -6.021  4.914   1.00 14.15 ? 147 LEU A C   1 
ATOM   757  O O   . LEU A 1 103 ? 5.291   -5.753  4.078   1.00 15.37 ? 147 LEU A O   1 
ATOM   758  C CB  . LEU A 1 103 ? 5.842   -8.008  5.630   1.00 15.24 ? 147 LEU A CB  1 
ATOM   759  C CG  . LEU A 1 103 ? 6.082   -9.137  6.626   1.00 16.11 ? 147 LEU A CG  1 
ATOM   760  C CD1 . LEU A 1 103 ? 7.352   -9.880  6.230   1.00 17.70 ? 147 LEU A CD1 1 
ATOM   761  C CD2 . LEU A 1 103 ? 6.249   -8.572  8.021   1.00 17.98 ? 147 LEU A CD2 1 
ATOM   762  N N   . ASP A 1 104 ? 3.294   -5.323  5.022   1.00 11.73 ? 148 ASP A N   1 
ATOM   763  C CA  . ASP A 1 104 ? 3.085   -4.032  4.345   1.00 11.45 ? 148 ASP A CA  1 
ATOM   764  C C   . ASP A 1 104 ? 2.961   -2.979  5.442   1.00 12.57 ? 148 ASP A C   1 
ATOM   765  O O   . ASP A 1 104 ? 3.650   -3.097  6.445   1.00 12.32 ? 148 ASP A O   1 
ATOM   766  C CB  . ASP A 1 104 ? 1.854   -4.107  3.425   1.00 11.07 ? 148 ASP A CB  1 
ATOM   767  C CG  . ASP A 1 104 ? 0.615   -4.666  4.114   1.00 12.09 ? 148 ASP A CG  1 
ATOM   768  O OD1 . ASP A 1 104 ? 0.461   -4.516  5.359   1.00 12.37 ? 148 ASP A OD1 1 
ATOM   769  O OD2 . ASP A 1 104 ? -0.215  -5.285  3.408   1.00 12.12 ? 148 ASP A OD2 1 
ATOM   770  N N   . SER A 1 105 ? 2.179   -1.922  5.248   1.00 11.55 ? 149 SER A N   1 
ATOM   771  C CA  . SER A 1 105 ? 2.108   -0.917  6.318   1.00 12.16 ? 149 SER A CA  1 
ATOM   772  C C   . SER A 1 105 ? 1.507   -1.481  7.593   1.00 13.12 ? 149 SER A C   1 
ATOM   773  O O   . SER A 1 105 ? 1.605   -0.853  8.649   1.00 12.27 ? 149 SER A O   1 
ATOM   774  C CB  . SER A 1 105 ? 1.349   0.336   5.863   1.00 11.96 ? 149 SER A CB  1 
ATOM   775  O OG  . SER A 1 105 ? 2.136   1.056   4.922   1.00 11.37 ? 149 SER A OG  1 
ATOM   776  N N   . ARG A 1 106 ? 0.843   -2.640  7.524   1.00 12.13 ? 150 ARG A N   1 
ATOM   777  C CA  . ARG A 1 106 ? 0.405   -3.281  8.761   1.00 13.06 ? 150 ARG A CA  1 
ATOM   778  C C   . ARG A 1 106 ? 1.560   -3.663  9.688   1.00 13.14 ? 150 ARG A C   1 
ATOM   779  O O   . ARG A 1 106 ? 1.356   -3.801  10.883  1.00 15.93 ? 150 ARG A O   1 
ATOM   780  C CB  . ARG A 1 106 ? -0.482  -4.511  8.490   1.00 11.86 ? 150 ARG A CB  1 
ATOM   781  C CG  . ARG A 1 106 ? -1.835  -4.111  7.889   1.00 11.78 ? 150 ARG A CG  1 
ATOM   782  C CD  . ARG A 1 106 ? -2.630  -5.342  7.458   1.00 12.73 ? 150 ARG A CD  1 
ATOM   783  N NE  . ARG A 1 106 ? -1.982  -5.893  6.269   1.00 12.36 ? 150 ARG A NE  1 
ATOM   784  C CZ  . ARG A 1 106 ? -2.306  -7.059  5.707   1.00 14.66 ? 150 ARG A CZ  1 
ATOM   785  N NH1 . ARG A 1 106 ? -3.230  -7.855  6.280   1.00 13.54 ? 150 ARG A NH1 1 
ATOM   786  N NH2 . ARG A 1 106 ? -1.743  -7.368  4.529   1.00 12.54 ? 150 ARG A NH2 1 
ATOM   787  N N   . TYR A 1 107 ? 2.770   -3.821  9.147   1.00 11.85 ? 151 TYR A N   1 
ATOM   788  C CA  . TYR A 1 107 ? 3.947   -4.062  9.972   1.00 13.20 ? 151 TYR A CA  1 
ATOM   789  C C   . TYR A 1 107 ? 4.776   -2.780  10.066  1.00 13.32 ? 151 TYR A C   1 
ATOM   790  O O   . TYR A 1 107 ? 5.249   -2.398  11.158  1.00 14.94 ? 151 TYR A O   1 
ATOM   791  C CB  . TYR A 1 107 ? 4.784   -5.191  9.346   1.00 14.01 ? 151 TYR A CB  1 
ATOM   792  C CG  . TYR A 1 107 ? 6.011   -5.528  10.146  1.00 15.46 ? 151 TYR A CG  1 
ATOM   793  C CD1 . TYR A 1 107 ? 5.911   -6.258  11.319  1.00 20.94 ? 151 TYR A CD1 1 
ATOM   794  C CD2 . TYR A 1 107 ? 7.261   -5.143  9.705   1.00 19.44 ? 151 TYR A CD2 1 
ATOM   795  C CE1 . TYR A 1 107 ? 7.042   -6.576  12.062  1.00 24.89 ? 151 TYR A CE1 1 
ATOM   796  C CE2 . TYR A 1 107 ? 8.388   -5.346  10.495  1.00 24.28 ? 151 TYR A CE2 1 
ATOM   797  C CZ  . TYR A 1 107 ? 8.272   -6.094  11.656  1.00 28.73 ? 151 TYR A CZ  1 
ATOM   798  O OH  . TYR A 1 107 ? 9.404   -6.466  12.351  1.00 29.67 ? 151 TYR A OH  1 
ATOM   799  N N   . TYR A 1 108 ? 5.005   -2.129  8.924   1.00 12.20 ? 152 TYR A N   1 
ATOM   800  C CA  . TYR A 1 108 ? 5.995   -1.050  8.831   1.00 14.71 ? 152 TYR A CA  1 
ATOM   801  C C   . TYR A 1 108 ? 5.444   0.329   9.188   1.00 13.63 ? 152 TYR A C   1 
ATOM   802  O O   . TYR A 1 108 ? 6.197   1.299   9.270   1.00 15.60 ? 152 TYR A O   1 
ATOM   803  C CB  . TYR A 1 108 ? 6.609   -1.018  7.423   1.00 12.75 ? 152 TYR A CB  1 
ATOM   804  C CG  . TYR A 1 108 ? 7.494   -2.232  7.176   1.00 12.97 ? 152 TYR A CG  1 
ATOM   805  C CD1 . TYR A 1 108 ? 8.777   -2.306  7.706   1.00 15.61 ? 152 TYR A CD1 1 
ATOM   806  C CD2 . TYR A 1 108 ? 7.040   -3.292  6.388   1.00 13.67 ? 152 TYR A CD2 1 
ATOM   807  C CE1 . TYR A 1 108 ? 9.558   -3.434  7.526   1.00 16.15 ? 152 TYR A CE1 1 
ATOM   808  C CE2 . TYR A 1 108 ? 7.843   -4.407  6.157   1.00 15.70 ? 152 TYR A CE2 1 
ATOM   809  C CZ  . TYR A 1 108 ? 9.095   -4.469  6.731   1.00 17.79 ? 152 TYR A CZ  1 
ATOM   810  O OH  . TYR A 1 108 ? 9.912   -5.546  6.441   1.00 20.47 ? 152 TYR A OH  1 
ATOM   811  N N   . GLY A 1 109 ? 4.126   0.430   9.325   1.00 14.04 ? 153 GLY A N   1 
ATOM   812  C CA  . GLY A 1 109 ? 3.475   1.726   9.311   1.00 13.49 ? 153 GLY A CA  1 
ATOM   813  C C   . GLY A 1 109 ? 3.393   2.352   7.929   1.00 13.38 ? 153 GLY A C   1 
ATOM   814  O O   . GLY A 1 109 ? 3.818   1.764   6.915   1.00 12.37 ? 153 GLY A O   1 
ATOM   815  N N   . ALA A 1 110 ? 2.814   3.543   7.851   1.00 12.41 ? 154 ALA A N   1 
ATOM   816  C CA  . ALA A 1 110 ? 2.760   4.248   6.583   1.00 11.93 ? 154 ALA A CA  1 
ATOM   817  C C   . ALA A 1 110 ? 4.156   4.688   6.132   1.00 12.14 ? 154 ALA A C   1 
ATOM   818  O O   . ALA A 1 110 ? 5.064   4.846   6.962   1.00 15.17 ? 154 ALA A O   1 
ATOM   819  C CB  . ALA A 1 110 ? 1.843   5.482   6.715   1.00 15.18 ? 154 ALA A CB  1 
ATOM   820  N N   . LEU A 1 111 ? 4.352   4.767   4.820   1.00 13.95 ? 155 LEU A N   1 
ATOM   821  C CA  . LEU A 1 111 ? 5.718   4.926   4.274   1.00 14.51 ? 155 LEU A CA  1 
ATOM   822  C C   . LEU A 1 111 ? 5.870   6.346   3.746   1.00 13.51 ? 155 LEU A C   1 
ATOM   823  O O   . LEU A 1 111 ? 5.014   6.862   3.040   1.00 15.37 ? 155 LEU A O   1 
ATOM   824  C CB  . LEU A 1 111 ? 5.957   3.907   3.136   1.00 13.53 ? 155 LEU A CB  1 
ATOM   825  C CG  . LEU A 1 111 ? 5.708   2.446   3.486   1.00 15.20 ? 155 LEU A CG  1 
ATOM   826  C CD1 . LEU A 1 111 ? 6.048   1.603   2.229   1.00 15.46 ? 155 LEU A CD1 1 
ATOM   827  C CD2 . LEU A 1 111 ? 6.525   2.041   4.710   1.00 16.00 ? 155 LEU A CD2 1 
ATOM   828  N N   . PRO A 1 112 ? 7.036   6.964   4.018   1.00 15.04 ? 156 PRO A N   1 
ATOM   829  C CA  . PRO A 1 112 ? 7.307   8.256   3.356   1.00 16.34 ? 156 PRO A CA  1 
ATOM   830  C C   . PRO A 1 112 ? 7.489   8.139   1.850   1.00 15.51 ? 156 PRO A C   1 
ATOM   831  O O   . PRO A 1 112 ? 7.807   7.056   1.336   1.00 14.61 ? 156 PRO A O   1 
ATOM   832  C CB  . PRO A 1 112 ? 8.633   8.702   3.993   1.00 19.70 ? 156 PRO A CB  1 
ATOM   833  C CG  . PRO A 1 112 ? 9.277   7.465   4.487   1.00 20.88 ? 156 PRO A CG  1 
ATOM   834  C CD  . PRO A 1 112 ? 8.184   6.432   4.767   1.00 18.51 ? 156 PRO A CD  1 
ATOM   835  N N   . ILE A 1 113 ? 7.334   9.250   1.136   1.00 19.02 ? 157 ILE A N   1 
ATOM   836  C CA  . ILE A 1 113 ? 7.332   9.204   -0.342  1.00 20.06 ? 157 ILE A CA  1 
ATOM   837  C C   . ILE A 1 113 ? 8.627   8.685   -0.944  1.00 19.20 ? 157 ILE A C   1 
ATOM   838  O O   . ILE A 1 113 ? 8.607   8.130   -2.041  1.00 21.04 ? 157 ILE A O   1 
ATOM   839  C CB  . ILE A 1 113 ? 6.949   10.569  -0.977  1.00 24.89 ? 157 ILE A CB  1 
ATOM   840  C CG1 . ILE A 1 113 ? 6.357   10.366  -2.388  1.00 23.82 ? 157 ILE A CG1 1 
ATOM   841  C CG2 . ILE A 1 113 ? 8.147   11.521  -0.918  1.00 28.42 ? 157 ILE A CG2 1 
ATOM   842  C CD1 . ILE A 1 113 ? 5.812   11.613  -3.056  1.00 31.51 ? 157 ILE A CD1 1 
ATOM   843  N N   . ASN A 1 114 ? 9.759   8.853   -0.258  1.00 19.25 ? 158 ASN A N   1 
ATOM   844  C CA  . ASN A 1 114 ? 11.020  8.353   -0.789  1.00 20.89 ? 158 ASN A CA  1 
ATOM   845  C C   . ASN A 1 114 ? 11.037  6.837   -0.864  1.00 19.10 ? 158 ASN A C   1 
ATOM   846  O O   . ASN A 1 114 ? 11.883  6.262   -1.541  1.00 24.35 ? 158 ASN A O   1 
ATOM   847  C CB  . ASN A 1 114 ? 12.218  8.822   0.046   1.00 26.71 ? 158 ASN A CB  1 
ATOM   848  C CG  . ASN A 1 114 ? 12.128  8.378   1.497   1.00 23.19 ? 158 ASN A CG  1 
ATOM   849  O OD1 . ASN A 1 114 ? 11.389  8.960   2.273   1.00 31.95 ? 158 ASN A OD1 1 
ATOM   850  N ND2 . ASN A 1 114 ? 12.871  7.342   1.863   1.00 35.82 ? 158 ASN A ND2 1 
ATOM   851  N N   . GLN A 1 115 ? 10.118  6.186   -0.138  1.00 16.18 ? 159 GLN A N   1 
ATOM   852  C CA  . GLN A 1 115 ? 10.040  4.736   -0.165  1.00 13.02 ? 159 GLN A CA  1 
ATOM   853  C C   . GLN A 1 115 ? 8.988   4.249   -1.164  1.00 13.13 ? 159 GLN A C   1 
ATOM   854  O O   . GLN A 1 115 ? 8.711   3.034   -1.215  1.00 16.11 ? 159 GLN A O   1 
ATOM   855  C CB  . GLN A 1 115 ? 9.745   4.176   1.210   1.00 12.40 ? 159 GLN A CB  1 
ATOM   856  C CG  . GLN A 1 115 ? 11.006  4.172   2.118   1.00 14.25 ? 159 GLN A CG  1 
ATOM   857  C CD  . GLN A 1 115 ? 10.718  3.780   3.545   1.00 16.28 ? 159 GLN A CD  1 
ATOM   858  O OE1 . GLN A 1 115 ? 10.940  4.589   4.470   1.00 18.45 ? 159 GLN A OE1 1 
ATOM   859  N NE2 . GLN A 1 115 ? 10.257  2.532   3.769   1.00 15.29 ? 159 GLN A NE2 1 
ATOM   860  N N   . ILE A 1 116 ? 8.348   5.175   -1.858  1.00 13.79 ? 160 ILE A N   1 
ATOM   861  C CA  . ILE A 1 116 ? 7.482   4.816   -2.995  1.00 14.54 ? 160 ILE A CA  1 
ATOM   862  C C   . ILE A 1 116 ? 8.273   5.035   -4.289  1.00 15.19 ? 160 ILE A C   1 
ATOM   863  O O   . ILE A 1 116 ? 8.699   6.164   -4.596  1.00 16.10 ? 160 ILE A O   1 
ATOM   864  C CB  . ILE A 1 116 ? 6.182   5.645   -3.012  1.00 15.96 ? 160 ILE A CB  1 
ATOM   865  C CG1 . ILE A 1 116 ? 5.471   5.590   -1.651  1.00 18.68 ? 160 ILE A CG1 1 
ATOM   866  C CG2 . ILE A 1 116 ? 5.337   5.310   -4.245  1.00 16.81 ? 160 ILE A CG2 1 
ATOM   867  C CD1 . ILE A 1 116 ? 4.977   4.225   -1.208  1.00 20.28 ? 160 ILE A CD1 1 
ATOM   868  N N   . LYS A 1 117 ? 8.617   3.935   -4.953  1.00 14.99 ? 161 LYS A N   1 
ATOM   869  C CA  . LYS A 1 117 ? 9.486   4.013   -6.119  1.00 15.17 ? 161 LYS A CA  1 
ATOM   870  C C   . LYS A 1 117 ? 8.734   4.459   -7.377  1.00 18.87 ? 161 LYS A C   1 
ATOM   871  O O   . LYS A 1 117 ? 9.327   5.036   -8.293  1.00 20.67 ? 161 LYS A O   1 
ATOM   872  C CB  . LYS A 1 117 ? 10.203  2.687   -6.361  1.00 18.21 ? 161 LYS A CB  1 
ATOM   873  C CG  . LYS A 1 117 ? 11.076  2.233   -5.207  1.00 22.44 ? 161 LYS A CG  1 
ATOM   874  C CD  . LYS A 1 117 ? 12.208  3.223   -4.932  1.00 27.68 ? 161 LYS A CD  1 
ATOM   875  C CE  . LYS A 1 117 ? 12.746  3.046   -3.517  1.00 34.22 ? 161 LYS A CE  1 
ATOM   876  N NZ  . LYS A 1 117 ? 13.436  4.249   -2.975  1.00 36.19 ? 161 LYS A NZ  1 
ATOM   877  N N   . GLY A 1 118 ? 7.418   4.254   -7.399  1.00 14.27 ? 162 GLY A N   1 
ATOM   878  C CA  . GLY A 1 118 ? 6.602   4.761   -8.489  1.00 14.88 ? 162 GLY A CA  1 
ATOM   879  C C   . GLY A 1 118 ? 5.339   3.934   -8.637  1.00 14.00 ? 162 GLY A C   1 
ATOM   880  O O   . GLY A 1 118 ? 5.170   2.946   -7.922  1.00 14.80 ? 162 GLY A O   1 
ATOM   881  N N   . LYS A 1 119 ? 4.435   4.395   -9.492  1.00 14.53 ? 163 LYS A N   1 
ATOM   882  C CA  . LYS A 1 119 ? 3.136   3.744   -9.729  1.00 13.39 ? 163 LYS A CA  1 
ATOM   883  C C   . LYS A 1 119 ? 3.230   2.861   -10.989 1.00 14.02 ? 163 LYS A C   1 
ATOM   884  O O   . LYS A 1 119 ? 3.753   3.280   -12.013 1.00 14.09 ? 163 LYS A O   1 
ATOM   885  C CB  . LYS A 1 119 ? 2.052   4.834   -9.948  1.00 14.81 ? 163 LYS A CB  1 
ATOM   886  C CG  . LYS A 1 119 ? 0.744   4.269   -10.504 1.00 17.11 ? 163 LYS A CG  1 
ATOM   887  C CD  . LYS A 1 119 ? -0.198  5.397   -10.926 1.00 20.70 ? 163 LYS A CD  1 
ATOM   888  C CE  . LYS A 1 119 ? -1.478  4.828   -11.513 1.00 28.35 ? 163 LYS A CE  1 
ATOM   889  N NZ  . LYS A 1 119 ? -2.543  5.866   -11.505 1.00 39.45 ? 163 LYS A NZ  1 
ATOM   890  N N   . ILE A 1 120 ? 2.660   1.655   -10.944 1.00 12.09 ? 164 ILE A N   1 
ATOM   891  C CA  . ILE A 1 120 ? 2.553   0.844   -12.150 1.00 13.09 ? 164 ILE A CA  1 
ATOM   892  C C   . ILE A 1 120 ? 1.155   1.065   -12.722 1.00 14.29 ? 164 ILE A C   1 
ATOM   893  O O   . ILE A 1 120 ? 0.158   0.778   -12.034 1.00 15.84 ? 164 ILE A O   1 
ATOM   894  C CB  . ILE A 1 120 ? 2.675   -0.645  -11.821 1.00 13.47 ? 164 ILE A CB  1 
ATOM   895  C CG1 . ILE A 1 120 ? 3.951   -0.895  -10.973 1.00 12.94 ? 164 ILE A CG1 1 
ATOM   896  C CG2 . ILE A 1 120 ? 2.696   -1.445  -13.114 1.00 13.73 ? 164 ILE A CG2 1 
ATOM   897  C CD1 . ILE A 1 120 ? 4.033   -2.333  -10.475 1.00 14.03 ? 164 ILE A CD1 1 
ATOM   898  N N   . SER A 1 121 ? 1.099   1.543   -13.967 1.00 14.77 ? 165 SER A N   1 
ATOM   899  C CA  . SER A 1 121 ? -0.197  1.733   -14.643 1.00 15.12 ? 165 SER A CA  1 
ATOM   900  C C   . SER A 1 121 ? -0.515  0.543   -15.538 1.00 16.44 ? 165 SER A C   1 
ATOM   901  O O   . SER A 1 121 ? -1.682  0.205   -15.725 1.00 16.46 ? 165 SER A O   1 
ATOM   902  C CB  . SER A 1 121 ? -0.165  2.989   -15.528 1.00 19.18 ? 165 SER A CB  1 
ATOM   903  O OG  . SER A 1 121 ? -0.037  4.179   -14.748 1.00 25.42 ? 165 SER A OG  1 
ATOM   904  N N   . THR A 1 122 ? 0.525   -0.056  -16.124 1.00 14.66 ? 166 THR A N   1 
ATOM   905  C CA  . THR A 1 122 ? 0.369   -1.194  -17.037 1.00 14.47 ? 166 THR A CA  1 
ATOM   906  C C   . THR A 1 122 ? 1.461   -2.192  -16.780 1.00 13.90 ? 166 THR A C   1 
ATOM   907  O O   . THR A 1 122 ? 2.614   -1.793  -16.543 1.00 16.06 ? 166 THR A O   1 
ATOM   908  C CB  . THR A 1 122 ? 0.520   -0.769  -18.514 1.00 18.77 ? 166 THR A CB  1 
ATOM   909  O OG1 . THR A 1 122 ? -0.443  0.257   -18.805 1.00 22.23 ? 166 THR A OG1 1 
ATOM   910  C CG2 . THR A 1 122 ? 0.273   -1.956  -19.451 1.00 21.07 ? 166 THR A CG2 1 
ATOM   911  N N   . LEU A 1 123 ? 1.118   -3.467  -16.820 1.00 14.35 ? 167 LEU A N   1 
ATOM   912  C CA  . LEU A 1 123 ? 2.147   -4.523  -16.931 1.00 14.31 ? 167 LEU A CA  1 
ATOM   913  C C   . LEU A 1 123 ? 2.090   -5.138  -18.317 1.00 16.51 ? 167 LEU A C   1 
ATOM   914  O O   . LEU A 1 123 ? 1.010   -5.431  -18.837 1.00 15.43 ? 167 LEU A O   1 
ATOM   915  C CB  . LEU A 1 123 ? 1.924   -5.622  -15.890 1.00 13.62 ? 167 LEU A CB  1 
ATOM   916  C CG  . LEU A 1 123 ? 2.201   -5.213  -14.439 1.00 14.27 ? 167 LEU A CG  1 
ATOM   917  C CD1 . LEU A 1 123 ? 1.782   -6.391  -13.525 1.00 15.04 ? 167 LEU A CD1 1 
ATOM   918  C CD2 . LEU A 1 123 ? 3.701   -4.926  -14.323 1.00 14.43 ? 167 LEU A CD2 1 
ATOM   919  N N   . LEU A 1 124 ? 3.251   -5.431  -18.890 1.00 16.57 ? 168 LEU A N   1 
ATOM   920  C CA  . LEU A 1 124 ? 3.293   -6.254  -20.108 1.00 16.58 ? 168 LEU A CA  1 
ATOM   921  C C   . LEU A 1 124 ? 3.321   -7.713  -19.687 1.00 18.83 ? 168 LEU A C   1 
ATOM   922  O O   . LEU A 1 124 ? 4.063   -8.095  -18.774 1.00 21.26 ? 168 LEU A O   1 
ATOM   923  C CB  . LEU A 1 124 ? 4.570   -5.933  -20.897 1.00 17.05 ? 168 LEU A CB  1 
ATOM   924  C CG  . LEU A 1 124 ? 4.503   -4.750  -21.862 1.00 24.63 ? 168 LEU A CG  1 
ATOM   925  C CD1 . LEU A 1 124 ? 4.200   -3.450  -21.139 1.00 32.18 ? 168 LEU A CD1 1 
ATOM   926  C CD2 . LEU A 1 124 ? 5.824   -4.648  -22.602 1.00 26.32 ? 168 LEU A CD2 1 
ATOM   927  N N   . ARG A 1 125 ? 2.511   -8.550  -20.333 1.00 14.72 ? 169 ARG A N   1 
ATOM   928  C CA  . ARG A 1 125 ? 2.402   -9.912  -19.843 1.00 16.09 ? 169 ARG A CA  1 
ATOM   929  C C   . ARG A 1 125 ? 2.278   -10.930 -20.981 1.00 18.51 ? 169 ARG A C   1 
ATOM   930  O O   . ARG A 1 125 ? 1.605   -10.664 -21.969 1.00 20.21 ? 169 ARG A O   1 
ATOM   931  C CB  . ARG A 1 125 ? 1.172   -10.030 -18.927 1.00 21.54 ? 169 ARG A CB  1 
ATOM   932  C CG  . ARG A 1 125 ? 1.153   -11.295 -18.076 1.00 31.80 ? 169 ARG A CG  1 
ATOM   933  C CD  . ARG A 1 125 ? -0.190  -11.439 -17.352 1.00 41.11 ? 169 ARG A CD  1 
ATOM   934  N NE  . ARG A 1 125 ? -0.528  -12.832 -17.050 1.00 45.49 ? 169 ARG A NE  1 
ATOM   935  C CZ  . ARG A 1 125 ? -1.010  -13.708 -17.935 1.00 53.37 ? 169 ARG A CZ  1 
ATOM   936  N NH1 . ARG A 1 125 ? -1.258  -14.959 -17.565 1.00 54.87 ? 169 ARG A NH1 1 
ATOM   937  N NH2 . ARG A 1 125 ? -1.207  -13.352 -19.200 1.00 40.45 ? 169 ARG A NH2 1 
ATOM   938  N N   . VAL A 1 126 ? 3.095   -11.975 -20.924 1.00 17.91 ? 170 VAL A N   1 
ATOM   939  C CA  . VAL A 1 126 ? 2.976   -13.107 -21.851 1.00 21.84 ? 170 VAL A CA  1 
ATOM   940  C C   . VAL A 1 126 ? 1.623   -13.801 -21.662 1.00 21.94 ? 170 VAL A C   1 
ATOM   941  O O   . VAL A 1 126 ? 1.202   -14.035 -20.535 1.00 25.57 ? 170 VAL A O   1 
ATOM   942  C CB  . VAL A 1 126 ? 4.126   -14.094 -21.594 1.00 23.05 ? 170 VAL A CB  1 
ATOM   943  C CG1 . VAL A 1 126 ? 3.936   -15.394 -22.383 1.00 29.59 ? 170 VAL A CG1 1 
ATOM   944  C CG2 . VAL A 1 126 ? 5.435   -13.425 -21.973 1.00 23.24 ? 170 VAL A CG2 1 
ATOM   945  N N   . ARG A 1 127 ? 0.931   -14.109 -22.764 1.00 29.97 ? 171 ARG A N   1 
ATOM   946  C CA  . ARG A 1 127 ? -0.414  -14.731 -22.681 1.00 33.25 ? 171 ARG A CA  1 
ATOM   947  C C   . ARG A 1 127 ? -0.509  -15.859 -21.665 1.00 39.08 ? 171 ARG A C   1 
ATOM   948  O O   . ARG A 1 127 ? 0.305   -16.785 -21.674 1.00 34.46 ? 171 ARG A O   1 
ATOM   949  C CB  . ARG A 1 127 ? -0.875  -15.246 -24.049 1.00 36.37 ? 171 ARG A CB  1 
HETATM 950  C C1  . EDO B 2 .   ? -7.386  -0.052  -0.710  1.00 35.64 ? 201 EDO A C1  1 
HETATM 951  O O1  . EDO B 2 .   ? -8.772  -0.316  -0.949  1.00 37.70 ? 201 EDO A O1  1 
HETATM 952  C C2  . EDO B 2 .   ? -6.583  -0.596  -1.882  1.00 28.90 ? 201 EDO A C2  1 
HETATM 953  O O2  . EDO B 2 .   ? -7.103  -0.124  -3.153  1.00 20.39 ? 201 EDO A O2  1 
HETATM 954  C C1  . EDO C 2 .   ? -4.149  1.269   -10.314 1.00 22.81 ? 202 EDO A C1  1 
HETATM 955  O O1  . EDO C 2 .   ? -4.466  2.585   -10.722 1.00 32.76 ? 202 EDO A O1  1 
HETATM 956  C C2  . EDO C 2 .   ? -2.904  0.971   -11.127 1.00 20.19 ? 202 EDO A C2  1 
HETATM 957  O O2  . EDO C 2 .   ? -1.872  1.693   -10.475 1.00 16.79 ? 202 EDO A O2  1 
HETATM 958  C C1  . EOH D 3 .   ? 16.307  -1.083  -2.407  1.00 29.47 ? 203 EOH A C1  1 
HETATM 959  C C2  . EOH D 3 .   ? 15.944  -0.005  -3.413  1.00 27.62 ? 203 EOH A C2  1 
HETATM 960  O O   . EOH D 3 .   ? 16.933  -0.468  -1.263  1.00 37.05 ? 203 EOH A O   1 
HETATM 961  C C1  . EOH E 3 .   ? -14.518 -7.040  4.009   1.00 38.75 ? 204 EOH A C1  1 
HETATM 962  C C2  . EOH E 3 .   ? -13.585 -5.828  3.869   1.00 18.94 ? 204 EOH A C2  1 
HETATM 963  O O   . EOH E 3 .   ? -13.817 -8.201  4.539   1.00 33.22 ? 204 EOH A O   1 
HETATM 964  C C1  . EOH F 3 .   ? 9.678   -8.127  2.980   1.00 38.57 ? 205 EOH A C1  1 
HETATM 965  C C2  . EOH F 3 .   ? 9.181   -7.116  3.985   1.00 24.54 ? 205 EOH A C2  1 
HETATM 966  O O   . EOH F 3 .   ? 8.640   -9.088  2.761   1.00 29.96 ? 205 EOH A O   1 
HETATM 967  O O   . HOH G 4 .   ? 0.864   -11.489 12.916  1.00 28.59 ? 301 HOH A O   1 
HETATM 968  O O   . HOH G 4 .   ? -9.087  -7.820  11.395  1.00 18.25 ? 302 HOH A O   1 
HETATM 969  O O   . HOH G 4 .   ? -4.250  -3.928  -1.467  1.00 14.00 ? 303 HOH A O   1 
HETATM 970  O O   . HOH G 4 .   ? -4.802  -13.400 1.678   1.00 23.06 ? 304 HOH A O   1 
HETATM 971  O O   . HOH G 4 .   ? -0.900  -4.143  14.494  1.00 15.60 ? 305 HOH A O   1 
HETATM 972  O O   . HOH G 4 .   ? -5.020  -10.329 6.125   1.00 14.30 ? 306 HOH A O   1 
HETATM 973  O O   . HOH G 4 .   ? -13.071 2.291   -1.964  1.00 30.23 ? 307 HOH A O   1 
HETATM 974  O O   . HOH G 4 .   ? -11.127 4.185   10.583  1.00 18.13 ? 308 HOH A O   1 
HETATM 975  O O   . HOH G 4 .   ? 0.158   -6.579  -3.830  1.00 13.91 ? 309 HOH A O   1 
HETATM 976  O O   . HOH G 4 .   ? -1.175  -4.503  11.775  1.00 15.00 ? 310 HOH A O   1 
HETATM 977  O O   . HOH G 4 .   ? -10.561 -5.446  4.208   1.00 22.03 ? 311 HOH A O   1 
HETATM 978  O O   . HOH G 4 .   ? 1.018   15.038  3.507   1.00 32.90 ? 312 HOH A O   1 
HETATM 979  O O   . HOH G 4 .   ? 12.192  -0.361  6.250   1.00 31.02 ? 313 HOH A O   1 
HETATM 980  O O   . HOH G 4 .   ? -4.475  4.110   18.565  1.00 18.57 ? 314 HOH A O   1 
HETATM 981  O O   . HOH G 4 .   ? -6.898  -12.687 3.478   1.00 26.09 ? 315 HOH A O   1 
HETATM 982  O O   . HOH G 4 .   ? -11.712 -4.261  -4.984  1.00 25.29 ? 316 HOH A O   1 
HETATM 983  O O   . HOH G 4 .   ? 7.273   11.916  2.513   1.00 26.63 ? 317 HOH A O   1 
HETATM 984  O O   . HOH G 4 .   ? 9.898   1.507   6.448   1.00 25.85 ? 318 HOH A O   1 
HETATM 985  O O   . HOH G 4 .   ? -0.452  3.864   16.202  1.00 21.28 ? 319 HOH A O   1 
HETATM 986  O O   . HOH G 4 .   ? -10.224 -11.428 14.135  1.00 35.80 ? 320 HOH A O   1 
HETATM 987  O O   . HOH G 4 .   ? -3.798  13.890  2.832   1.00 33.16 ? 321 HOH A O   1 
HETATM 988  O O   . HOH G 4 .   ? 1.911   13.785  10.972  1.00 30.19 ? 322 HOH A O   1 
HETATM 989  O O   . HOH G 4 .   ? -0.824  -5.792  -6.328  1.00 23.35 ? 323 HOH A O   1 
HETATM 990  O O   . HOH G 4 .   ? -0.155  -9.175  -3.343  1.00 15.43 ? 324 HOH A O   1 
HETATM 991  O O   . HOH G 4 .   ? -4.101  -11.369 -4.634  1.00 31.44 ? 325 HOH A O   1 
HETATM 992  O O   . HOH G 4 .   ? -8.007  8.586   1.705   1.00 28.71 ? 326 HOH A O   1 
HETATM 993  O O   . HOH G 4 .   ? 15.417  -4.824  -3.242  1.00 20.56 ? 327 HOH A O   1 
HETATM 994  O O   . HOH G 4 .   ? -0.966  6.464   14.873  1.00 21.15 ? 328 HOH A O   1 
HETATM 995  O O   . HOH G 4 .   ? 1.359   12.057  -4.131  1.00 27.33 ? 329 HOH A O   1 
HETATM 996  O O   . HOH G 4 .   ? 3.113   1.690   -15.914 1.00 18.28 ? 330 HOH A O   1 
HETATM 997  O O   . HOH G 4 .   ? -15.337 -5.877  14.981  1.00 19.80 ? 331 HOH A O   1 
HETATM 998  O O   . HOH G 4 .   ? -1.636  12.959  10.110  1.00 25.55 ? 332 HOH A O   1 
HETATM 999  O O   . HOH G 4 .   ? 7.780   12.911  -17.549 1.00 28.10 ? 333 HOH A O   1 
HETATM 1000 O O   . HOH G 4 .   ? 6.354   -11.501 10.392  1.00 33.87 ? 334 HOH A O   1 
HETATM 1001 O O   . HOH G 4 .   ? -10.027 2.023   -1.278  1.00 26.13 ? 335 HOH A O   1 
HETATM 1002 O O   . HOH G 4 .   ? -8.673  11.330  2.781   1.00 43.28 ? 336 HOH A O   1 
HETATM 1003 O O   . HOH G 4 .   ? 12.680  6.698   4.507   1.00 26.98 ? 337 HOH A O   1 
HETATM 1004 O O   . HOH G 4 .   ? 10.918  -0.199  -20.654 1.00 24.34 ? 338 HOH A O   1 
HETATM 1005 O O   . HOH G 4 .   ? 2.527   -12.328 6.729   1.00 27.04 ? 339 HOH A O   1 
HETATM 1006 O O   . HOH G 4 .   ? -16.111 -6.214  8.576   1.00 26.56 ? 340 HOH A O   1 
HETATM 1007 O O   . HOH G 4 .   ? 5.360   12.822  8.853   1.00 35.77 ? 341 HOH A O   1 
HETATM 1008 O O   . HOH G 4 .   ? 9.876   14.731  -17.234 1.00 34.86 ? 342 HOH A O   1 
HETATM 1009 O O   . HOH G 4 .   ? 12.157  4.137   -8.759  1.00 33.58 ? 343 HOH A O   1 
HETATM 1010 O O   . HOH G 4 .   ? -13.351 6.207   3.899   1.00 37.07 ? 344 HOH A O   1 
HETATM 1011 O O   . HOH G 4 .   ? -16.231 -4.024  7.005   1.00 26.21 ? 345 HOH A O   1 
HETATM 1012 O O   . HOH G 4 .   ? -6.131  -11.085 -0.287  1.00 25.96 ? 346 HOH A O   1 
HETATM 1013 O O   . HOH G 4 .   ? -5.100  -16.179 2.168   1.00 33.97 ? 347 HOH A O   1 
HETATM 1014 O O   . HOH G 4 .   ? -5.990  4.179   -8.517  1.00 23.78 ? 348 HOH A O   1 
HETATM 1015 O O   . HOH G 4 .   ? -3.561  -10.718 13.919  1.00 37.93 ? 349 HOH A O   1 
HETATM 1016 O O   . HOH G 4 .   ? -0.385  -14.522 7.194   1.00 39.25 ? 350 HOH A O   1 
HETATM 1017 O O   . HOH G 4 .   ? 10.278  4.493   7.054   1.00 39.48 ? 351 HOH A O   1 
HETATM 1018 O O   . HOH G 4 .   ? 5.247   13.862  -17.190 1.00 38.78 ? 352 HOH A O   1 
HETATM 1019 O O   . HOH G 4 .   ? -0.770  -17.539 3.067   1.00 36.98 ? 353 HOH A O   1 
HETATM 1020 O O   . HOH G 4 .   ? 12.225  -4.569  9.994   1.00 44.02 ? 354 HOH A O   1 
HETATM 1021 O O   . HOH G 4 .   ? -18.218 -3.698  3.036   1.00 42.25 ? 355 HOH A O   1 
HETATM 1022 O O   . HOH G 4 .   ? 13.323  -0.658  -22.306 1.00 28.87 ? 356 HOH A O   1 
HETATM 1023 O O   . HOH G 4 .   ? 2.384   -15.387 -18.400 1.00 35.56 ? 357 HOH A O   1 
HETATM 1024 O O   . HOH G 4 .   ? 10.024  10.925  1.901   1.00 30.84 ? 358 HOH A O   1 
HETATM 1025 O O   . HOH G 4 .   ? -12.313 8.826   3.808   1.00 39.76 ? 359 HOH A O   1 
HETATM 1026 O O   . HOH G 4 .   ? -13.153 4.756   1.396   1.00 41.73 ? 360 HOH A O   1 
HETATM 1027 O O   . HOH G 4 .   ? 2.335   14.536  -4.441  1.00 42.44 ? 361 HOH A O   1 
HETATM 1028 O O   . HOH G 4 .   ? 2.834   16.813  2.817   1.00 37.65 ? 362 HOH A O   1 
HETATM 1029 O O   . HOH G 4 .   ? -1.441  15.043  8.288   1.00 42.56 ? 363 HOH A O   1 
HETATM 1030 O O   . HOH G 4 .   ? 3.824   12.932  -0.226  1.00 38.76 ? 364 HOH A O   1 
HETATM 1031 O O   . HOH G 4 .   ? -7.648  -15.278 4.286   1.00 43.21 ? 365 HOH A O   1 
HETATM 1032 O O   . HOH G 4 .   ? 17.392  0.485   -26.665 1.00 35.88 ? 366 HOH A O   1 
HETATM 1033 O O   . HOH G 4 .   ? 15.258  4.581   -27.978 1.00 44.14 ? 367 HOH A O   1 
HETATM 1034 O O   . HOH G 4 .   ? -11.448 4.696   -3.337  1.00 27.63 ? 368 HOH A O   1 
HETATM 1035 O O   . HOH G 4 .   ? 1.074   7.700   13.220  1.00 25.65 ? 369 HOH A O   1 
HETATM 1036 O O   . HOH G 4 .   ? 13.889  1.169   -24.897 1.00 27.44 ? 370 HOH A O   1 
HETATM 1037 O O   . HOH G 4 .   ? 7.612   8.545   -5.303  1.00 21.37 ? 371 HOH A O   1 
HETATM 1038 O O   . HOH G 4 .   ? 14.017  5.882   -25.453 1.00 22.49 ? 372 HOH A O   1 
HETATM 1039 O O   . HOH G 4 .   ? 5.819   15.472  -9.866  1.00 42.47 ? 373 HOH A O   1 
HETATM 1040 O O   . HOH G 4 .   ? -9.018  2.694   0.971   1.00 31.64 ? 374 HOH A O   1 
HETATM 1041 O O   . HOH G 4 .   ? -14.171 -3.313  5.193   1.00 21.88 ? 375 HOH A O   1 
HETATM 1042 O O   . HOH G 4 .   ? -15.508 -3.153  2.667   1.00 24.25 ? 376 HOH A O   1 
HETATM 1043 O O   . HOH G 4 .   ? 4.832   -12.392 4.686   1.00 32.94 ? 377 HOH A O   1 
HETATM 1044 O O   . HOH G 4 .   ? 13.417  -9.185  2.218   1.00 32.72 ? 378 HOH A O   1 
HETATM 1045 O O   . HOH G 4 .   ? 12.346  -7.316  -4.791  1.00 22.66 ? 379 HOH A O   1 
HETATM 1046 O O   . HOH G 4 .   ? -9.638  -15.655 6.925   1.00 47.11 ? 380 HOH A O   1 
HETATM 1047 O O   . HOH G 4 .   ? -1.383  12.938  -10.854 1.00 35.68 ? 381 HOH A O   1 
HETATM 1048 O O   . HOH G 4 .   ? -8.279  -11.274 1.032   1.00 23.28 ? 382 HOH A O   1 
HETATM 1049 O O   . HOH G 4 .   ? -14.786 -12.911 8.135   1.00 41.56 ? 383 HOH A O   1 
HETATM 1050 O O   . HOH G 4 .   ? 15.510  5.089   -16.343 1.00 24.45 ? 384 HOH A O   1 
HETATM 1051 O O   . HOH G 4 .   ? -15.007 -8.350  6.467   1.00 40.08 ? 385 HOH A O   1 
HETATM 1052 O O   . HOH G 4 .   ? -7.452  -6.802  -5.778  1.00 28.28 ? 386 HOH A O   1 
HETATM 1053 O O   . HOH G 4 .   ? 3.564   -9.062  -0.790  1.00 22.00 ? 387 HOH A O   1 
HETATM 1054 O O   . HOH G 4 .   ? -0.170  11.180  2.128   1.00 25.33 ? 388 HOH A O   1 
HETATM 1055 O O   . HOH G 4 .   ? -1.618  -10.442 -5.309  1.00 21.97 ? 389 HOH A O   1 
HETATM 1056 O O   . HOH G 4 .   ? -5.898  -13.520 -1.034  1.00 37.55 ? 390 HOH A O   1 
HETATM 1057 O O   . HOH G 4 .   ? 2.460   2.943   -18.480 1.00 31.53 ? 391 HOH A O   1 
HETATM 1058 O O   . HOH G 4 .   ? -1.922  8.169   -9.865  1.00 32.88 ? 392 HOH A O   1 
HETATM 1059 O O   . HOH G 4 .   ? 19.727  -10.939 -28.043 1.00 41.65 ? 393 HOH A O   1 
HETATM 1060 O O   . HOH G 4 .   ? -6.922  12.743  5.487   1.00 35.68 ? 394 HOH A O   1 
HETATM 1061 O O   . HOH G 4 .   ? 5.513   -1.501  15.318  1.00 30.78 ? 395 HOH A O   1 
HETATM 1062 O O   . HOH G 4 .   ? -14.836 -4.106  -4.580  1.00 43.97 ? 396 HOH A O   1 
HETATM 1063 O O   . HOH G 4 .   ? -15.914 -11.862 -1.835  1.00 38.48 ? 397 HOH A O   1 
HETATM 1064 O O   . HOH G 4 .   ? -12.723 -11.927 -2.458  1.00 40.94 ? 398 HOH A O   1 
HETATM 1065 O O   . HOH G 4 .   ? 6.279   -4.564  18.036  1.00 33.81 ? 399 HOH A O   1 
HETATM 1066 O O   . HOH G 4 .   ? 14.745  -3.613  -25.162 1.00 41.69 ? 400 HOH A O   1 
HETATM 1067 O O   . HOH G 4 .   ? -15.058 -7.065  17.673  1.00 34.37 ? 401 HOH A O   1 
HETATM 1068 O O   . HOH G 4 .   ? -3.441  -7.832  -7.525  1.00 32.21 ? 402 HOH A O   1 
# 
